data_9HBC
#
_entry.id   9HBC
#
_cell.length_a   74.936
_cell.length_b   130.133
_cell.length_c   209.137
_cell.angle_alpha   90.000
_cell.angle_beta   90.000
_cell.angle_gamma   90.000
#
_symmetry.space_group_name_H-M   'P 21 21 21'
#
loop_
_entity.id
_entity.type
_entity.pdbx_description
1 polymer 'MoFe nitrogenase subunit D'
2 polymer 'Nitrogenase molybdenum-iron protein beta chain'
3 non-polymer '3-HYDROXY-3-CARBOXY-ADIPIC ACID'
4 non-polymer 'iron-sulfur-molybdenum cluster with interstitial carbon'
5 non-polymer 'FE(8)-S(7) CLUSTER'
6 non-polymer 2-AMINO-2-HYDROXYMETHYL-PROPANE-1,3-DIOL
7 non-polymer 1,2-ETHANEDIOL
8 non-polymer 'MAGNESIUM ION'
9 water water
#
loop_
_entity_poly.entity_id
_entity_poly.type
_entity_poly.pdbx_seq_one_letter_code
_entity_poly.pdbx_strand_id
1 'polypeptide(L)'
;MSTASWSHPQFEKMTREETQALIQEVLEVYPEKARKDRAKHLAVNDPSIEQSKKCITSNRKSLPGVMTVRGCAYAGSKGV
VWGPIKDMIHISHGPVGCGQYSRAGRRNYYTGTTGVNTFGTMNFTSDFQEKDIVFGGDKKLAKIIDEIETLFPLNKGISV
QSECPIGLIGDDIEAVAKKASKEIGKPVVPVRCEGFRGVSQSLGHHIANDAIRDWVLDKRDGQSFESTPYDVAIIGDYNI
GGDAWSSRILLEEMGLRVVAQWSGDGTLAEMENTPKVKLNLLHCYRSMNYISRHMEEKYGIPWMEYNFFGPTKIAESLRK
IAAHFDDTIQENAERVIAKYQPMMEAVIAKYRPRLEGKKVMLYVGGLRPRHVIGAYEDLGMEVVGTGYEFAHNDDYDRTI
KELGDATLLYDDVTGYELEEFVKRLKPDLIGSGIKEKYIFQKMGIPFRQMHSWDYSGPYHGYDGFAIFARDMDMTLNNPC
WNKLTPPWKKT
;
A,C
2 'polypeptide(L)'
;MSQQVDKIKASYPLFLDQDYKDMLAKKRDGFEEKYPQDKIDEVFQWTTTKEYQELNFQREALTVNPAKACQPLGAVLCAL
GFEKTMPYVHGSQGCVAYFRSYFNRHFREPVSCVSDSMTEDAAVFGGQQNMKDGLQNCKATYKPDMIAVSTTCMAEVIGD
DLNAFINNSKKEGFIPDEFPVPFAHTPSFVGSHVTGWDNMFEGIARYFTLKSMDDKVVGSNKKINIVPGFETYLGNFRVI
KRMLSEMGVGYSLLSDPEEVLDTPADGQFRMYAGGTTQEEMKDAPNALNTVLLQPWHLEKTKKFVEGTWKHEVPKLNIPM
GLDWTDEFLMKVSEISGQPIPASLTKERGRLVDMMTDSHTWLHGKRFALWGDPDFVMGLVKFLLELGCEPVHILCHNGNK
RWKKAVDAILAASPYGKNATVYIGKDLWHLRSLVFTDKPDFMIGNSYGKFIQRDTLHKGKEFEVPLIRIGFPIFDRHHLH
RSTTLGYEGAMQILTTLVNSILERLDEETRGMQATDYNHDLVR
;
B,D
#
# COMPACT_ATOMS: atom_id res chain seq x y z
N LYS A 13 20.70 3.54 42.03
CA LYS A 13 20.31 2.46 42.99
C LYS A 13 19.78 3.09 44.27
N MET A 14 18.66 2.59 44.79
CA MET A 14 17.97 3.22 45.89
C MET A 14 18.01 2.33 47.13
N THR A 15 18.07 2.97 48.30
CA THR A 15 18.07 2.26 49.58
C THR A 15 16.64 1.87 49.88
N ARG A 16 16.45 0.85 50.73
CA ARG A 16 15.14 0.46 51.20
C ARG A 16 14.38 1.68 51.71
N GLU A 17 15.11 2.58 52.39
CA GLU A 17 14.51 3.72 53.07
C GLU A 17 13.95 4.71 52.04
N GLU A 18 14.73 4.95 50.97
CA GLU A 18 14.34 5.80 49.85
C GLU A 18 13.13 5.23 49.11
N THR A 19 13.17 3.92 48.83
CA THR A 19 12.06 3.23 48.19
C THR A 19 10.83 3.37 49.06
N GLN A 20 11.01 3.22 50.38
CA GLN A 20 9.88 3.28 51.30
C GLN A 20 9.35 4.72 51.34
N ALA A 21 10.24 5.71 51.23
CA ALA A 21 9.84 7.11 51.13
C ALA A 21 9.15 7.40 49.80
N LEU A 22 9.52 6.68 48.74
CA LEU A 22 8.86 6.81 47.45
C LEU A 22 7.42 6.35 47.58
N ILE A 23 7.25 5.19 48.20
CA ILE A 23 5.92 4.65 48.41
C ILE A 23 5.05 5.66 49.17
N GLN A 24 5.59 6.24 50.26
CA GLN A 24 4.84 7.18 51.08
C GLN A 24 4.44 8.41 50.27
N GLU A 25 5.37 8.95 49.47
CA GLU A 25 5.12 10.12 48.64
C GLU A 25 3.99 9.86 47.66
N VAL A 26 4.03 8.70 46.99
CA VAL A 26 3.07 8.34 45.95
C VAL A 26 1.68 8.20 46.56
N LEU A 27 1.60 7.66 47.77
CA LEU A 27 0.32 7.41 48.42
C LEU A 27 -0.33 8.70 48.86
N GLU A 28 0.42 9.81 48.91
CA GLU A 28 -0.12 11.09 49.32
C GLU A 28 -1.28 11.50 48.42
N VAL A 29 -1.36 10.95 47.20
CA VAL A 29 -2.28 11.47 46.20
C VAL A 29 -3.71 11.06 46.54
N TYR A 30 -3.86 9.93 47.26
CA TYR A 30 -5.14 9.26 47.41
C TYR A 30 -5.95 9.82 48.57
N PRO A 31 -7.30 9.72 48.54
CA PRO A 31 -8.09 9.91 49.76
C PRO A 31 -7.73 8.84 50.79
N GLU A 32 -8.09 9.09 52.06
CA GLU A 32 -7.59 8.30 53.18
C GLU A 32 -7.92 6.84 53.02
N LYS A 33 -9.17 6.55 52.65
CA LYS A 33 -9.61 5.16 52.52
C LYS A 33 -8.73 4.42 51.52
N ALA A 34 -8.58 5.00 50.33
CA ALA A 34 -7.78 4.44 49.26
C ALA A 34 -6.33 4.27 49.72
N ARG A 35 -5.79 5.32 50.35
CA ARG A 35 -4.41 5.32 50.83
C ARG A 35 -4.17 4.13 51.76
N LYS A 36 -5.08 3.92 52.72
CA LYS A 36 -4.89 2.93 53.76
C LYS A 36 -4.83 1.55 53.08
N ASP A 37 -5.74 1.32 52.12
CA ASP A 37 -5.77 0.11 51.32
C ASP A 37 -4.49 -0.05 50.52
N ARG A 38 -4.14 0.95 49.69
CA ARG A 38 -3.03 0.79 48.77
C ARG A 38 -1.72 0.59 49.53
N ALA A 39 -1.62 1.14 50.74
CA ALA A 39 -0.39 1.02 51.52
C ALA A 39 -0.05 -0.46 51.76
N LYS A 40 -1.06 -1.34 51.77
CA LYS A 40 -0.87 -2.77 52.01
C LYS A 40 -0.39 -3.55 50.78
N HIS A 41 -0.38 -2.93 49.59
CA HIS A 41 -0.13 -3.63 48.33
C HIS A 41 1.20 -3.19 47.73
N LEU A 42 1.96 -2.38 48.48
CA LEU A 42 3.24 -1.88 48.03
C LEU A 42 4.27 -2.22 49.10
N ALA A 43 5.40 -2.80 48.68
CA ALA A 43 6.39 -3.28 49.63
C ALA A 43 7.78 -3.16 49.05
N VAL A 44 8.77 -3.31 49.90
CA VAL A 44 10.15 -3.48 49.50
C VAL A 44 10.58 -4.85 49.98
N ASN A 45 11.18 -5.63 49.06
CA ASN A 45 11.62 -6.98 49.35
C ASN A 45 12.65 -6.97 50.48
N ASP A 46 12.50 -7.92 51.40
CA ASP A 46 13.49 -8.14 52.43
C ASP A 46 13.52 -9.63 52.71
N PRO A 47 14.46 -10.41 52.13
CA PRO A 47 14.43 -11.87 52.24
C PRO A 47 14.80 -12.40 53.62
N SER A 48 15.42 -11.54 54.45
CA SER A 48 15.62 -11.84 55.86
C SER A 48 14.40 -11.38 56.65
N ILE A 49 13.21 -11.83 56.21
CA ILE A 49 11.93 -11.39 56.79
C ILE A 49 11.30 -12.60 57.47
N GLU A 50 9.98 -12.55 57.67
CA GLU A 50 9.26 -13.48 58.51
C GLU A 50 8.93 -14.71 57.67
N GLN A 51 8.77 -15.84 58.36
CA GLN A 51 8.45 -17.10 57.72
C GLN A 51 6.99 -17.11 57.28
N SER A 52 6.09 -16.64 58.15
CA SER A 52 4.67 -16.87 58.03
C SER A 52 3.93 -15.57 57.69
N LYS A 53 4.49 -14.43 58.10
CA LYS A 53 3.88 -13.12 57.84
C LYS A 53 4.05 -12.76 56.37
N LYS A 54 2.95 -12.36 55.73
CA LYS A 54 2.98 -11.90 54.34
C LYS A 54 3.75 -10.58 54.27
N CYS A 55 4.50 -10.39 53.17
CA CYS A 55 5.24 -9.16 52.89
C CYS A 55 4.35 -8.08 52.25
N ILE A 56 3.18 -8.51 51.77
CA ILE A 56 2.32 -7.72 50.91
C ILE A 56 0.94 -8.36 50.95
N THR A 57 -0.09 -7.54 50.83
CA THR A 57 -1.45 -8.02 50.63
C THR A 57 -1.71 -8.25 49.13
N SER A 58 -2.57 -9.23 48.83
CA SER A 58 -2.83 -9.62 47.44
C SER A 58 -4.23 -10.19 47.29
N ASN A 59 -4.67 -10.34 46.03
CA ASN A 59 -5.93 -10.95 45.69
C ASN A 59 -7.08 -10.35 46.48
N ARG A 60 -7.09 -9.01 46.58
CA ARG A 60 -8.22 -8.29 47.16
C ARG A 60 -8.90 -7.47 46.07
N LYS A 61 -10.12 -7.03 46.34
CA LYS A 61 -10.90 -6.19 45.44
C LYS A 61 -10.07 -4.98 45.02
N SER A 62 -10.23 -4.55 43.76
CA SER A 62 -9.61 -3.32 43.30
C SER A 62 -10.39 -2.14 43.87
N LEU A 63 -9.71 -1.04 44.15
CA LEU A 63 -10.39 0.19 44.52
C LEU A 63 -11.11 0.79 43.31
N PRO A 64 -12.30 1.39 43.50
CA PRO A 64 -12.97 2.08 42.41
C PRO A 64 -12.16 3.29 41.95
N GLY A 65 -12.13 3.51 40.64
CA GLY A 65 -11.75 4.80 40.09
C GLY A 65 -10.24 5.01 39.94
N VAL A 66 -9.41 3.99 40.26
CA VAL A 66 -7.97 4.18 40.34
C VAL A 66 -7.21 3.64 39.11
N MET A 67 -7.93 3.09 38.12
CA MET A 67 -7.33 2.64 36.85
C MET A 67 -6.45 1.42 37.09
N THR A 68 -7.04 0.33 37.61
CA THR A 68 -6.33 -0.95 37.69
C THR A 68 -6.05 -1.44 36.26
N VAL A 69 -5.01 -2.26 36.11
CA VAL A 69 -4.70 -2.93 34.86
C VAL A 69 -5.51 -4.23 34.74
N ARG A 70 -6.17 -4.64 35.83
CA ARG A 70 -6.81 -5.94 35.88
C ARG A 70 -8.01 -6.07 34.95
N GLY A 71 -8.23 -7.32 34.51
CA GLY A 71 -9.44 -7.76 33.83
C GLY A 71 -10.39 -8.55 34.74
N CYS A 72 -11.23 -9.38 34.12
CA CYS A 72 -12.34 -10.05 34.77
C CYS A 72 -12.24 -11.58 34.68
N ALA A 73 -13.17 -12.25 35.36
CA ALA A 73 -13.15 -13.70 35.46
C ALA A 73 -13.37 -14.34 34.08
N TYR A 74 -14.12 -13.68 33.19
CA TYR A 74 -14.32 -14.14 31.81
C TYR A 74 -12.98 -14.20 31.07
N ALA A 75 -12.16 -13.17 31.25
CA ALA A 75 -10.83 -13.15 30.66
C ALA A 75 -10.03 -14.37 31.13
N GLY A 76 -10.10 -14.69 32.43
CA GLY A 76 -9.28 -15.78 32.94
C GLY A 76 -9.85 -17.16 32.53
N SER A 77 -11.15 -17.23 32.29
CA SER A 77 -11.78 -18.46 31.87
C SER A 77 -11.69 -18.59 30.34
N LYS A 78 -12.39 -17.70 29.63
CA LYS A 78 -12.49 -17.79 28.17
C LYS A 78 -11.17 -17.38 27.52
N GLY A 79 -10.68 -16.18 27.85
CA GLY A 79 -9.44 -15.67 27.30
C GLY A 79 -8.22 -16.55 27.58
N VAL A 80 -8.14 -17.16 28.78
CA VAL A 80 -6.88 -17.75 29.20
C VAL A 80 -6.87 -19.28 29.12
N VAL A 81 -7.79 -19.91 29.87
CA VAL A 81 -7.78 -21.36 30.05
C VAL A 81 -8.48 -22.09 28.90
N TRP A 82 -9.74 -21.74 28.60
CA TRP A 82 -10.56 -22.45 27.61
C TRP A 82 -10.24 -22.07 26.16
N GLY A 83 -10.13 -20.77 25.85
CA GLY A 83 -9.97 -20.26 24.49
C GLY A 83 -8.96 -21.02 23.64
N PRO A 84 -7.76 -21.32 24.18
CA PRO A 84 -6.74 -22.07 23.47
C PRO A 84 -7.06 -23.50 23.04
N ILE A 85 -8.05 -24.16 23.67
CA ILE A 85 -8.39 -25.52 23.30
C ILE A 85 -8.92 -25.46 21.87
N LYS A 86 -8.16 -26.05 20.92
CA LYS A 86 -8.31 -25.66 19.52
C LYS A 86 -9.50 -26.33 18.83
N ASP A 87 -9.89 -27.55 19.26
CA ASP A 87 -10.91 -28.34 18.57
C ASP A 87 -12.27 -28.28 19.24
N MET A 88 -12.43 -27.40 20.23
CA MET A 88 -13.75 -27.15 20.77
C MET A 88 -14.22 -25.75 20.38
N ILE A 89 -15.53 -25.56 20.43
CA ILE A 89 -16.10 -24.28 20.13
C ILE A 89 -16.51 -23.64 21.45
N HIS A 90 -16.00 -22.42 21.68
CA HIS A 90 -16.26 -21.69 22.91
C HIS A 90 -17.24 -20.57 22.61
N ILE A 91 -18.43 -20.62 23.21
CA ILE A 91 -19.43 -19.60 23.04
C ILE A 91 -19.25 -18.48 24.07
N SER A 92 -19.03 -17.24 23.63
CA SER A 92 -19.14 -16.10 24.51
C SER A 92 -20.60 -15.73 24.69
N HIS A 93 -21.11 -15.99 25.90
CA HIS A 93 -22.53 -16.06 26.15
C HIS A 93 -22.99 -14.80 26.87
N GLY A 94 -23.66 -13.93 26.12
CA GLY A 94 -24.00 -12.61 26.59
C GLY A 94 -23.98 -11.61 25.44
N PRO A 95 -23.88 -10.31 25.76
CA PRO A 95 -23.81 -9.27 24.73
C PRO A 95 -22.45 -9.33 24.03
N VAL A 96 -22.28 -8.53 22.98
CA VAL A 96 -21.31 -8.81 21.92
C VAL A 96 -19.90 -8.35 22.29
N GLY A 97 -19.79 -7.47 23.26
CA GLY A 97 -18.51 -6.86 23.59
C GLY A 97 -17.42 -7.88 23.90
N CYS A 98 -17.63 -8.72 24.92
CA CYS A 98 -16.53 -9.45 25.55
C CYS A 98 -15.81 -10.31 24.49
N GLY A 99 -16.59 -10.97 23.64
CA GLY A 99 -16.00 -11.87 22.66
C GLY A 99 -15.23 -11.12 21.58
N GLN A 100 -15.69 -9.92 21.26
CA GLN A 100 -15.06 -9.16 20.19
C GLN A 100 -13.71 -8.63 20.68
N TYR A 101 -13.63 -8.12 21.91
CA TYR A 101 -12.41 -7.50 22.39
C TYR A 101 -11.41 -8.61 22.61
N SER A 102 -11.89 -9.81 22.95
CA SER A 102 -10.98 -10.91 23.28
C SER A 102 -10.67 -11.76 22.05
N ARG A 103 -11.23 -11.42 20.87
CA ARG A 103 -11.02 -12.20 19.65
C ARG A 103 -9.57 -12.09 19.17
N ALA A 104 -8.84 -13.20 19.27
CA ALA A 104 -7.50 -13.35 18.74
C ALA A 104 -6.52 -12.30 19.27
N GLY A 105 -6.76 -11.79 20.49
CA GLY A 105 -5.86 -10.80 21.10
C GLY A 105 -4.69 -11.43 21.86
N ARG A 106 -4.85 -12.71 22.20
CA ARG A 106 -3.83 -13.50 22.86
C ARG A 106 -3.28 -14.51 21.88
N ARG A 107 -1.95 -14.56 21.77
CA ARG A 107 -1.28 -15.39 20.79
C ARG A 107 -1.07 -16.82 21.30
N ASN A 108 -2.17 -17.47 21.68
CA ASN A 108 -2.14 -18.88 22.12
C ASN A 108 -2.13 -19.77 20.88
N TYR A 109 -0.96 -20.06 20.36
CA TYR A 109 -0.82 -20.61 19.02
C TYR A 109 -1.30 -22.06 18.95
N TYR A 110 -1.78 -22.42 17.75
CA TYR A 110 -2.24 -23.78 17.49
C TYR A 110 -2.06 -24.14 16.00
N THR A 111 -2.11 -25.45 15.73
CA THR A 111 -2.10 -26.03 14.39
C THR A 111 -3.49 -26.53 14.07
N GLY A 112 -4.08 -26.03 12.99
CA GLY A 112 -5.39 -26.50 12.59
C GLY A 112 -5.86 -25.85 11.30
N THR A 113 -7.05 -26.29 10.87
CA THR A 113 -7.78 -25.73 9.75
C THR A 113 -8.97 -24.98 10.33
N THR A 114 -8.82 -23.68 10.48
CA THR A 114 -9.75 -22.91 11.28
C THR A 114 -11.06 -22.72 10.52
N GLY A 115 -12.17 -22.96 11.21
CA GLY A 115 -13.48 -22.97 10.61
C GLY A 115 -13.95 -24.39 10.28
N VAL A 116 -13.02 -25.35 10.27
CA VAL A 116 -13.31 -26.73 9.91
C VAL A 116 -13.06 -27.67 11.09
N ASN A 117 -11.80 -27.85 11.52
CA ASN A 117 -11.53 -28.72 12.66
C ASN A 117 -11.02 -27.92 13.86
N THR A 118 -10.62 -26.66 13.70
CA THR A 118 -10.23 -25.83 14.83
C THR A 118 -10.99 -24.51 14.74
N PHE A 119 -11.04 -23.77 15.86
CA PHE A 119 -11.96 -22.63 15.97
C PHE A 119 -11.41 -21.46 16.80
N GLY A 120 -10.10 -21.47 17.10
CA GLY A 120 -9.50 -20.64 18.14
C GLY A 120 -9.55 -19.15 17.86
N THR A 121 -9.32 -18.72 16.61
CA THR A 121 -9.31 -17.30 16.26
C THR A 121 -10.70 -16.80 15.89
N MET A 122 -11.75 -17.65 16.00
CA MET A 122 -13.11 -17.22 15.70
C MET A 122 -13.79 -16.69 16.95
N ASN A 123 -14.83 -15.89 16.74
CA ASN A 123 -15.67 -15.39 17.82
C ASN A 123 -17.09 -15.95 17.68
N PHE A 124 -17.43 -16.98 18.48
CA PHE A 124 -18.81 -17.44 18.60
C PHE A 124 -19.46 -16.75 19.79
N THR A 125 -20.67 -16.19 19.58
CA THR A 125 -21.35 -15.42 20.61
C THR A 125 -22.88 -15.53 20.46
N SER A 126 -23.60 -15.34 21.58
CA SER A 126 -25.06 -15.33 21.57
C SER A 126 -25.58 -13.92 21.41
N ASP A 127 -24.66 -12.95 21.32
CA ASP A 127 -24.98 -11.58 20.98
C ASP A 127 -26.31 -11.15 21.60
N PHE A 128 -26.37 -11.11 22.94
CA PHE A 128 -27.59 -10.79 23.65
C PHE A 128 -28.13 -9.42 23.24
N GLN A 129 -29.45 -9.41 22.98
CA GLN A 129 -30.24 -8.22 22.78
C GLN A 129 -31.12 -8.02 24.02
N GLU A 130 -31.86 -6.91 24.06
CA GLU A 130 -32.68 -6.62 25.23
C GLU A 130 -33.68 -7.74 25.53
N LYS A 131 -34.29 -8.33 24.50
CA LYS A 131 -35.23 -9.43 24.63
C LYS A 131 -34.61 -10.57 25.44
N ASP A 132 -33.31 -10.79 25.27
CA ASP A 132 -32.61 -11.89 25.92
C ASP A 132 -32.36 -11.56 27.38
N ILE A 133 -32.25 -10.25 27.71
CA ILE A 133 -32.08 -9.81 29.09
C ILE A 133 -33.40 -10.07 29.82
N VAL A 134 -34.49 -9.55 29.25
CA VAL A 134 -35.80 -9.62 29.85
C VAL A 134 -36.29 -11.07 29.94
N PHE A 135 -36.24 -11.85 28.85
CA PHE A 135 -36.90 -13.15 28.82
C PHE A 135 -35.91 -14.27 29.12
N GLY A 136 -34.61 -13.97 29.19
CA GLY A 136 -33.61 -14.99 29.45
C GLY A 136 -33.11 -15.60 28.15
N GLY A 137 -31.95 -16.25 28.22
CA GLY A 137 -31.21 -16.65 27.03
C GLY A 137 -31.05 -18.16 26.90
N ASP A 138 -31.78 -18.93 27.73
CA ASP A 138 -31.63 -20.38 27.73
C ASP A 138 -32.11 -20.99 26.41
N LYS A 139 -33.22 -20.49 25.88
CA LYS A 139 -33.80 -20.97 24.62
C LYS A 139 -32.86 -20.63 23.47
N LYS A 140 -32.41 -19.37 23.44
CA LYS A 140 -31.38 -18.96 22.51
C LYS A 140 -30.16 -19.91 22.57
N LEU A 141 -29.71 -20.25 23.79
CA LEU A 141 -28.51 -21.07 23.92
C LEU A 141 -28.73 -22.47 23.31
N ALA A 142 -29.94 -23.01 23.48
CA ALA A 142 -30.25 -24.36 23.02
C ALA A 142 -30.19 -24.45 21.49
N LYS A 143 -30.78 -23.44 20.84
CA LYS A 143 -30.81 -23.30 19.39
C LYS A 143 -29.40 -23.11 18.84
N ILE A 144 -28.58 -22.34 19.57
CA ILE A 144 -27.22 -22.05 19.16
C ILE A 144 -26.45 -23.36 19.02
N ILE A 145 -26.60 -24.27 20.00
CA ILE A 145 -25.87 -25.53 19.99
C ILE A 145 -26.28 -26.37 18.76
N ASP A 146 -27.57 -26.34 18.42
CA ASP A 146 -28.05 -26.99 17.19
C ASP A 146 -27.35 -26.42 15.96
N GLU A 147 -27.39 -25.08 15.85
CA GLU A 147 -26.84 -24.35 14.73
C GLU A 147 -25.33 -24.62 14.63
N ILE A 148 -24.67 -24.79 15.78
CA ILE A 148 -23.24 -25.09 15.77
C ILE A 148 -23.01 -26.47 15.17
N GLU A 149 -23.89 -27.43 15.52
CA GLU A 149 -23.72 -28.80 15.07
C GLU A 149 -23.90 -28.88 13.55
N THR A 150 -24.84 -28.10 13.02
CA THR A 150 -25.09 -28.03 11.59
C THR A 150 -23.86 -27.52 10.84
N LEU A 151 -23.26 -26.43 11.36
CA LEU A 151 -22.36 -25.60 10.57
C LEU A 151 -20.90 -25.92 10.82
N PHE A 152 -20.62 -26.62 11.94
CA PHE A 152 -19.25 -26.93 12.32
C PHE A 152 -19.20 -28.36 12.83
N PRO A 153 -19.59 -29.34 11.98
CA PRO A 153 -19.75 -30.71 12.42
C PRO A 153 -18.53 -31.44 12.95
N LEU A 154 -17.31 -30.92 12.72
CA LEU A 154 -16.11 -31.58 13.21
C LEU A 154 -15.68 -31.11 14.61
N ASN A 155 -16.48 -30.24 15.24
CA ASN A 155 -16.16 -29.79 16.58
C ASN A 155 -16.26 -31.00 17.50
N LYS A 156 -15.26 -31.14 18.39
CA LYS A 156 -15.22 -32.19 19.41
C LYS A 156 -16.06 -31.87 20.63
N GLY A 157 -16.62 -30.65 20.73
CA GLY A 157 -17.40 -30.27 21.89
C GLY A 157 -17.55 -28.75 22.02
N ILE A 158 -18.27 -28.30 23.05
CA ILE A 158 -18.65 -26.91 23.19
C ILE A 158 -18.46 -26.44 24.62
N SER A 159 -17.94 -25.21 24.79
CA SER A 159 -17.93 -24.55 26.09
C SER A 159 -18.84 -23.34 26.05
N VAL A 160 -19.39 -23.00 27.22
CA VAL A 160 -20.30 -21.88 27.32
C VAL A 160 -19.71 -20.92 28.34
N GLN A 161 -19.21 -19.78 27.84
CA GLN A 161 -18.43 -18.83 28.61
C GLN A 161 -19.32 -17.67 29.01
N SER A 162 -19.75 -17.67 30.29
CA SER A 162 -20.78 -16.74 30.73
C SER A 162 -20.19 -15.34 30.91
N GLU A 163 -20.91 -14.36 30.36
CA GLU A 163 -20.62 -12.96 30.60
C GLU A 163 -21.55 -12.41 31.67
N CYS A 164 -21.26 -11.20 32.16
CA CYS A 164 -21.90 -10.63 33.34
C CYS A 164 -23.39 -11.00 33.43
N PRO A 165 -24.22 -10.76 32.40
CA PRO A 165 -25.67 -10.90 32.54
C PRO A 165 -26.28 -12.28 32.90
N ILE A 166 -25.60 -13.37 32.54
CA ILE A 166 -26.15 -14.72 32.69
C ILE A 166 -26.54 -14.97 34.16
N GLY A 167 -25.59 -14.83 35.10
CA GLY A 167 -25.85 -14.93 36.53
C GLY A 167 -26.96 -13.99 37.00
N LEU A 168 -26.94 -12.74 36.52
CA LEU A 168 -27.79 -11.70 37.08
C LEU A 168 -29.24 -11.89 36.65
N ILE A 169 -29.50 -12.61 35.55
CA ILE A 169 -30.87 -12.77 35.07
C ILE A 169 -31.43 -14.13 35.45
N GLY A 170 -30.61 -15.00 36.04
CA GLY A 170 -31.10 -16.28 36.52
C GLY A 170 -31.27 -17.32 35.42
N ASP A 171 -30.45 -17.26 34.37
CA ASP A 171 -30.46 -18.31 33.36
C ASP A 171 -29.86 -19.57 33.97
N ASP A 172 -30.28 -20.72 33.44
CA ASP A 172 -29.86 -22.03 33.93
C ASP A 172 -29.10 -22.76 32.84
N ILE A 173 -27.81 -22.44 32.70
CA ILE A 173 -27.03 -22.91 31.59
C ILE A 173 -26.58 -24.37 31.84
N GLU A 174 -26.52 -24.78 33.11
CA GLU A 174 -26.16 -26.14 33.46
C GLU A 174 -27.21 -27.15 32.94
N ALA A 175 -28.49 -26.77 33.04
CA ALA A 175 -29.59 -27.58 32.52
C ALA A 175 -29.54 -27.66 30.99
N VAL A 176 -29.30 -26.53 30.32
CA VAL A 176 -29.22 -26.49 28.86
C VAL A 176 -28.10 -27.42 28.39
N ALA A 177 -26.96 -27.33 29.08
CA ALA A 177 -25.77 -28.07 28.71
C ALA A 177 -25.99 -29.57 28.83
N LYS A 178 -26.56 -30.04 29.96
CA LYS A 178 -26.65 -31.47 30.20
C LYS A 178 -27.60 -32.09 29.17
N LYS A 179 -28.72 -31.43 28.85
CA LYS A 179 -29.64 -31.93 27.85
C LYS A 179 -29.01 -31.95 26.46
N ALA A 180 -28.30 -30.86 26.09
CA ALA A 180 -27.65 -30.77 24.80
C ALA A 180 -26.56 -31.83 24.66
N SER A 181 -25.77 -32.07 25.71
CA SER A 181 -24.68 -33.05 25.61
C SER A 181 -25.20 -34.46 25.36
N LYS A 182 -26.33 -34.80 26.00
CA LYS A 182 -26.96 -36.10 25.81
C LYS A 182 -27.33 -36.23 24.34
N GLU A 183 -28.01 -35.21 23.79
CA GLU A 183 -28.48 -35.24 22.42
C GLU A 183 -27.32 -35.34 21.42
N ILE A 184 -26.26 -34.53 21.57
CA ILE A 184 -25.28 -34.41 20.48
C ILE A 184 -24.14 -35.39 20.68
N GLY A 185 -24.04 -36.00 21.86
CA GLY A 185 -23.01 -37.03 22.07
C GLY A 185 -21.61 -36.44 22.26
N LYS A 186 -21.55 -35.19 22.75
CA LYS A 186 -20.27 -34.53 22.97
C LYS A 186 -20.38 -33.68 24.24
N PRO A 187 -19.25 -33.42 24.94
CA PRO A 187 -19.26 -32.50 26.07
C PRO A 187 -19.78 -31.12 25.67
N VAL A 188 -20.68 -30.56 26.48
CA VAL A 188 -21.10 -29.16 26.44
C VAL A 188 -20.87 -28.57 27.83
N VAL A 189 -19.85 -27.72 27.98
CA VAL A 189 -19.38 -27.34 29.31
C VAL A 189 -19.93 -25.98 29.69
N PRO A 190 -20.80 -25.87 30.73
CA PRO A 190 -21.29 -24.57 31.17
C PRO A 190 -20.22 -23.99 32.11
N VAL A 191 -19.81 -22.73 31.88
CA VAL A 191 -18.81 -22.10 32.72
C VAL A 191 -19.37 -20.80 33.27
N ARG A 192 -19.43 -20.73 34.60
CA ARG A 192 -19.97 -19.58 35.31
C ARG A 192 -18.83 -18.60 35.61
N CYS A 193 -18.28 -17.98 34.55
CA CYS A 193 -17.12 -17.11 34.65
C CYS A 193 -17.54 -15.64 34.46
N GLU A 194 -18.79 -15.32 34.82
CA GLU A 194 -19.33 -13.97 34.74
C GLU A 194 -18.35 -13.00 35.41
N GLY A 195 -18.19 -11.81 34.84
CA GLY A 195 -17.07 -10.94 35.18
C GLY A 195 -17.19 -10.26 36.54
N PHE A 196 -18.42 -10.16 37.06
CA PHE A 196 -18.64 -9.62 38.39
C PHE A 196 -18.10 -10.55 39.50
N ARG A 197 -17.75 -11.81 39.19
CA ARG A 197 -17.28 -12.76 40.18
C ARG A 197 -15.80 -12.59 40.45
N GLY A 198 -15.39 -12.75 41.71
CA GLY A 198 -14.01 -12.62 42.10
C GLY A 198 -13.56 -11.17 41.94
N VAL A 199 -12.24 -10.96 41.78
CA VAL A 199 -11.66 -9.61 41.82
C VAL A 199 -10.82 -9.29 40.58
N SER A 200 -10.74 -10.24 39.63
CA SER A 200 -9.67 -10.29 38.65
C SER A 200 -9.82 -11.51 37.75
N GLN A 201 -8.84 -11.69 36.86
CA GLN A 201 -8.76 -12.88 36.02
C GLN A 201 -8.66 -14.14 36.88
N SER A 202 -8.14 -14.02 38.11
CA SER A 202 -7.73 -15.18 38.89
C SER A 202 -8.90 -16.15 39.12
N LEU A 203 -10.05 -15.62 39.56
CA LEU A 203 -11.13 -16.50 39.91
C LEU A 203 -11.64 -17.21 38.65
N GLY A 204 -11.45 -16.62 37.47
CA GLY A 204 -11.81 -17.24 36.21
C GLY A 204 -10.98 -18.51 35.96
N HIS A 205 -9.68 -18.44 36.29
CA HIS A 205 -8.85 -19.62 36.22
C HIS A 205 -9.49 -20.75 37.02
N HIS A 206 -9.88 -20.42 38.28
CA HIS A 206 -10.38 -21.40 39.23
C HIS A 206 -11.69 -21.98 38.73
N ILE A 207 -12.63 -21.12 38.36
CA ILE A 207 -13.91 -21.57 37.83
C ILE A 207 -13.71 -22.47 36.61
N ALA A 208 -12.73 -22.12 35.77
CA ALA A 208 -12.47 -22.83 34.53
C ALA A 208 -11.87 -24.20 34.84
N ASN A 209 -10.87 -24.26 35.74
CA ASN A 209 -10.29 -25.53 36.16
C ASN A 209 -11.38 -26.45 36.73
N ASP A 210 -12.34 -25.91 37.49
CA ASP A 210 -13.40 -26.72 38.07
C ASP A 210 -14.37 -27.20 36.98
N ALA A 211 -14.63 -26.37 35.97
CA ALA A 211 -15.53 -26.78 34.90
C ALA A 211 -14.91 -27.95 34.15
N ILE A 212 -13.59 -28.00 34.08
CA ILE A 212 -12.88 -29.08 33.42
C ILE A 212 -13.00 -30.34 34.26
N ARG A 213 -12.72 -30.19 35.56
CA ARG A 213 -12.88 -31.27 36.53
C ARG A 213 -14.27 -31.90 36.40
N ASP A 214 -15.31 -31.06 36.36
CA ASP A 214 -16.67 -31.51 36.60
C ASP A 214 -17.34 -31.98 35.32
N TRP A 215 -16.79 -31.64 34.13
CA TRP A 215 -17.52 -31.91 32.89
C TRP A 215 -16.68 -32.59 31.83
N VAL A 216 -15.38 -32.71 32.02
CA VAL A 216 -14.54 -33.24 30.96
C VAL A 216 -13.67 -34.35 31.49
N LEU A 217 -13.00 -34.16 32.64
CA LEU A 217 -11.75 -34.86 32.86
C LEU A 217 -11.94 -36.36 33.08
N ASP A 218 -13.12 -36.78 33.55
CA ASP A 218 -13.34 -38.14 34.01
C ASP A 218 -13.92 -39.05 32.92
N LYS A 219 -14.10 -38.53 31.69
CA LYS A 219 -14.87 -39.23 30.68
C LYS A 219 -14.26 -40.58 30.31
N ARG A 220 -12.93 -40.68 30.42
CA ARG A 220 -12.23 -41.89 30.02
C ARG A 220 -11.69 -42.66 31.22
N ASP A 221 -12.32 -42.50 32.38
CA ASP A 221 -11.84 -43.13 33.60
C ASP A 221 -11.81 -44.66 33.44
N GLY A 222 -12.92 -45.23 32.98
CA GLY A 222 -12.99 -46.66 32.73
C GLY A 222 -11.99 -47.17 31.69
N GLN A 223 -11.58 -46.34 30.72
CA GLN A 223 -11.00 -46.85 29.49
C GLN A 223 -9.51 -47.14 29.59
N SER A 224 -9.06 -48.08 28.76
CA SER A 224 -7.65 -48.37 28.62
C SER A 224 -7.01 -47.32 27.73
N PHE A 225 -5.70 -47.16 27.88
CA PHE A 225 -4.90 -46.25 27.08
C PHE A 225 -3.50 -46.83 27.03
N GLU A 226 -2.79 -46.68 25.92
CA GLU A 226 -1.49 -47.30 25.77
C GLU A 226 -0.45 -46.42 26.47
N SER A 227 -0.13 -46.75 27.72
CA SER A 227 0.70 -45.87 28.54
C SER A 227 2.15 -46.36 28.59
N THR A 228 3.06 -45.47 28.98
CA THR A 228 4.46 -45.80 29.17
C THR A 228 4.93 -45.18 30.49
N PRO A 229 6.08 -45.62 31.03
CA PRO A 229 6.61 -45.01 32.23
C PRO A 229 7.05 -43.53 32.12
N TYR A 230 7.08 -42.98 30.91
CA TYR A 230 7.66 -41.66 30.72
C TYR A 230 6.62 -40.64 30.25
N ASP A 231 5.33 -40.95 30.48
CA ASP A 231 4.24 -40.10 30.02
C ASP A 231 4.04 -38.94 30.99
N VAL A 232 4.06 -37.70 30.43
CA VAL A 232 3.85 -36.47 31.17
C VAL A 232 2.81 -35.60 30.47
N ALA A 233 2.26 -34.64 31.21
CA ALA A 233 1.50 -33.56 30.61
C ALA A 233 2.15 -32.23 30.97
N ILE A 234 2.17 -31.31 29.99
CA ILE A 234 2.55 -29.94 30.23
C ILE A 234 1.29 -29.21 30.68
N ILE A 235 1.26 -28.80 31.96
CA ILE A 235 0.13 -28.09 32.53
C ILE A 235 0.47 -26.61 32.65
N GLY A 236 -0.45 -25.74 32.21
CA GLY A 236 -0.31 -24.30 32.30
C GLY A 236 0.79 -23.75 31.40
N ASP A 237 0.77 -24.11 30.11
CA ASP A 237 1.53 -23.42 29.06
C ASP A 237 0.56 -23.18 27.90
N TYR A 238 0.33 -21.90 27.58
CA TYR A 238 -0.69 -21.49 26.63
C TYR A 238 -0.06 -21.16 25.27
N ASN A 239 1.20 -21.55 25.10
CA ASN A 239 1.86 -21.61 23.80
C ASN A 239 1.91 -20.24 23.13
N ILE A 240 2.24 -19.21 23.92
CA ILE A 240 2.30 -17.85 23.42
C ILE A 240 3.48 -17.76 22.46
N GLY A 241 3.18 -17.53 21.18
CA GLY A 241 4.22 -17.51 20.15
C GLY A 241 4.94 -18.84 19.97
N GLY A 242 4.27 -19.96 20.33
CA GLY A 242 4.88 -21.28 20.22
C GLY A 242 5.69 -21.70 21.45
N ASP A 243 5.47 -21.03 22.58
CA ASP A 243 6.22 -21.27 23.81
C ASP A 243 6.22 -22.74 24.22
N ALA A 244 5.06 -23.38 24.12
CA ALA A 244 4.89 -24.77 24.53
C ALA A 244 5.64 -25.70 23.59
N TRP A 245 5.68 -25.37 22.29
CA TRP A 245 6.33 -26.25 21.34
C TRP A 245 7.84 -26.24 21.58
N SER A 246 8.39 -25.06 21.86
CA SER A 246 9.82 -24.96 22.11
C SER A 246 10.15 -25.50 23.51
N SER A 247 9.13 -25.83 24.31
CA SER A 247 9.30 -26.52 25.58
C SER A 247 9.20 -28.03 25.37
N ARG A 248 8.13 -28.44 24.69
CA ARG A 248 7.83 -29.82 24.35
C ARG A 248 9.05 -30.49 23.74
N ILE A 249 9.68 -29.83 22.80
CA ILE A 249 10.76 -30.46 22.06
C ILE A 249 11.87 -30.90 23.01
N LEU A 250 12.16 -30.11 24.05
CA LEU A 250 13.25 -30.43 24.98
C LEU A 250 12.87 -31.65 25.83
N LEU A 251 11.59 -31.71 26.23
CA LEU A 251 11.07 -32.81 27.01
C LEU A 251 11.13 -34.11 26.21
N GLU A 252 10.95 -34.04 24.89
CA GLU A 252 11.04 -35.24 24.04
C GLU A 252 12.50 -35.58 23.74
N GLU A 253 13.35 -34.57 23.58
CA GLU A 253 14.76 -34.81 23.41
C GLU A 253 15.30 -35.54 24.65
N MET A 254 14.64 -35.35 25.81
CA MET A 254 15.06 -35.93 27.08
C MET A 254 14.53 -37.34 27.25
N GLY A 255 13.53 -37.73 26.45
CA GLY A 255 13.05 -39.12 26.41
C GLY A 255 11.63 -39.29 26.93
N LEU A 256 10.96 -38.18 27.25
CA LEU A 256 9.59 -38.23 27.76
C LEU A 256 8.59 -38.19 26.62
N ARG A 257 7.35 -38.49 26.97
CA ARG A 257 6.29 -38.60 25.99
C ARG A 257 5.18 -37.67 26.45
N VAL A 258 4.96 -36.57 25.71
CA VAL A 258 4.01 -35.55 26.14
C VAL A 258 2.64 -35.88 25.58
N VAL A 259 1.81 -36.39 26.48
CA VAL A 259 0.50 -36.90 26.13
C VAL A 259 -0.49 -35.75 25.96
N ALA A 260 -0.27 -34.64 26.67
CA ALA A 260 -1.21 -33.52 26.66
C ALA A 260 -0.50 -32.20 26.93
N GLN A 261 -1.07 -31.13 26.39
CA GLN A 261 -0.65 -29.76 26.65
C GLN A 261 -1.89 -28.98 27.10
N TRP A 262 -1.80 -28.38 28.30
CA TRP A 262 -2.90 -27.59 28.84
C TRP A 262 -2.52 -26.12 28.89
N SER A 263 -3.16 -25.25 28.08
CA SER A 263 -4.10 -25.60 27.03
C SER A 263 -3.64 -25.06 25.66
N GLY A 264 -2.39 -24.59 25.61
CA GLY A 264 -1.74 -24.18 24.37
C GLY A 264 -1.63 -25.33 23.36
N ASP A 265 -2.28 -25.11 22.21
CA ASP A 265 -2.33 -26.05 21.10
C ASP A 265 -3.02 -27.34 21.55
N GLY A 266 -3.87 -27.22 22.58
CA GLY A 266 -4.40 -28.38 23.26
C GLY A 266 -5.73 -28.81 22.64
N THR A 267 -6.10 -30.07 22.90
CA THR A 267 -7.31 -30.68 22.38
C THR A 267 -8.10 -31.35 23.52
N LEU A 268 -9.37 -31.65 23.22
CA LEU A 268 -10.23 -32.35 24.15
C LEU A 268 -9.65 -33.73 24.49
N ALA A 269 -9.16 -34.44 23.47
CA ALA A 269 -8.65 -35.80 23.66
C ALA A 269 -7.48 -35.78 24.63
N GLU A 270 -6.56 -34.83 24.43
CA GLU A 270 -5.39 -34.70 25.28
C GLU A 270 -5.80 -34.48 26.75
N MET A 271 -6.74 -33.57 27.01
CA MET A 271 -7.22 -33.34 28.36
C MET A 271 -7.74 -34.66 28.93
N GLU A 272 -8.57 -35.35 28.15
CA GLU A 272 -9.27 -36.55 28.57
C GLU A 272 -8.30 -37.71 28.83
N ASN A 273 -7.12 -37.69 28.24
CA ASN A 273 -6.13 -38.73 28.49
C ASN A 273 -5.15 -38.35 29.60
N THR A 274 -5.30 -37.16 30.18
CA THR A 274 -4.29 -36.65 31.09
C THR A 274 -4.28 -37.49 32.37
N PRO A 275 -5.43 -38.00 32.86
CA PRO A 275 -5.42 -38.90 34.03
C PRO A 275 -4.56 -40.16 33.90
N LYS A 276 -4.11 -40.47 32.66
CA LYS A 276 -3.31 -41.65 32.41
C LYS A 276 -1.82 -41.36 32.48
N VAL A 277 -1.41 -40.11 32.75
CA VAL A 277 0.01 -39.79 32.70
C VAL A 277 0.64 -40.08 34.05
N LYS A 278 1.98 -40.13 34.08
CA LYS A 278 2.77 -40.43 35.25
C LYS A 278 3.17 -39.17 36.03
N LEU A 279 3.17 -38.00 35.37
CA LEU A 279 3.67 -36.78 35.99
C LEU A 279 3.10 -35.54 35.33
N ASN A 280 2.50 -34.64 36.12
CA ASN A 280 2.01 -33.34 35.66
C ASN A 280 3.10 -32.29 35.88
N LEU A 281 3.50 -31.63 34.78
CA LEU A 281 4.53 -30.60 34.82
C LEU A 281 3.81 -29.25 34.78
N LEU A 282 3.83 -28.54 35.91
CA LEU A 282 3.13 -27.29 36.09
C LEU A 282 4.09 -26.13 35.85
N HIS A 283 3.84 -25.38 34.78
CA HIS A 283 4.57 -24.15 34.51
C HIS A 283 3.81 -23.01 35.20
N CYS A 284 2.61 -22.71 34.72
CA CYS A 284 1.85 -21.67 35.37
C CYS A 284 1.06 -22.19 36.59
N TYR A 285 1.71 -22.01 37.75
CA TYR A 285 1.14 -22.41 39.03
C TYR A 285 -0.20 -21.73 39.22
N ARG A 286 -0.23 -20.41 38.98
CA ARG A 286 -1.39 -19.61 39.36
C ARG A 286 -2.67 -20.17 38.74
N SER A 287 -2.60 -20.45 37.44
CA SER A 287 -3.78 -20.71 36.62
C SER A 287 -4.24 -22.16 36.73
N MET A 288 -3.32 -23.10 36.98
CA MET A 288 -3.68 -24.51 36.89
C MET A 288 -3.19 -25.37 38.07
N ASN A 289 -2.82 -24.75 39.21
CA ASN A 289 -2.54 -25.55 40.41
C ASN A 289 -3.82 -26.27 40.84
N TYR A 290 -4.98 -25.67 40.56
CA TYR A 290 -6.24 -26.23 41.00
C TYR A 290 -6.41 -27.63 40.41
N ILE A 291 -6.32 -27.77 39.10
CA ILE A 291 -6.57 -29.05 38.45
C ILE A 291 -5.41 -29.99 38.75
N SER A 292 -4.22 -29.45 38.96
CA SER A 292 -3.08 -30.28 39.29
C SER A 292 -3.33 -30.98 40.63
N ARG A 293 -3.90 -30.25 41.59
CA ARG A 293 -4.12 -30.78 42.93
C ARG A 293 -5.28 -31.78 42.88
N HIS A 294 -6.33 -31.50 42.08
CA HIS A 294 -7.42 -32.43 41.88
C HIS A 294 -6.89 -33.75 41.33
N MET A 295 -5.96 -33.67 40.38
CA MET A 295 -5.48 -34.87 39.72
C MET A 295 -4.62 -35.69 40.69
N GLU A 296 -3.90 -35.03 41.61
CA GLU A 296 -3.14 -35.76 42.61
C GLU A 296 -4.08 -36.44 43.61
N GLU A 297 -5.19 -35.78 43.95
CA GLU A 297 -6.15 -36.32 44.89
C GLU A 297 -6.80 -37.56 44.31
N LYS A 298 -7.44 -37.39 43.14
CA LYS A 298 -8.28 -38.40 42.56
C LYS A 298 -7.47 -39.51 41.92
N TYR A 299 -6.37 -39.19 41.22
CA TYR A 299 -5.71 -40.19 40.39
C TYR A 299 -4.31 -40.51 40.90
N GLY A 300 -3.83 -39.81 41.92
CA GLY A 300 -2.49 -40.07 42.45
C GLY A 300 -1.36 -39.63 41.52
N ILE A 301 -1.66 -38.74 40.57
CA ILE A 301 -0.63 -38.22 39.68
C ILE A 301 0.05 -37.07 40.41
N PRO A 302 1.37 -37.15 40.64
CA PRO A 302 2.11 -36.04 41.25
C PRO A 302 2.21 -34.86 40.29
N TRP A 303 2.48 -33.65 40.82
CA TRP A 303 2.79 -32.51 39.98
C TRP A 303 4.04 -31.79 40.47
N MET A 304 4.85 -31.25 39.55
CA MET A 304 5.97 -30.40 39.94
C MET A 304 6.04 -29.10 39.14
N GLU A 305 6.46 -28.04 39.83
CA GLU A 305 6.62 -26.73 39.24
C GLU A 305 7.97 -26.66 38.57
N TYR A 306 8.04 -26.03 37.40
CA TYR A 306 9.31 -25.85 36.70
C TYR A 306 9.28 -24.47 36.05
N ASN A 307 10.39 -24.13 35.39
CA ASN A 307 10.59 -22.81 34.81
C ASN A 307 11.48 -22.95 33.58
N PHE A 308 10.93 -22.59 32.39
CA PHE A 308 11.66 -22.73 31.14
C PHE A 308 12.16 -21.38 30.57
N PHE A 309 12.27 -20.35 31.41
CA PHE A 309 12.83 -19.07 30.97
C PHE A 309 14.33 -19.01 31.23
N GLY A 310 15.15 -19.16 30.18
CA GLY A 310 16.59 -18.88 30.26
C GLY A 310 17.41 -20.11 30.63
N PRO A 311 18.69 -20.21 30.24
CA PRO A 311 19.45 -21.46 30.35
C PRO A 311 19.62 -22.01 31.77
N THR A 312 19.81 -21.12 32.76
CA THR A 312 19.94 -21.49 34.17
C THR A 312 18.72 -22.28 34.61
N LYS A 313 17.53 -21.72 34.39
CA LYS A 313 16.31 -22.32 34.86
C LYS A 313 15.96 -23.56 34.06
N ILE A 314 16.26 -23.57 32.77
CA ILE A 314 15.95 -24.73 31.94
C ILE A 314 16.76 -25.92 32.46
N ALA A 315 18.06 -25.72 32.64
CA ALA A 315 18.91 -26.78 33.15
C ALA A 315 18.38 -27.28 34.50
N GLU A 316 18.05 -26.35 35.40
CA GLU A 316 17.57 -26.71 36.72
C GLU A 316 16.31 -27.57 36.57
N SER A 317 15.41 -27.13 35.69
CA SER A 317 14.10 -27.74 35.47
C SER A 317 14.24 -29.13 34.85
N LEU A 318 15.16 -29.28 33.88
CA LEU A 318 15.34 -30.57 33.21
C LEU A 318 15.87 -31.62 34.17
N ARG A 319 16.94 -31.27 34.90
CA ARG A 319 17.51 -32.13 35.92
C ARG A 319 16.48 -32.52 36.98
N LYS A 320 15.71 -31.55 37.47
CA LYS A 320 14.68 -31.82 38.46
C LYS A 320 13.61 -32.78 37.92
N ILE A 321 13.14 -32.57 36.68
CA ILE A 321 12.11 -33.41 36.09
C ILE A 321 12.67 -34.80 35.88
N ALA A 322 13.93 -34.88 35.43
CA ALA A 322 14.56 -36.16 35.11
C ALA A 322 14.71 -37.03 36.36
N ALA A 323 15.00 -36.40 37.50
CA ALA A 323 15.26 -37.11 38.75
C ALA A 323 13.97 -37.72 39.30
N HIS A 324 12.82 -37.38 38.74
CA HIS A 324 11.59 -38.06 39.10
C HIS A 324 11.49 -39.43 38.39
N PHE A 325 12.39 -39.75 37.44
CA PHE A 325 12.19 -40.93 36.61
C PHE A 325 13.24 -41.98 36.94
N ASP A 326 14.38 -41.97 36.25
CA ASP A 326 15.34 -43.03 36.41
C ASP A 326 16.67 -42.50 35.91
N ASP A 327 17.73 -43.33 36.01
CA ASP A 327 19.07 -42.89 35.67
C ASP A 327 19.16 -42.55 34.18
N THR A 328 18.38 -43.26 33.35
CA THR A 328 18.44 -43.08 31.90
C THR A 328 17.98 -41.66 31.57
N ILE A 329 16.79 -41.28 32.03
CA ILE A 329 16.30 -39.93 31.83
C ILE A 329 17.31 -38.92 32.37
N GLN A 330 17.95 -39.20 33.50
CA GLN A 330 18.89 -38.23 34.04
C GLN A 330 20.11 -38.07 33.14
N GLU A 331 20.59 -39.17 32.56
CA GLU A 331 21.69 -39.11 31.62
C GLU A 331 21.27 -38.24 30.43
N ASN A 332 20.04 -38.52 29.95
CA ASN A 332 19.44 -37.78 28.84
C ASN A 332 19.39 -36.28 29.13
N ALA A 333 18.98 -35.89 30.34
CA ALA A 333 18.92 -34.48 30.68
C ALA A 333 20.29 -33.84 30.52
N GLU A 334 21.35 -34.58 30.88
CA GLU A 334 22.70 -34.03 30.79
C GLU A 334 23.10 -33.88 29.33
N ARG A 335 22.64 -34.81 28.47
CA ARG A 335 22.91 -34.76 27.04
C ARG A 335 22.22 -33.52 26.47
N VAL A 336 20.93 -33.34 26.77
CA VAL A 336 20.19 -32.22 26.22
C VAL A 336 20.86 -30.90 26.63
N ILE A 337 21.21 -30.75 27.92
CA ILE A 337 21.80 -29.51 28.39
C ILE A 337 23.11 -29.23 27.65
N ALA A 338 23.94 -30.26 27.47
CA ALA A 338 25.25 -30.11 26.83
C ALA A 338 25.10 -29.74 25.35
N LYS A 339 24.16 -30.40 24.66
CA LYS A 339 23.91 -30.11 23.26
C LYS A 339 23.66 -28.62 23.01
N TYR A 340 22.98 -27.92 23.92
CA TYR A 340 22.54 -26.55 23.65
C TYR A 340 23.45 -25.49 24.24
N GLN A 341 24.47 -25.93 24.98
CA GLN A 341 25.35 -25.01 25.66
C GLN A 341 26.12 -24.14 24.68
N PRO A 342 26.67 -24.67 23.56
CA PRO A 342 27.35 -23.82 22.57
C PRO A 342 26.44 -22.73 22.00
N MET A 343 25.16 -23.06 21.79
N MET A 343 25.16 -23.06 21.79
CA MET A 343 24.17 -22.07 21.36
CA MET A 343 24.17 -22.08 21.36
C MET A 343 24.03 -20.99 22.43
C MET A 343 24.03 -20.99 22.43
N MET A 344 23.77 -21.41 23.68
CA MET A 344 23.56 -20.48 24.77
C MET A 344 24.78 -19.59 24.98
N GLU A 345 25.98 -20.17 24.86
CA GLU A 345 27.20 -19.42 25.03
C GLU A 345 27.35 -18.39 23.91
N ALA A 346 27.00 -18.78 22.68
CA ALA A 346 27.03 -17.85 21.56
C ALA A 346 26.04 -16.69 21.76
N VAL A 347 24.84 -17.01 22.27
CA VAL A 347 23.82 -15.99 22.51
C VAL A 347 24.31 -15.03 23.60
N ILE A 348 24.90 -15.59 24.67
CA ILE A 348 25.35 -14.75 25.77
C ILE A 348 26.51 -13.87 25.29
N ALA A 349 27.46 -14.42 24.53
CA ALA A 349 28.60 -13.65 24.05
C ALA A 349 28.15 -12.47 23.17
N LYS A 350 27.13 -12.69 22.33
CA LYS A 350 26.65 -11.68 21.41
C LYS A 350 25.92 -10.55 22.13
N TYR A 351 25.02 -10.89 23.06
CA TYR A 351 24.02 -9.96 23.56
C TYR A 351 24.26 -9.51 24.99
N ARG A 352 24.92 -10.34 25.82
CA ARG A 352 25.13 -10.00 27.22
C ARG A 352 25.97 -8.72 27.33
N PRO A 353 27.02 -8.53 26.52
CA PRO A 353 27.81 -7.29 26.55
C PRO A 353 27.01 -6.02 26.22
N ARG A 354 25.85 -6.16 25.54
CA ARG A 354 25.04 -5.01 25.16
C ARG A 354 23.98 -4.70 26.21
N LEU A 355 23.77 -5.64 27.15
CA LEU A 355 22.71 -5.53 28.13
C LEU A 355 23.25 -5.50 29.56
N GLU A 356 24.52 -5.88 29.75
CA GLU A 356 25.17 -5.91 31.06
C GLU A 356 24.87 -4.64 31.87
N GLY A 357 24.31 -4.83 33.06
CA GLY A 357 24.18 -3.75 34.04
C GLY A 357 22.90 -2.94 33.90
N LYS A 358 22.04 -3.32 32.94
CA LYS A 358 20.83 -2.58 32.66
C LYS A 358 19.74 -3.02 33.63
N LYS A 359 18.89 -2.07 34.01
CA LYS A 359 17.84 -2.27 35.00
C LYS A 359 16.47 -2.39 34.32
N VAL A 360 15.67 -3.33 34.83
CA VAL A 360 14.36 -3.63 34.30
C VAL A 360 13.31 -3.54 35.40
N MET A 361 12.13 -3.00 35.06
CA MET A 361 10.91 -3.10 35.85
C MET A 361 9.90 -3.91 35.06
N LEU A 362 9.21 -4.80 35.79
CA LEU A 362 8.22 -5.69 35.24
C LEU A 362 6.88 -5.41 35.89
N TYR A 363 5.82 -5.69 35.13
CA TYR A 363 4.50 -5.81 35.71
C TYR A 363 3.70 -6.72 34.78
N VAL A 364 3.32 -7.89 35.29
CA VAL A 364 2.52 -8.80 34.48
C VAL A 364 1.43 -9.39 35.36
N GLY A 365 0.99 -10.63 35.06
CA GLY A 365 -0.28 -11.12 35.56
C GLY A 365 -0.14 -11.94 36.86
N GLY A 366 0.41 -13.15 36.75
CA GLY A 366 0.35 -14.13 37.83
C GLY A 366 1.57 -15.05 37.87
N LEU A 367 2.51 -14.91 36.91
CA LEU A 367 3.61 -15.86 36.82
C LEU A 367 4.89 -15.15 36.39
N ARG A 368 4.82 -14.49 35.22
CA ARG A 368 6.01 -13.95 34.58
C ARG A 368 6.73 -12.92 35.46
N PRO A 369 6.06 -12.16 36.35
CA PRO A 369 6.77 -11.22 37.22
C PRO A 369 7.90 -11.80 38.07
N ARG A 370 7.86 -13.12 38.36
CA ARG A 370 8.98 -13.82 38.98
C ARG A 370 9.70 -14.73 37.98
N HIS A 371 8.95 -15.38 37.07
CA HIS A 371 9.50 -16.48 36.28
C HIS A 371 10.58 -16.02 35.30
N VAL A 372 10.56 -14.74 34.87
CA VAL A 372 11.47 -14.32 33.81
C VAL A 372 12.75 -13.72 34.37
N ILE A 373 12.89 -13.61 35.71
CA ILE A 373 14.02 -12.91 36.31
C ILE A 373 15.32 -13.61 35.99
N GLY A 374 15.31 -14.94 36.08
CA GLY A 374 16.46 -15.77 35.74
C GLY A 374 17.01 -15.51 34.33
N ALA A 375 16.12 -15.41 33.35
CA ALA A 375 16.52 -15.11 31.99
C ALA A 375 17.17 -13.72 31.85
N TYR A 376 16.60 -12.68 32.48
CA TYR A 376 17.21 -11.36 32.52
C TYR A 376 18.61 -11.40 33.14
N GLU A 377 18.74 -12.20 34.22
CA GLU A 377 20.01 -12.33 34.93
C GLU A 377 21.03 -13.08 34.09
N ASP A 378 20.57 -14.02 33.25
CA ASP A 378 21.46 -14.68 32.29
C ASP A 378 22.01 -13.69 31.27
N LEU A 379 21.46 -12.47 31.17
CA LEU A 379 21.97 -11.45 30.26
C LEU A 379 22.58 -10.27 31.03
N GLY A 380 22.78 -10.46 32.34
CA GLY A 380 23.50 -9.50 33.14
C GLY A 380 22.61 -8.32 33.52
N MET A 381 21.30 -8.49 33.38
CA MET A 381 20.36 -7.43 33.70
C MET A 381 19.78 -7.70 35.08
N GLU A 382 19.30 -6.62 35.72
CA GLU A 382 18.78 -6.69 37.09
C GLU A 382 17.35 -6.18 37.11
N VAL A 383 16.45 -6.95 37.71
CA VAL A 383 15.07 -6.52 37.88
C VAL A 383 14.99 -5.70 39.16
N VAL A 384 14.72 -4.38 39.03
CA VAL A 384 14.73 -3.49 40.19
C VAL A 384 13.31 -3.19 40.66
N GLY A 385 12.32 -3.73 39.97
CA GLY A 385 10.94 -3.59 40.40
C GLY A 385 10.12 -4.67 39.72
N THR A 386 9.12 -5.22 40.41
CA THR A 386 8.25 -6.23 39.79
C THR A 386 6.96 -6.25 40.57
N GLY A 387 5.97 -6.89 39.95
CA GLY A 387 4.64 -6.92 40.53
C GLY A 387 3.69 -7.72 39.66
N TYR A 388 2.49 -7.94 40.21
CA TYR A 388 1.50 -8.79 39.60
C TYR A 388 0.16 -8.08 39.62
N GLU A 389 -0.64 -8.32 38.59
CA GLU A 389 -2.03 -7.89 38.57
C GLU A 389 -2.88 -8.63 39.60
N PHE A 390 -2.73 -9.97 39.69
CA PHE A 390 -3.73 -10.78 40.39
C PHE A 390 -3.14 -12.02 41.09
N ALA A 391 -1.85 -12.02 41.39
CA ALA A 391 -1.25 -13.07 42.19
C ALA A 391 -1.89 -13.17 43.57
N HIS A 392 -1.65 -14.32 44.21
CA HIS A 392 -2.04 -14.60 45.57
C HIS A 392 -0.78 -14.67 46.43
N ASN A 393 -0.97 -14.80 47.75
CA ASN A 393 0.17 -14.80 48.66
C ASN A 393 1.15 -15.91 48.28
N ASP A 394 0.65 -17.10 47.89
CA ASP A 394 1.53 -18.20 47.49
C ASP A 394 2.45 -17.80 46.34
N ASP A 395 2.01 -16.89 45.46
CA ASP A 395 2.88 -16.42 44.40
C ASP A 395 3.95 -15.48 44.95
N TYR A 396 3.56 -14.58 45.88
CA TYR A 396 4.52 -13.67 46.50
C TYR A 396 5.55 -14.46 47.31
N ASP A 397 5.12 -15.54 48.01
CA ASP A 397 6.05 -16.43 48.70
C ASP A 397 7.14 -16.93 47.74
N ARG A 398 6.73 -17.39 46.55
CA ARG A 398 7.66 -17.92 45.56
C ARG A 398 8.54 -16.83 44.94
N THR A 399 8.13 -15.56 45.04
CA THR A 399 8.85 -14.46 44.41
C THR A 399 10.06 -14.05 45.25
N ILE A 400 9.97 -14.19 46.59
CA ILE A 400 10.97 -13.64 47.50
C ILE A 400 12.38 -14.14 47.14
N LYS A 401 12.52 -15.45 46.92
CA LYS A 401 13.84 -16.02 46.69
C LYS A 401 14.36 -15.59 45.32
N GLU A 402 13.45 -15.30 44.38
CA GLU A 402 13.82 -14.96 43.01
C GLU A 402 14.29 -13.50 42.91
N LEU A 403 13.93 -12.69 43.90
CA LEU A 403 14.13 -11.25 43.87
C LEU A 403 15.44 -10.89 44.53
N GLY A 404 16.01 -9.76 44.11
CA GLY A 404 17.14 -9.14 44.77
C GLY A 404 16.66 -8.49 46.06
N ASP A 405 17.59 -8.15 46.94
CA ASP A 405 17.25 -7.52 48.19
C ASP A 405 16.80 -6.09 47.90
N ALA A 406 15.85 -5.58 48.69
CA ALA A 406 15.40 -4.20 48.59
C ALA A 406 14.81 -3.90 47.21
N THR A 407 14.15 -4.88 46.58
CA THR A 407 13.49 -4.68 45.29
C THR A 407 12.07 -4.19 45.55
N LEU A 408 11.63 -3.17 44.79
CA LEU A 408 10.28 -2.64 44.92
C LEU A 408 9.27 -3.68 44.41
N LEU A 409 8.15 -3.82 45.13
CA LEU A 409 7.09 -4.78 44.88
C LEU A 409 5.74 -4.09 44.86
N TYR A 410 4.86 -4.48 43.93
CA TYR A 410 3.60 -3.78 43.74
C TYR A 410 2.55 -4.79 43.31
N ASP A 411 1.45 -4.86 44.06
CA ASP A 411 0.34 -5.74 43.77
C ASP A 411 -0.83 -4.88 43.29
N ASP A 412 -1.50 -5.30 42.19
CA ASP A 412 -2.59 -4.56 41.59
C ASP A 412 -2.25 -3.07 41.51
N VAL A 413 -1.09 -2.76 40.92
CA VAL A 413 -0.62 -1.39 40.82
C VAL A 413 -1.65 -0.53 40.09
N THR A 414 -1.77 0.72 40.53
CA THR A 414 -2.61 1.69 39.85
C THR A 414 -1.81 2.39 38.74
N GLY A 415 -2.53 2.94 37.75
CA GLY A 415 -1.86 3.69 36.70
C GLY A 415 -0.91 4.74 37.29
N TYR A 416 -1.42 5.54 38.24
CA TYR A 416 -0.67 6.61 38.90
C TYR A 416 0.61 6.09 39.54
N GLU A 417 0.50 5.06 40.38
CA GLU A 417 1.64 4.45 41.06
C GLU A 417 2.75 4.06 40.08
N LEU A 418 2.38 3.30 39.06
CA LEU A 418 3.36 2.72 38.15
C LEU A 418 4.14 3.85 37.47
N GLU A 419 3.43 4.93 37.09
CA GLU A 419 4.07 6.07 36.45
C GLU A 419 5.07 6.76 37.37
N GLU A 420 4.67 7.06 38.61
CA GLU A 420 5.54 7.68 39.61
C GLU A 420 6.77 6.80 39.91
N PHE A 421 6.57 5.48 40.10
CA PHE A 421 7.67 4.57 40.37
C PHE A 421 8.69 4.60 39.23
N VAL A 422 8.18 4.53 37.99
CA VAL A 422 9.06 4.58 36.83
C VAL A 422 9.84 5.89 36.76
N LYS A 423 9.16 7.03 37.01
CA LYS A 423 9.85 8.33 36.98
C LYS A 423 11.01 8.37 37.98
N ARG A 424 10.84 7.77 39.17
CA ARG A 424 11.85 7.80 40.20
C ARG A 424 12.94 6.76 39.94
N LEU A 425 12.56 5.50 39.71
CA LEU A 425 13.53 4.42 39.55
C LEU A 425 14.31 4.54 38.25
N LYS A 426 13.73 5.17 37.22
CA LYS A 426 14.41 5.41 35.96
C LYS A 426 14.99 4.10 35.41
N PRO A 427 14.16 3.05 35.22
CA PRO A 427 14.65 1.81 34.61
C PRO A 427 15.14 2.00 33.17
N ASP A 428 16.01 1.10 32.70
CA ASP A 428 16.48 1.13 31.32
C ASP A 428 15.45 0.45 30.42
N LEU A 429 14.58 -0.39 31.00
CA LEU A 429 13.61 -1.13 30.21
C LEU A 429 12.41 -1.46 31.08
N ILE A 430 11.20 -1.49 30.48
CA ILE A 430 9.99 -1.92 31.16
C ILE A 430 9.36 -3.10 30.42
N GLY A 431 8.89 -4.09 31.20
CA GLY A 431 8.23 -5.28 30.70
C GLY A 431 6.81 -5.38 31.23
N SER A 432 5.81 -5.06 30.42
CA SER A 432 4.45 -5.06 30.89
C SER A 432 3.52 -5.30 29.72
N GLY A 433 2.27 -4.81 29.82
CA GLY A 433 1.25 -5.13 28.82
C GLY A 433 0.93 -3.97 27.88
N ILE A 434 -0.08 -4.19 27.03
CA ILE A 434 -0.43 -3.28 25.95
C ILE A 434 -0.95 -1.96 26.49
N LYS A 435 -1.62 -1.98 27.64
CA LYS A 435 -2.17 -0.76 28.22
C LYS A 435 -1.06 0.12 28.78
N GLU A 436 0.12 -0.46 29.01
CA GLU A 436 1.23 0.29 29.59
C GLU A 436 2.22 0.74 28.52
N LYS A 437 2.33 -0.01 27.42
CA LYS A 437 3.40 0.13 26.44
C LYS A 437 3.58 1.58 25.99
N TYR A 438 2.51 2.26 25.60
CA TYR A 438 2.69 3.49 24.85
C TYR A 438 2.86 4.68 25.80
N ILE A 439 2.51 4.48 27.08
CA ILE A 439 2.82 5.46 28.12
C ILE A 439 4.32 5.66 28.23
N PHE A 440 5.05 4.55 28.42
CA PHE A 440 6.46 4.62 28.81
C PHE A 440 7.33 4.95 27.61
N GLN A 441 6.90 4.56 26.40
CA GLN A 441 7.59 4.93 25.18
C GLN A 441 7.65 6.45 25.07
N LYS A 442 6.57 7.15 25.42
CA LYS A 442 6.54 8.60 25.37
C LYS A 442 7.51 9.22 26.37
N MET A 443 7.86 8.47 27.40
CA MET A 443 8.81 8.93 28.39
C MET A 443 10.24 8.64 27.94
N GLY A 444 10.41 7.92 26.83
CA GLY A 444 11.74 7.64 26.33
C GLY A 444 12.32 6.35 26.92
N ILE A 445 11.43 5.51 27.46
CA ILE A 445 11.83 4.30 28.13
C ILE A 445 11.49 3.08 27.27
N PRO A 446 12.52 2.36 26.79
CA PRO A 446 12.33 1.11 26.07
C PRO A 446 11.34 0.20 26.77
N PHE A 447 10.43 -0.37 25.98
CA PHE A 447 9.37 -1.18 26.52
C PHE A 447 9.17 -2.45 25.68
N ARG A 448 9.11 -3.60 26.36
CA ARG A 448 8.80 -4.86 25.70
C ARG A 448 7.58 -5.47 26.37
N GLN A 449 6.60 -5.84 25.54
CA GLN A 449 5.41 -6.54 26.00
C GLN A 449 5.81 -7.92 26.54
N MET A 450 5.45 -8.20 27.79
CA MET A 450 5.78 -9.46 28.42
C MET A 450 4.54 -10.34 28.52
N HIS A 451 3.44 -9.99 27.85
CA HIS A 451 2.34 -10.94 27.65
C HIS A 451 2.40 -11.52 26.22
N SER A 452 2.34 -10.59 25.24
CA SER A 452 2.27 -10.87 23.82
C SER A 452 3.64 -11.11 23.21
N TRP A 453 4.71 -10.93 24.00
CA TRP A 453 6.08 -10.94 23.52
C TRP A 453 6.28 -9.90 22.42
N ASP A 454 5.41 -8.89 22.34
CA ASP A 454 5.49 -7.86 21.32
C ASP A 454 5.54 -8.52 19.93
N TYR A 455 4.69 -9.55 19.75
CA TYR A 455 4.45 -10.20 18.46
C TYR A 455 5.68 -11.00 18.03
N SER A 456 6.51 -11.34 19.02
CA SER A 456 7.74 -12.09 18.80
C SER A 456 7.65 -13.39 19.59
N GLY A 457 8.82 -13.91 20.03
CA GLY A 457 8.85 -15.21 20.70
C GLY A 457 8.85 -16.39 19.72
N PRO A 458 8.93 -17.64 20.19
CA PRO A 458 8.75 -17.95 21.61
C PRO A 458 9.89 -17.48 22.52
N TYR A 459 9.59 -17.35 23.81
CA TYR A 459 10.63 -17.09 24.81
C TYR A 459 10.91 -18.31 25.69
N HIS A 460 10.03 -19.33 25.76
CA HIS A 460 10.34 -20.56 26.50
C HIS A 460 11.40 -21.41 25.79
N GLY A 461 12.25 -22.08 26.60
CA GLY A 461 13.18 -23.09 26.08
C GLY A 461 14.46 -22.45 25.58
N TYR A 462 15.32 -23.27 24.96
CA TYR A 462 16.61 -22.84 24.45
C TYR A 462 16.46 -21.95 23.21
N ASP A 463 15.57 -22.34 22.30
CA ASP A 463 15.27 -21.56 21.09
C ASP A 463 14.61 -20.25 21.47
N GLY A 464 13.73 -20.31 22.48
CA GLY A 464 13.09 -19.13 23.04
C GLY A 464 14.10 -18.11 23.58
N PHE A 465 15.16 -18.59 24.24
CA PHE A 465 16.04 -17.67 24.92
C PHE A 465 16.81 -16.84 23.90
N ALA A 466 17.17 -17.43 22.75
CA ALA A 466 17.89 -16.68 21.73
C ALA A 466 17.01 -15.53 21.21
N ILE A 467 15.71 -15.77 21.07
CA ILE A 467 14.78 -14.76 20.58
C ILE A 467 14.60 -13.66 21.65
N PHE A 468 14.49 -14.09 22.92
CA PHE A 468 14.40 -13.19 24.06
C PHE A 468 15.57 -12.21 24.09
N ALA A 469 16.80 -12.72 23.95
CA ALA A 469 17.98 -11.89 24.03
C ALA A 469 18.05 -10.88 22.88
N ARG A 470 17.76 -11.35 21.64
CA ARG A 470 17.71 -10.48 20.46
C ARG A 470 16.72 -9.33 20.69
N ASP A 471 15.54 -9.66 21.18
CA ASP A 471 14.48 -8.71 21.41
C ASP A 471 14.84 -7.68 22.49
N MET A 472 15.46 -8.12 23.60
CA MET A 472 15.79 -7.17 24.64
C MET A 472 16.80 -6.17 24.09
N ASP A 473 17.78 -6.69 23.34
CA ASP A 473 18.82 -5.85 22.76
C ASP A 473 18.25 -4.93 21.69
N MET A 474 17.36 -5.47 20.85
CA MET A 474 16.77 -4.76 19.74
C MET A 474 16.13 -3.49 20.28
N THR A 475 15.38 -3.64 21.37
CA THR A 475 14.55 -2.57 21.87
C THR A 475 15.35 -1.63 22.79
N LEU A 476 16.12 -2.22 23.73
CA LEU A 476 16.83 -1.40 24.70
C LEU A 476 17.84 -0.50 24.00
N ASN A 477 18.55 -1.02 23.01
CA ASN A 477 19.63 -0.32 22.32
C ASN A 477 19.16 0.32 21.00
N ASN A 478 17.85 0.40 20.77
CA ASN A 478 17.36 0.92 19.50
C ASN A 478 17.75 2.39 19.33
N PRO A 479 18.09 2.83 18.11
CA PRO A 479 18.38 4.25 17.85
C PRO A 479 17.26 5.23 18.19
N CYS A 480 16.02 4.76 18.18
CA CYS A 480 14.91 5.70 18.32
C CYS A 480 15.01 6.41 19.68
N TRP A 481 15.57 5.74 20.70
CA TRP A 481 15.58 6.30 22.05
C TRP A 481 16.51 7.51 22.19
N ASN A 482 17.40 7.75 21.23
CA ASN A 482 18.30 8.89 21.33
C ASN A 482 17.69 10.15 20.74
N LYS A 483 16.43 10.13 20.28
CA LYS A 483 15.94 11.15 19.37
C LYS A 483 14.69 11.87 19.88
N LEU A 484 14.31 11.64 21.15
CA LEU A 484 13.05 12.15 21.66
C LEU A 484 13.15 13.65 21.97
N THR A 485 14.35 14.15 22.29
CA THR A 485 14.50 15.55 22.61
C THR A 485 14.90 16.32 21.34
N PRO A 486 14.11 17.34 20.96
CA PRO A 486 14.44 18.17 19.81
C PRO A 486 15.76 18.88 20.10
N PRO A 487 16.71 18.93 19.15
CA PRO A 487 18.02 19.52 19.40
C PRO A 487 18.01 20.97 19.83
N TRP A 488 16.92 21.70 19.54
CA TRP A 488 16.82 23.10 19.90
C TRP A 488 16.15 23.29 21.25
N LYS A 489 15.87 22.18 21.96
CA LYS A 489 15.41 22.23 23.34
C LYS A 489 16.45 21.62 24.28
N LYS A 490 17.70 21.46 23.82
CA LYS A 490 18.83 21.11 24.67
C LYS A 490 19.77 22.33 24.81
N SER B 2 16.56 -25.79 17.10
CA SER B 2 17.86 -25.09 17.32
C SER B 2 17.84 -23.75 16.57
N GLN B 3 18.92 -22.99 16.76
CA GLN B 3 19.03 -21.67 16.18
C GLN B 3 20.46 -21.46 15.69
N GLN B 4 20.60 -20.78 14.56
CA GLN B 4 21.83 -20.09 14.24
C GLN B 4 21.76 -18.71 14.90
N VAL B 5 22.78 -18.39 15.70
CA VAL B 5 22.76 -17.18 16.53
C VAL B 5 22.93 -15.90 15.70
N ASP B 6 23.56 -16.00 14.55
CA ASP B 6 23.71 -14.86 13.66
C ASP B 6 22.45 -14.66 12.81
N LYS B 7 21.50 -15.59 12.84
CA LYS B 7 20.28 -15.47 12.06
C LYS B 7 19.13 -16.15 12.80
N ILE B 8 18.67 -15.48 13.87
CA ILE B 8 17.74 -16.06 14.84
C ILE B 8 16.35 -16.07 14.22
N LYS B 9 15.65 -17.21 14.36
CA LYS B 9 14.32 -17.39 13.83
C LYS B 9 13.29 -17.30 14.94
N ALA B 10 12.24 -16.52 14.70
CA ALA B 10 11.06 -16.40 15.54
C ALA B 10 10.06 -17.48 15.14
N SER B 11 8.91 -17.53 15.80
CA SER B 11 7.95 -18.60 15.56
C SER B 11 7.88 -18.95 14.08
N TYR B 12 7.70 -17.92 13.23
CA TYR B 12 7.87 -18.07 11.80
C TYR B 12 9.24 -17.51 11.45
N PRO B 13 10.15 -18.30 10.83
CA PRO B 13 9.90 -19.68 10.38
C PRO B 13 10.37 -20.86 11.23
N LEU B 14 10.64 -20.62 12.53
CA LEU B 14 11.33 -21.57 13.40
C LEU B 14 10.63 -22.94 13.35
N PHE B 15 9.29 -22.91 13.46
CA PHE B 15 8.52 -24.12 13.61
C PHE B 15 8.34 -24.88 12.30
N LEU B 16 8.96 -24.38 11.23
CA LEU B 16 9.00 -25.09 9.95
C LEU B 16 10.25 -25.97 9.89
N ASP B 17 11.21 -25.79 10.81
CA ASP B 17 12.37 -26.67 10.92
C ASP B 17 11.91 -28.13 11.00
N GLN B 18 12.73 -29.03 10.44
CA GLN B 18 12.31 -30.42 10.29
C GLN B 18 12.00 -31.05 11.66
N ASP B 19 12.88 -30.82 12.63
CA ASP B 19 12.71 -31.44 13.95
C ASP B 19 11.36 -31.04 14.54
N TYR B 20 10.94 -29.78 14.35
CA TYR B 20 9.66 -29.31 14.89
C TYR B 20 8.51 -29.93 14.11
N LYS B 21 8.67 -30.03 12.78
CA LYS B 21 7.66 -30.65 11.95
C LYS B 21 7.40 -32.07 12.40
N ASP B 22 8.47 -32.84 12.63
CA ASP B 22 8.35 -34.24 13.03
C ASP B 22 7.63 -34.33 14.38
N MET B 23 8.07 -33.50 15.34
CA MET B 23 7.50 -33.53 16.68
C MET B 23 6.00 -33.23 16.62
N LEU B 24 5.61 -32.24 15.80
CA LEU B 24 4.21 -31.86 15.76
C LEU B 24 3.35 -32.83 14.96
N ALA B 25 3.97 -33.55 14.02
CA ALA B 25 3.30 -34.64 13.31
C ALA B 25 3.03 -35.80 14.26
N LYS B 26 3.94 -36.03 15.22
CA LYS B 26 3.74 -37.07 16.21
C LYS B 26 2.67 -36.65 17.21
N LYS B 27 2.64 -35.34 17.55
CA LYS B 27 1.67 -34.82 18.51
C LYS B 27 0.28 -35.09 17.96
N ARG B 28 0.05 -34.64 16.72
CA ARG B 28 -1.24 -34.79 16.04
C ARG B 28 -1.69 -36.25 15.93
N ASP B 29 -0.79 -37.14 15.51
CA ASP B 29 -1.13 -38.53 15.25
C ASP B 29 -1.30 -39.30 16.56
N GLY B 30 -0.34 -39.13 17.48
CA GLY B 30 -0.32 -39.80 18.77
C GLY B 30 -1.45 -39.41 19.71
N PHE B 31 -1.81 -38.10 19.79
CA PHE B 31 -2.45 -37.58 20.99
C PHE B 31 -3.68 -36.72 20.71
N GLU B 32 -3.87 -36.21 19.49
CA GLU B 32 -4.94 -35.23 19.28
C GLU B 32 -6.25 -35.87 18.81
N GLU B 33 -6.20 -37.10 18.28
CA GLU B 33 -7.36 -37.76 17.68
C GLU B 33 -7.98 -36.81 16.65
N LYS B 34 -7.13 -36.31 15.77
CA LYS B 34 -7.55 -35.33 14.78
C LYS B 34 -8.30 -36.03 13.67
N TYR B 35 -9.35 -35.40 13.14
CA TYR B 35 -9.99 -35.93 11.95
C TYR B 35 -8.97 -36.11 10.84
N PRO B 36 -9.10 -37.14 9.96
CA PRO B 36 -8.19 -37.29 8.81
C PRO B 36 -8.28 -36.08 7.86
N GLN B 37 -7.14 -35.77 7.22
CA GLN B 37 -6.99 -34.63 6.33
C GLN B 37 -8.05 -34.62 5.23
N ASP B 38 -8.29 -35.78 4.64
CA ASP B 38 -9.25 -35.92 3.56
C ASP B 38 -10.59 -35.41 4.04
N LYS B 39 -10.93 -35.70 5.29
CA LYS B 39 -12.26 -35.38 5.77
C LYS B 39 -12.34 -33.89 6.05
N ILE B 40 -11.23 -33.36 6.55
CA ILE B 40 -11.08 -31.93 6.78
C ILE B 40 -11.19 -31.21 5.43
N ASP B 41 -10.48 -31.71 4.42
CA ASP B 41 -10.61 -31.21 3.05
C ASP B 41 -12.06 -31.21 2.55
N GLU B 42 -12.76 -32.34 2.75
CA GLU B 42 -14.13 -32.46 2.25
C GLU B 42 -15.05 -31.48 2.96
N VAL B 43 -14.84 -31.27 4.28
CA VAL B 43 -15.72 -30.39 5.02
C VAL B 43 -15.45 -28.93 4.64
N PHE B 44 -14.17 -28.56 4.55
CA PHE B 44 -13.73 -27.28 4.03
C PHE B 44 -14.47 -26.99 2.72
N GLN B 45 -14.30 -27.87 1.72
CA GLN B 45 -14.99 -27.76 0.43
C GLN B 45 -16.46 -27.43 0.62
N TRP B 46 -17.14 -28.21 1.47
CA TRP B 46 -18.56 -28.03 1.72
C TRP B 46 -18.87 -26.65 2.32
N THR B 47 -17.95 -26.06 3.13
CA THR B 47 -18.20 -24.72 3.70
C THR B 47 -18.15 -23.64 2.63
N THR B 48 -17.64 -23.97 1.43
CA THR B 48 -17.57 -23.02 0.34
C THR B 48 -18.81 -23.04 -0.56
N THR B 49 -19.84 -23.85 -0.27
CA THR B 49 -20.91 -24.13 -1.23
C THR B 49 -22.14 -23.28 -0.99
N LYS B 50 -23.00 -23.25 -2.02
CA LYS B 50 -24.31 -22.64 -1.94
C LYS B 50 -25.16 -23.37 -0.91
N GLU B 51 -25.04 -24.69 -0.84
CA GLU B 51 -25.80 -25.46 0.14
C GLU B 51 -25.46 -25.00 1.57
N TYR B 52 -24.16 -24.91 1.89
CA TYR B 52 -23.68 -24.44 3.19
C TYR B 52 -24.15 -23.01 3.44
N GLN B 53 -24.07 -22.15 2.43
CA GLN B 53 -24.53 -20.79 2.53
C GLN B 53 -26.00 -20.74 2.93
N GLU B 54 -26.79 -21.65 2.38
CA GLU B 54 -28.21 -21.70 2.72
C GLU B 54 -28.39 -21.95 4.21
N LEU B 55 -27.75 -23.00 4.73
CA LEU B 55 -27.81 -23.34 6.14
C LEU B 55 -27.32 -22.15 6.98
N ASN B 56 -26.26 -21.48 6.49
CA ASN B 56 -25.57 -20.40 7.18
C ASN B 56 -26.53 -19.24 7.38
N PHE B 57 -27.26 -18.89 6.32
CA PHE B 57 -28.17 -17.75 6.38
C PHE B 57 -29.46 -18.09 7.11
N GLN B 58 -29.68 -19.35 7.48
CA GLN B 58 -30.86 -19.74 8.24
C GLN B 58 -30.62 -19.63 9.74
N ARG B 59 -29.38 -19.36 10.18
CA ARG B 59 -29.08 -19.16 11.59
C ARG B 59 -30.05 -18.14 12.18
N GLU B 60 -30.59 -18.42 13.37
CA GLU B 60 -31.46 -17.47 14.04
C GLU B 60 -30.90 -17.09 15.43
N ALA B 61 -29.96 -17.89 15.97
CA ALA B 61 -29.50 -17.69 17.34
C ALA B 61 -27.98 -17.50 17.46
N LEU B 62 -27.20 -18.11 16.58
CA LEU B 62 -25.74 -18.04 16.64
C LEU B 62 -25.22 -16.84 15.85
N THR B 63 -24.24 -16.15 16.43
CA THR B 63 -23.48 -15.12 15.75
C THR B 63 -22.05 -15.60 15.71
N VAL B 64 -21.42 -15.47 14.54
CA VAL B 64 -20.05 -15.88 14.36
C VAL B 64 -19.28 -14.71 13.73
N ASN B 65 -18.14 -14.36 14.33
CA ASN B 65 -17.26 -13.33 13.79
C ASN B 65 -18.04 -12.03 13.59
N PRO B 66 -18.59 -11.43 14.64
CA PRO B 66 -19.37 -10.20 14.44
C PRO B 66 -18.54 -9.03 13.91
N ALA B 67 -19.24 -8.02 13.41
CA ALA B 67 -18.64 -6.80 12.89
C ALA B 67 -19.28 -5.57 13.57
N LYS B 68 -19.28 -5.60 14.90
CA LYS B 68 -19.72 -4.50 15.74
C LYS B 68 -19.10 -4.70 17.12
N ALA B 69 -19.12 -3.66 17.96
CA ALA B 69 -18.82 -3.83 19.36
C ALA B 69 -19.99 -3.31 20.21
N CYS B 70 -19.74 -3.14 21.53
CA CYS B 70 -20.79 -2.75 22.47
C CYS B 70 -20.71 -1.27 22.82
N GLN B 71 -21.87 -0.76 23.24
CA GLN B 71 -22.08 0.66 23.50
C GLN B 71 -20.93 1.31 24.27
N PRO B 72 -20.52 0.87 25.47
CA PRO B 72 -19.57 1.66 26.25
C PRO B 72 -18.25 1.95 25.54
N LEU B 73 -17.90 1.13 24.53
CA LEU B 73 -16.71 1.39 23.75
C LEU B 73 -16.84 2.77 23.13
N GLY B 74 -18.04 3.06 22.61
CA GLY B 74 -18.31 4.32 21.93
C GLY B 74 -18.40 5.48 22.90
N ALA B 75 -18.93 5.22 24.10
CA ALA B 75 -19.05 6.23 25.14
C ALA B 75 -17.66 6.71 25.55
N VAL B 76 -16.73 5.77 25.70
CA VAL B 76 -15.36 6.12 26.05
C VAL B 76 -14.76 7.03 24.97
N LEU B 77 -14.88 6.68 23.69
CA LEU B 77 -14.23 7.45 22.63
C LEU B 77 -14.78 8.87 22.61
N CYS B 78 -16.10 8.98 22.71
CA CYS B 78 -16.77 10.27 22.80
C CYS B 78 -16.18 11.10 23.95
N ALA B 79 -16.14 10.52 25.15
CA ALA B 79 -15.63 11.21 26.33
C ALA B 79 -14.18 11.69 26.11
N LEU B 80 -13.34 10.87 25.46
CA LEU B 80 -11.93 11.20 25.23
C LEU B 80 -11.76 12.52 24.48
N GLY B 81 -12.84 12.99 23.85
CA GLY B 81 -12.82 14.15 22.97
C GLY B 81 -13.09 15.46 23.69
N PHE B 82 -13.12 15.42 25.04
CA PHE B 82 -13.44 16.59 25.86
C PHE B 82 -12.24 16.93 26.71
N GLU B 83 -11.95 18.22 26.88
CA GLU B 83 -10.72 18.67 27.52
C GLU B 83 -10.65 18.17 28.97
N LYS B 84 -9.50 17.60 29.33
CA LYS B 84 -9.20 17.08 30.65
C LYS B 84 -10.36 16.24 31.16
N THR B 85 -10.88 15.39 30.29
CA THR B 85 -12.01 14.55 30.67
C THR B 85 -11.49 13.13 30.86
N MET B 86 -11.86 12.52 32.01
CA MET B 86 -11.64 11.11 32.23
C MET B 86 -12.91 10.34 31.90
N PRO B 87 -12.85 9.35 30.97
CA PRO B 87 -13.93 8.37 30.81
C PRO B 87 -14.00 7.47 32.02
N TYR B 88 -15.23 7.26 32.47
CA TYR B 88 -15.52 6.53 33.71
C TYR B 88 -16.67 5.58 33.42
N VAL B 89 -16.44 4.27 33.58
CA VAL B 89 -17.47 3.30 33.23
C VAL B 89 -17.91 2.62 34.52
N HIS B 90 -19.15 2.96 34.92
CA HIS B 90 -19.77 2.45 36.14
C HIS B 90 -20.14 1.00 35.89
N GLY B 91 -19.58 0.08 36.68
CA GLY B 91 -19.83 -1.34 36.47
C GLY B 91 -18.56 -2.16 36.66
N SER B 92 -18.39 -3.19 35.83
CA SER B 92 -17.36 -4.20 36.06
C SER B 92 -16.06 -3.77 35.37
N GLN B 93 -14.91 -4.12 35.94
CA GLN B 93 -13.62 -3.59 35.48
C GLN B 93 -13.08 -4.33 34.25
N GLY B 94 -13.52 -5.56 34.02
CA GLY B 94 -13.04 -6.35 32.90
C GLY B 94 -13.27 -5.61 31.59
N CYS B 95 -14.42 -4.92 31.54
CA CYS B 95 -14.84 -4.14 30.41
C CYS B 95 -13.79 -3.08 30.07
N VAL B 96 -13.32 -2.34 31.07
CA VAL B 96 -12.46 -1.18 30.82
C VAL B 96 -11.09 -1.67 30.36
N ALA B 97 -10.63 -2.81 30.89
CA ALA B 97 -9.40 -3.42 30.41
C ALA B 97 -9.51 -3.68 28.90
N TYR B 98 -10.66 -4.19 28.47
CA TYR B 98 -10.84 -4.49 27.05
C TYR B 98 -10.95 -3.23 26.22
N PHE B 99 -11.73 -2.26 26.68
CA PHE B 99 -11.93 -1.07 25.87
C PHE B 99 -10.57 -0.42 25.59
N ARG B 100 -9.73 -0.36 26.63
CA ARG B 100 -8.45 0.32 26.54
C ARG B 100 -7.54 -0.43 25.55
N SER B 101 -7.47 -1.76 25.68
CA SER B 101 -6.64 -2.60 24.81
C SER B 101 -7.04 -2.45 23.35
N TYR B 102 -8.35 -2.50 23.11
CA TYR B 102 -8.89 -2.44 21.77
C TYR B 102 -8.43 -1.14 21.10
N PHE B 103 -8.58 0.00 21.81
CA PHE B 103 -8.13 1.28 21.26
C PHE B 103 -6.60 1.37 21.23
N ASN B 104 -5.90 0.84 22.25
CA ASN B 104 -4.44 0.88 22.25
C ASN B 104 -3.92 0.24 20.95
N ARG B 105 -4.52 -0.87 20.55
CA ARG B 105 -4.02 -1.65 19.42
C ARG B 105 -4.32 -0.95 18.09
N HIS B 106 -5.44 -0.22 18.00
CA HIS B 106 -5.80 0.51 16.79
C HIS B 106 -4.94 1.77 16.64
N PHE B 107 -4.80 2.54 17.74
CA PHE B 107 -4.16 3.84 17.66
C PHE B 107 -2.65 3.80 18.02
N ARG B 108 -2.20 2.74 18.67
CA ARG B 108 -0.82 2.66 19.16
C ARG B 108 -0.48 3.87 20.02
N GLU B 109 -1.37 4.11 20.98
CA GLU B 109 -1.33 5.25 21.89
C GLU B 109 -1.89 4.79 23.23
N PRO B 110 -1.60 5.54 24.32
CA PRO B 110 -2.25 5.28 25.62
C PRO B 110 -3.72 5.60 25.46
N VAL B 111 -4.55 4.99 26.30
CA VAL B 111 -5.97 5.27 26.30
C VAL B 111 -6.41 5.28 27.75
N SER B 112 -6.83 6.44 28.25
CA SER B 112 -7.11 6.58 29.67
C SER B 112 -8.61 6.39 29.94
N CYS B 113 -8.91 5.49 30.90
CA CYS B 113 -10.28 5.16 31.28
C CYS B 113 -10.28 4.46 32.64
N VAL B 114 -11.28 4.73 33.48
CA VAL B 114 -11.38 4.08 34.77
C VAL B 114 -12.68 3.29 34.89
N SER B 115 -12.62 2.26 35.76
CA SER B 115 -13.79 1.54 36.22
CA SER B 115 -13.79 1.54 36.22
C SER B 115 -14.04 1.86 37.69
N ASP B 116 -15.26 1.56 38.17
CA ASP B 116 -15.51 1.60 39.61
C ASP B 116 -15.62 0.18 40.18
N SER B 117 -15.31 -0.84 39.36
CA SER B 117 -14.95 -2.15 39.87
C SER B 117 -16.05 -2.72 40.75
N MET B 118 -17.29 -2.69 40.24
CA MET B 118 -18.42 -3.35 40.89
C MET B 118 -18.18 -4.86 40.87
N THR B 119 -18.41 -5.53 42.02
CA THR B 119 -18.23 -6.97 42.18
C THR B 119 -19.55 -7.67 42.58
N GLU B 120 -19.45 -8.96 42.95
CA GLU B 120 -20.63 -9.70 43.40
C GLU B 120 -21.36 -8.97 44.54
N ASP B 121 -20.59 -8.40 45.49
CA ASP B 121 -21.11 -7.62 46.61
C ASP B 121 -22.14 -6.59 46.14
N ALA B 122 -21.91 -6.00 44.96
CA ALA B 122 -22.77 -4.95 44.44
C ALA B 122 -23.89 -5.52 43.59
N ALA B 123 -23.94 -6.83 43.39
CA ALA B 123 -24.84 -7.44 42.41
C ALA B 123 -26.28 -7.40 42.89
N VAL B 124 -26.49 -7.32 44.21
CA VAL B 124 -27.82 -7.27 44.78
C VAL B 124 -28.11 -5.84 45.23
N PHE B 125 -27.16 -5.26 46.00
CA PHE B 125 -27.33 -3.95 46.62
C PHE B 125 -27.10 -2.81 45.64
N GLY B 126 -26.39 -3.05 44.53
CA GLY B 126 -26.11 -1.99 43.57
C GLY B 126 -24.80 -1.28 43.90
N GLY B 127 -24.40 -0.35 43.03
CA GLY B 127 -23.05 0.18 43.01
C GLY B 127 -22.92 1.59 43.55
N GLN B 128 -23.79 2.01 44.48
CA GLN B 128 -23.83 3.38 44.98
C GLN B 128 -22.50 3.77 45.64
N GLN B 129 -21.96 2.87 46.46
CA GLN B 129 -20.72 3.11 47.17
C GLN B 129 -19.56 3.13 46.19
N ASN B 130 -19.63 2.26 45.17
CA ASN B 130 -18.62 2.25 44.12
C ASN B 130 -18.58 3.63 43.47
N MET B 131 -19.75 4.21 43.18
CA MET B 131 -19.81 5.51 42.54
C MET B 131 -19.21 6.59 43.44
N LYS B 132 -19.50 6.55 44.75
CA LYS B 132 -19.03 7.58 45.67
C LYS B 132 -17.50 7.56 45.75
N ASP B 133 -16.95 6.39 46.11
CA ASP B 133 -15.52 6.22 46.28
C ASP B 133 -14.78 6.38 44.96
N GLY B 134 -15.41 5.90 43.88
CA GLY B 134 -14.82 5.92 42.55
C GLY B 134 -14.62 7.34 42.06
N LEU B 135 -15.69 8.14 42.08
CA LEU B 135 -15.60 9.54 41.68
C LEU B 135 -14.53 10.26 42.50
N GLN B 136 -14.47 10.00 43.81
CA GLN B 136 -13.56 10.74 44.64
C GLN B 136 -12.12 10.30 44.33
N ASN B 137 -11.91 8.99 44.22
CA ASN B 137 -10.60 8.46 43.89
C ASN B 137 -10.08 8.94 42.52
N CYS B 138 -10.96 8.89 41.53
CA CYS B 138 -10.63 9.28 40.16
C CYS B 138 -10.20 10.74 40.13
N LYS B 139 -11.02 11.61 40.71
CA LYS B 139 -10.74 13.03 40.75
C LYS B 139 -9.39 13.34 41.41
N ALA B 140 -9.06 12.66 42.52
CA ALA B 140 -7.84 12.97 43.23
C ALA B 140 -6.65 12.36 42.53
N THR B 141 -6.83 11.15 41.96
CA THR B 141 -5.69 10.42 41.47
C THR B 141 -5.23 10.98 40.12
N TYR B 142 -6.18 11.28 39.23
CA TYR B 142 -5.87 11.62 37.82
C TYR B 142 -6.21 13.07 37.49
N LYS B 143 -6.79 13.82 38.43
CA LYS B 143 -7.01 15.26 38.36
C LYS B 143 -7.67 15.66 37.04
N PRO B 144 -8.75 14.99 36.61
CA PRO B 144 -9.50 15.47 35.45
C PRO B 144 -10.29 16.70 35.87
N ASP B 145 -10.74 17.49 34.89
CA ASP B 145 -11.67 18.57 35.16
C ASP B 145 -13.11 18.08 34.95
N MET B 146 -13.25 16.92 34.32
CA MET B 146 -14.57 16.36 34.06
C MET B 146 -14.48 14.85 34.06
N ILE B 147 -15.50 14.20 34.64
CA ILE B 147 -15.61 12.76 34.60
C ILE B 147 -16.92 12.43 33.88
N ALA B 148 -16.80 11.71 32.76
CA ALA B 148 -17.95 11.36 31.93
C ALA B 148 -18.29 9.90 32.17
N VAL B 149 -19.50 9.67 32.72
CA VAL B 149 -19.89 8.38 33.28
C VAL B 149 -20.75 7.63 32.25
N SER B 150 -20.40 6.37 32.03
CA SER B 150 -21.17 5.44 31.21
C SER B 150 -21.28 4.15 32.01
N THR B 151 -21.84 3.06 31.42
CA THR B 151 -22.17 1.85 32.17
C THR B 151 -21.77 0.59 31.43
N THR B 152 -21.44 -0.44 32.23
CA THR B 152 -21.32 -1.81 31.74
C THR B 152 -22.68 -2.52 31.90
N CYS B 153 -22.79 -3.70 31.28
CA CYS B 153 -24.06 -4.41 31.22
C CYS B 153 -24.51 -4.86 32.61
N MET B 154 -23.57 -5.23 33.51
CA MET B 154 -23.91 -5.53 34.90
C MET B 154 -24.77 -4.43 35.53
N ALA B 155 -24.31 -3.17 35.45
CA ALA B 155 -24.99 -2.05 36.08
C ALA B 155 -26.33 -1.80 35.42
N GLU B 156 -26.39 -2.02 34.11
CA GLU B 156 -27.65 -1.86 33.41
C GLU B 156 -28.64 -2.93 33.86
N VAL B 157 -28.17 -4.18 34.01
CA VAL B 157 -29.06 -5.29 34.36
C VAL B 157 -29.62 -5.04 35.75
N ILE B 158 -28.74 -4.68 36.67
CA ILE B 158 -29.09 -4.48 38.07
C ILE B 158 -29.98 -3.26 38.23
N GLY B 159 -29.83 -2.27 37.34
CA GLY B 159 -30.71 -1.10 37.27
C GLY B 159 -30.24 0.08 38.13
N ASP B 160 -28.94 0.24 38.36
CA ASP B 160 -28.41 1.37 39.12
C ASP B 160 -28.91 2.68 38.53
N ASP B 161 -29.38 3.57 39.43
CA ASP B 161 -29.82 4.90 39.00
C ASP B 161 -28.62 5.83 39.05
N LEU B 162 -28.04 6.13 37.88
CA LEU B 162 -26.82 6.93 37.82
C LEU B 162 -27.06 8.35 38.34
N ASN B 163 -28.19 8.92 37.92
CA ASN B 163 -28.54 10.28 38.26
C ASN B 163 -28.53 10.45 39.78
N ALA B 164 -29.23 9.54 40.47
CA ALA B 164 -29.32 9.57 41.92
C ALA B 164 -27.97 9.34 42.58
N PHE B 165 -27.22 8.36 42.10
CA PHE B 165 -25.94 8.00 42.69
C PHE B 165 -24.94 9.16 42.61
N ILE B 166 -24.91 9.86 41.46
CA ILE B 166 -24.01 10.98 41.26
C ILE B 166 -24.45 12.15 42.14
N ASN B 167 -25.77 12.43 42.16
CA ASN B 167 -26.30 13.51 42.97
C ASN B 167 -26.04 13.22 44.45
N ASN B 168 -26.13 11.95 44.87
CA ASN B 168 -25.84 11.61 46.25
C ASN B 168 -24.34 11.70 46.55
N SER B 169 -23.48 11.44 45.53
CA SER B 169 -22.04 11.55 45.69
C SER B 169 -21.68 13.00 46.01
N LYS B 170 -22.44 13.91 45.40
CA LYS B 170 -22.22 15.33 45.57
C LYS B 170 -22.74 15.79 46.94
N LYS B 171 -24.01 15.49 47.23
CA LYS B 171 -24.63 15.81 48.51
C LYS B 171 -23.76 15.36 49.69
N GLU B 172 -23.06 14.22 49.60
CA GLU B 172 -22.31 13.70 50.74
C GLU B 172 -20.81 14.01 50.68
N GLY B 173 -20.39 14.84 49.72
CA GLY B 173 -19.05 15.43 49.73
C GLY B 173 -17.94 14.53 49.14
N PHE B 174 -18.29 13.50 48.36
CA PHE B 174 -17.28 12.71 47.65
C PHE B 174 -16.64 13.55 46.54
N ILE B 175 -17.44 14.31 45.80
CA ILE B 175 -16.96 15.30 44.84
C ILE B 175 -17.73 16.60 45.02
N PRO B 176 -17.15 17.75 44.60
CA PRO B 176 -17.83 19.02 44.73
C PRO B 176 -19.11 19.06 43.93
N ASP B 177 -20.03 19.91 44.38
CA ASP B 177 -21.32 20.08 43.73
C ASP B 177 -21.15 20.58 42.30
N GLU B 178 -20.19 21.48 42.08
CA GLU B 178 -20.07 22.14 40.79
C GLU B 178 -19.10 21.38 39.86
N PHE B 179 -18.56 20.22 40.30
CA PHE B 179 -17.67 19.45 39.46
C PHE B 179 -18.51 18.72 38.39
N PRO B 180 -18.17 18.84 37.09
CA PRO B 180 -18.98 18.24 36.02
C PRO B 180 -18.89 16.72 35.88
N VAL B 181 -20.05 16.06 36.06
CA VAL B 181 -20.19 14.62 35.95
C VAL B 181 -21.42 14.31 35.10
N PRO B 182 -21.34 14.54 33.77
CA PRO B 182 -22.38 14.10 32.85
C PRO B 182 -22.36 12.59 32.77
N PHE B 183 -23.49 12.00 32.39
CA PHE B 183 -23.60 10.55 32.41
C PHE B 183 -24.53 10.08 31.31
N ALA B 184 -24.43 8.77 31.01
CA ALA B 184 -25.38 8.11 30.11
C ALA B 184 -25.45 6.63 30.44
N HIS B 185 -26.66 6.08 30.34
CA HIS B 185 -26.84 4.64 30.29
C HIS B 185 -26.38 4.15 28.93
N THR B 186 -25.46 3.18 28.92
CA THR B 186 -24.92 2.63 27.69
C THR B 186 -25.04 1.11 27.72
N PRO B 187 -26.28 0.55 27.59
CA PRO B 187 -26.46 -0.90 27.60
C PRO B 187 -25.92 -1.62 26.35
N SER B 188 -25.10 -2.62 26.61
CA SER B 188 -24.34 -3.30 25.58
C SER B 188 -25.25 -4.19 24.76
N PHE B 189 -26.43 -4.47 25.26
CA PHE B 189 -27.37 -5.37 24.62
C PHE B 189 -28.41 -4.55 23.86
N VAL B 190 -28.14 -3.26 23.68
CA VAL B 190 -28.87 -2.40 22.77
C VAL B 190 -27.89 -1.82 21.76
N GLY B 191 -28.26 -1.83 20.47
CA GLY B 191 -27.50 -1.22 19.38
C GLY B 191 -26.05 -1.70 19.38
N SER B 192 -25.12 -0.75 19.34
CA SER B 192 -23.71 -1.11 19.27
C SER B 192 -22.86 0.04 19.81
N HIS B 193 -21.53 -0.05 19.58
CA HIS B 193 -20.58 0.97 19.99
C HIS B 193 -21.03 2.37 19.55
N VAL B 194 -21.56 2.50 18.34
CA VAL B 194 -21.95 3.81 17.83
C VAL B 194 -23.11 4.35 18.66
N THR B 195 -23.99 3.46 19.15
CA THR B 195 -25.10 3.90 19.97
C THR B 195 -24.56 4.49 21.26
N GLY B 196 -23.49 3.90 21.77
CA GLY B 196 -22.86 4.35 23.01
C GLY B 196 -22.34 5.78 22.88
N TRP B 197 -21.77 6.09 21.70
CA TRP B 197 -21.24 7.41 21.41
C TRP B 197 -22.39 8.42 21.40
N ASP B 198 -23.47 8.10 20.70
CA ASP B 198 -24.65 8.93 20.66
C ASP B 198 -25.16 9.25 22.07
N ASN B 199 -25.29 8.21 22.89
CA ASN B 199 -25.85 8.31 24.22
C ASN B 199 -24.94 9.17 25.11
N MET B 200 -23.62 8.95 25.02
CA MET B 200 -22.67 9.70 25.82
C MET B 200 -22.70 11.17 25.41
N PHE B 201 -22.70 11.42 24.10
CA PHE B 201 -22.67 12.77 23.58
C PHE B 201 -23.91 13.53 24.03
N GLU B 202 -25.08 12.92 23.88
CA GLU B 202 -26.32 13.58 24.25
C GLU B 202 -26.32 13.83 25.76
N GLY B 203 -25.76 12.90 26.53
CA GLY B 203 -25.61 13.13 27.97
C GLY B 203 -24.80 14.39 28.31
N ILE B 204 -23.69 14.61 27.60
CA ILE B 204 -22.81 15.71 27.91
C ILE B 204 -23.48 17.00 27.45
N ALA B 205 -24.13 16.95 26.27
CA ALA B 205 -24.85 18.12 25.75
C ALA B 205 -25.94 18.56 26.73
N ARG B 206 -26.68 17.59 27.28
CA ARG B 206 -27.73 17.86 28.23
C ARG B 206 -27.13 18.48 29.49
N TYR B 207 -26.01 17.92 29.96
CA TYR B 207 -25.44 18.37 31.21
C TYR B 207 -25.17 19.87 31.19
N PHE B 208 -24.64 20.41 30.08
CA PHE B 208 -24.22 21.79 30.04
C PHE B 208 -25.24 22.75 29.42
N THR B 209 -26.41 22.26 28.97
CA THR B 209 -27.32 23.13 28.24
C THR B 209 -28.77 23.03 28.72
N LEU B 210 -29.22 21.89 29.25
CA LEU B 210 -30.65 21.71 29.50
C LEU B 210 -31.19 22.75 30.47
N LYS B 211 -30.50 23.04 31.58
CA LYS B 211 -31.06 23.85 32.62
C LYS B 211 -30.81 25.33 32.34
N SER B 212 -30.03 25.67 31.31
CA SER B 212 -29.60 27.04 31.08
C SER B 212 -30.07 27.59 29.73
N MET B 213 -31.21 27.11 29.22
CA MET B 213 -31.70 27.53 27.91
C MET B 213 -32.23 28.96 27.85
N ASP B 214 -32.58 29.56 29.00
CA ASP B 214 -33.27 30.84 29.04
C ASP B 214 -32.54 31.95 28.30
N ASP B 215 -31.21 31.99 28.38
CA ASP B 215 -30.47 33.11 27.82
C ASP B 215 -30.00 32.82 26.39
N LYS B 216 -30.28 31.63 25.84
CA LYS B 216 -29.71 31.25 24.55
C LYS B 216 -30.49 31.88 23.40
N VAL B 217 -29.75 32.28 22.36
CA VAL B 217 -30.30 32.81 21.12
C VAL B 217 -29.58 32.13 19.94
N VAL B 218 -30.36 31.43 19.10
CA VAL B 218 -29.83 30.72 17.94
C VAL B 218 -29.12 31.73 17.02
N GLY B 219 -27.90 31.41 16.63
CA GLY B 219 -27.15 32.21 15.67
C GLY B 219 -26.30 33.29 16.33
N SER B 220 -26.48 33.49 17.63
CA SER B 220 -25.92 34.66 18.27
C SER B 220 -24.39 34.62 18.26
N ASN B 221 -23.76 33.42 18.27
CA ASN B 221 -22.30 33.34 18.31
C ASN B 221 -21.73 33.18 16.90
N LYS B 222 -22.63 33.04 15.92
CA LYS B 222 -22.25 33.08 14.52
C LYS B 222 -21.38 31.88 14.14
N LYS B 223 -21.54 30.74 14.81
CA LYS B 223 -20.77 29.55 14.53
C LYS B 223 -21.65 28.40 14.03
N ILE B 224 -21.01 27.37 13.48
CA ILE B 224 -21.66 26.08 13.25
C ILE B 224 -21.05 25.03 14.20
N ASN B 225 -21.90 24.32 14.93
CA ASN B 225 -21.47 23.12 15.64
C ASN B 225 -21.28 21.97 14.66
N ILE B 226 -20.26 21.15 14.93
CA ILE B 226 -19.95 19.93 14.19
C ILE B 226 -19.89 18.79 15.21
N VAL B 227 -20.74 17.77 15.09
CA VAL B 227 -20.66 16.56 15.88
C VAL B 227 -20.12 15.45 14.98
N PRO B 228 -18.93 14.88 15.26
CA PRO B 228 -18.34 13.90 14.34
C PRO B 228 -18.79 12.46 14.41
N GLY B 229 -19.35 12.09 15.57
CA GLY B 229 -19.67 10.70 15.86
C GLY B 229 -18.43 9.85 16.08
N PHE B 230 -18.65 8.54 16.20
CA PHE B 230 -17.59 7.56 16.38
C PHE B 230 -16.65 7.58 15.18
N GLU B 231 -15.43 8.07 15.38
CA GLU B 231 -14.48 8.30 14.32
C GLU B 231 -13.09 7.87 14.78
N THR B 232 -12.44 6.98 14.00
CA THR B 232 -11.19 6.38 14.44
C THR B 232 -10.06 6.65 13.43
N TYR B 233 -10.28 7.65 12.55
CA TYR B 233 -9.26 8.19 11.68
C TYR B 233 -8.93 9.62 12.12
N LEU B 234 -7.67 9.86 12.54
CA LEU B 234 -7.22 11.19 12.93
C LEU B 234 -7.44 12.20 11.81
N GLY B 235 -7.18 11.76 10.56
CA GLY B 235 -7.27 12.62 9.40
C GLY B 235 -8.67 13.20 9.23
N ASN B 236 -9.68 12.48 9.72
CA ASN B 236 -11.07 12.90 9.50
C ASN B 236 -11.38 14.10 10.37
N PHE B 237 -10.91 14.09 11.61
CA PHE B 237 -11.11 15.24 12.47
C PHE B 237 -10.39 16.42 11.85
N ARG B 238 -9.17 16.16 11.37
CA ARG B 238 -8.30 17.22 10.90
C ARG B 238 -8.79 17.84 9.60
N VAL B 239 -9.28 17.00 8.67
CA VAL B 239 -9.73 17.50 7.37
C VAL B 239 -10.96 18.39 7.54
N ILE B 240 -11.86 18.05 8.45
CA ILE B 240 -13.04 18.88 8.69
C ILE B 240 -12.62 20.26 9.22
N LYS B 241 -11.72 20.27 10.20
CA LYS B 241 -11.23 21.55 10.73
C LYS B 241 -10.53 22.34 9.63
N ARG B 242 -9.78 21.66 8.76
CA ARG B 242 -8.93 22.37 7.81
C ARG B 242 -9.85 23.05 6.79
N MET B 243 -10.89 22.34 6.35
CA MET B 243 -11.77 22.81 5.30
C MET B 243 -12.54 24.01 5.82
N LEU B 244 -13.04 23.92 7.06
CA LEU B 244 -13.83 25.01 7.62
C LEU B 244 -12.94 26.24 7.82
N SER B 245 -11.72 26.04 8.32
CA SER B 245 -10.79 27.15 8.51
C SER B 245 -10.45 27.81 7.18
N GLU B 246 -10.24 27.01 6.13
CA GLU B 246 -9.94 27.54 4.80
C GLU B 246 -11.10 28.40 4.29
N MET B 247 -12.35 28.03 4.61
CA MET B 247 -13.53 28.81 4.24
C MET B 247 -13.73 30.02 5.15
N GLY B 248 -12.99 30.10 6.26
CA GLY B 248 -13.16 31.17 7.23
C GLY B 248 -14.46 31.05 8.01
N VAL B 249 -14.91 29.82 8.24
CA VAL B 249 -16.16 29.51 8.89
C VAL B 249 -15.90 29.33 10.38
N GLY B 250 -16.66 30.04 11.22
CA GLY B 250 -16.53 29.86 12.64
C GLY B 250 -17.25 28.57 13.05
N TYR B 251 -16.58 27.71 13.83
CA TYR B 251 -17.14 26.40 14.12
C TYR B 251 -16.72 25.97 15.51
N SER B 252 -17.46 25.02 16.08
CA SER B 252 -17.08 24.27 17.27
C SER B 252 -17.20 22.79 16.96
N LEU B 253 -16.07 22.08 17.06
CA LEU B 253 -16.09 20.63 16.93
C LEU B 253 -16.38 20.06 18.31
N LEU B 254 -17.54 19.42 18.45
CA LEU B 254 -18.05 18.92 19.71
C LEU B 254 -17.66 17.44 19.87
N SER B 255 -16.60 17.21 20.64
CA SER B 255 -15.90 15.94 20.81
C SER B 255 -14.81 15.82 19.75
N ASP B 256 -13.59 16.13 20.19
CA ASP B 256 -12.42 16.28 19.35
C ASP B 256 -11.24 15.62 20.08
N PRO B 257 -11.02 14.31 19.87
CA PRO B 257 -9.90 13.60 20.49
C PRO B 257 -8.60 13.57 19.72
N GLU B 258 -8.48 14.37 18.64
CA GLU B 258 -7.36 14.18 17.74
C GLU B 258 -6.02 14.48 18.43
N GLU B 259 -5.97 15.40 19.39
CA GLU B 259 -4.74 15.70 20.12
C GLU B 259 -4.36 14.56 21.08
N VAL B 260 -5.31 14.07 21.87
CA VAL B 260 -5.01 13.10 22.90
C VAL B 260 -4.75 11.71 22.30
N LEU B 261 -5.18 11.48 21.05
CA LEU B 261 -4.86 10.23 20.40
C LEU B 261 -3.59 10.35 19.54
N ASP B 262 -2.84 11.45 19.69
CA ASP B 262 -1.64 11.63 18.89
C ASP B 262 -0.62 12.53 19.61
N THR B 263 -0.30 12.22 20.86
CA THR B 263 0.65 13.07 21.56
C THR B 263 2.06 12.75 21.08
N PRO B 264 2.95 13.76 21.08
CA PRO B 264 4.34 13.55 20.70
C PRO B 264 5.09 12.68 21.69
N ALA B 265 6.07 11.95 21.18
CA ALA B 265 6.98 11.20 22.03
C ALA B 265 8.19 12.09 22.24
N ASP B 266 8.12 12.94 23.28
CA ASP B 266 9.13 13.96 23.48
C ASP B 266 9.74 13.88 24.88
N GLY B 267 9.52 12.78 25.62
CA GLY B 267 10.06 12.61 26.96
C GLY B 267 8.99 12.69 28.04
N GLN B 268 7.78 13.11 27.69
CA GLN B 268 6.75 13.26 28.71
C GLN B 268 5.48 12.54 28.28
N PHE B 269 4.82 11.86 29.23
CA PHE B 269 3.49 11.28 29.02
C PHE B 269 2.43 12.32 29.38
N ARG B 270 1.50 12.58 28.47
CA ARG B 270 0.42 13.54 28.64
C ARG B 270 -0.90 12.77 28.66
N MET B 271 -1.49 12.62 29.86
CA MET B 271 -2.74 11.87 29.98
C MET B 271 -3.86 12.58 29.22
N TYR B 272 -3.79 13.92 29.24
CA TYR B 272 -4.81 14.74 28.61
C TYR B 272 -4.15 15.70 27.63
N ALA B 273 -4.84 15.95 26.52
CA ALA B 273 -4.42 16.90 25.48
C ALA B 273 -5.60 17.38 24.63
N GLY B 274 -5.64 18.69 24.41
CA GLY B 274 -6.65 19.30 23.58
C GLY B 274 -8.05 18.97 24.06
N GLY B 275 -8.97 18.83 23.11
CA GLY B 275 -10.35 18.45 23.39
C GLY B 275 -11.27 19.67 23.41
N THR B 276 -12.57 19.38 23.20
CA THR B 276 -13.64 20.36 23.28
C THR B 276 -13.73 20.92 24.69
N THR B 277 -13.81 22.26 24.82
CA THR B 277 -13.88 22.87 26.14
C THR B 277 -15.31 22.78 26.64
N GLN B 278 -15.47 22.88 27.96
CA GLN B 278 -16.79 22.90 28.55
C GLN B 278 -17.51 24.17 28.12
N GLU B 279 -16.76 25.26 27.98
CA GLU B 279 -17.30 26.53 27.53
C GLU B 279 -17.91 26.35 26.14
N GLU B 280 -17.27 25.57 25.26
CA GLU B 280 -17.79 25.35 23.93
C GLU B 280 -19.15 24.65 24.00
N MET B 281 -19.27 23.62 24.83
N MET B 281 -19.27 23.61 24.83
CA MET B 281 -20.53 22.89 24.95
CA MET B 281 -20.53 22.89 24.97
C MET B 281 -21.61 23.79 25.57
C MET B 281 -21.61 23.79 25.57
N LYS B 282 -21.23 24.61 26.57
CA LYS B 282 -22.17 25.52 27.23
C LYS B 282 -22.74 26.54 26.26
N ASP B 283 -21.91 27.01 25.32
CA ASP B 283 -22.25 28.05 24.37
C ASP B 283 -22.86 27.50 23.08
N ALA B 284 -22.86 26.18 22.89
CA ALA B 284 -23.26 25.56 21.64
C ALA B 284 -24.69 25.92 21.20
N PRO B 285 -25.66 26.12 22.12
CA PRO B 285 -27.01 26.51 21.67
C PRO B 285 -27.03 27.85 20.97
N ASN B 286 -25.99 28.68 21.15
CA ASN B 286 -25.90 29.99 20.49
C ASN B 286 -25.38 29.91 19.04
N ALA B 287 -25.03 28.70 18.59
CA ALA B 287 -24.63 28.50 17.20
C ALA B 287 -25.78 28.80 16.24
N LEU B 288 -25.45 29.05 14.97
CA LEU B 288 -26.41 29.16 13.89
C LEU B 288 -27.16 27.84 13.71
N ASN B 289 -26.45 26.72 13.89
CA ASN B 289 -26.97 25.40 13.59
C ASN B 289 -25.95 24.34 13.98
N THR B 290 -26.39 23.08 13.96
CA THR B 290 -25.54 21.93 14.24
C THR B 290 -25.54 20.99 13.03
N VAL B 291 -24.35 20.59 12.59
CA VAL B 291 -24.19 19.60 11.52
C VAL B 291 -23.74 18.27 12.12
N LEU B 292 -24.44 17.18 11.77
CA LEU B 292 -24.07 15.86 12.26
C LEU B 292 -23.37 15.09 11.13
N LEU B 293 -22.08 14.75 11.31
CA LEU B 293 -21.30 14.17 10.25
C LEU B 293 -21.68 12.70 10.03
N GLN B 294 -22.19 12.01 11.05
CA GLN B 294 -22.57 10.61 10.92
C GLN B 294 -23.99 10.44 11.46
N PRO B 295 -25.00 10.97 10.74
CA PRO B 295 -26.37 11.07 11.24
C PRO B 295 -27.01 9.74 11.62
N TRP B 296 -26.62 8.66 10.96
CA TRP B 296 -27.25 7.38 11.24
C TRP B 296 -26.87 6.79 12.60
N HIS B 297 -25.89 7.37 13.32
CA HIS B 297 -25.75 6.97 14.71
C HIS B 297 -25.82 8.16 15.64
N LEU B 298 -26.42 9.27 15.21
CA LEU B 298 -26.58 10.44 16.07
C LEU B 298 -28.05 10.83 16.20
N GLU B 299 -28.96 9.86 16.30
CA GLU B 299 -30.39 10.13 16.28
C GLU B 299 -30.83 10.76 17.60
N LYS B 300 -30.34 10.24 18.73
CA LYS B 300 -30.74 10.80 20.01
C LYS B 300 -30.16 12.22 20.12
N THR B 301 -28.92 12.40 19.67
CA THR B 301 -28.30 13.70 19.72
C THR B 301 -29.16 14.65 18.92
N LYS B 302 -29.59 14.19 17.74
CA LYS B 302 -30.36 15.04 16.84
C LYS B 302 -31.66 15.50 17.49
N LYS B 303 -32.36 14.60 18.18
CA LYS B 303 -33.63 14.92 18.83
C LYS B 303 -33.41 15.95 19.92
N PHE B 304 -32.29 15.83 20.64
CA PHE B 304 -31.99 16.79 21.68
C PHE B 304 -31.69 18.15 21.06
N VAL B 305 -30.84 18.16 20.02
CA VAL B 305 -30.41 19.41 19.42
C VAL B 305 -31.60 20.10 18.74
N GLU B 306 -32.51 19.32 18.13
CA GLU B 306 -33.69 19.92 17.54
C GLU B 306 -34.69 20.38 18.60
N GLY B 307 -34.95 19.54 19.62
CA GLY B 307 -36.00 19.78 20.59
C GLY B 307 -35.67 20.87 21.63
N THR B 308 -34.41 20.99 22.05
CA THR B 308 -34.01 21.89 23.12
C THR B 308 -33.23 23.08 22.58
N TRP B 309 -32.28 22.84 21.66
CA TRP B 309 -31.53 23.94 21.09
C TRP B 309 -32.29 24.67 20.01
N LYS B 310 -33.27 23.99 19.37
CA LYS B 310 -34.09 24.60 18.33
C LYS B 310 -33.25 24.81 17.07
N HIS B 311 -32.28 23.93 16.83
CA HIS B 311 -31.46 24.05 15.63
C HIS B 311 -32.13 23.22 14.52
N GLU B 312 -32.12 23.73 13.29
CA GLU B 312 -32.73 23.02 12.18
C GLU B 312 -31.64 22.23 11.48
N VAL B 313 -31.34 21.07 12.05
CA VAL B 313 -30.21 20.28 11.61
C VAL B 313 -30.39 19.96 10.13
N PRO B 314 -29.43 20.33 9.24
CA PRO B 314 -29.55 20.06 7.82
C PRO B 314 -29.50 18.55 7.58
N LYS B 315 -30.24 18.14 6.55
CA LYS B 315 -30.29 16.75 6.10
C LYS B 315 -29.10 16.51 5.20
N LEU B 316 -27.98 16.06 5.77
CA LEU B 316 -26.74 15.87 5.06
C LEU B 316 -26.27 14.44 5.29
N ASN B 317 -25.79 13.80 4.22
CA ASN B 317 -25.05 12.56 4.38
C ASN B 317 -23.64 12.86 4.90
N ILE B 318 -23.01 11.81 5.46
CA ILE B 318 -21.57 11.84 5.76
C ILE B 318 -20.81 12.41 4.56
N PRO B 319 -19.90 13.39 4.75
CA PRO B 319 -19.22 14.01 3.62
C PRO B 319 -18.07 13.11 3.13
N MET B 320 -18.46 12.01 2.48
CA MET B 320 -17.57 11.09 1.78
C MET B 320 -17.91 11.11 0.31
N GLY B 321 -16.87 11.08 -0.52
CA GLY B 321 -16.99 11.07 -1.97
C GLY B 321 -17.20 12.48 -2.48
N LEU B 322 -17.47 12.59 -3.79
CA LEU B 322 -17.55 13.86 -4.46
C LEU B 322 -18.87 14.55 -4.16
N ASP B 323 -20.00 13.91 -4.49
CA ASP B 323 -21.28 14.59 -4.31
C ASP B 323 -21.49 15.06 -2.87
N TRP B 324 -21.25 14.18 -1.91
CA TRP B 324 -21.62 14.46 -0.53
C TRP B 324 -20.65 15.45 0.10
N THR B 325 -19.40 15.49 -0.35
CA THR B 325 -18.50 16.53 0.10
C THR B 325 -18.98 17.87 -0.45
N ASP B 326 -19.33 17.89 -1.74
CA ASP B 326 -19.87 19.09 -2.37
C ASP B 326 -21.08 19.61 -1.57
N GLU B 327 -21.99 18.73 -1.23
CA GLU B 327 -23.23 19.14 -0.57
C GLU B 327 -22.94 19.65 0.84
N PHE B 328 -21.97 19.06 1.51
CA PHE B 328 -21.61 19.53 2.84
C PHE B 328 -21.07 20.96 2.76
N LEU B 329 -20.18 21.20 1.81
CA LEU B 329 -19.55 22.49 1.69
C LEU B 329 -20.57 23.55 1.27
N MET B 330 -21.52 23.16 0.42
CA MET B 330 -22.50 24.12 -0.06
C MET B 330 -23.43 24.51 1.08
N LYS B 331 -23.81 23.52 1.91
CA LYS B 331 -24.67 23.78 3.06
C LYS B 331 -23.94 24.64 4.10
N VAL B 332 -22.67 24.35 4.37
CA VAL B 332 -21.90 25.14 5.31
C VAL B 332 -21.79 26.57 4.79
N SER B 333 -21.57 26.72 3.47
CA SER B 333 -21.57 28.03 2.82
C SER B 333 -22.89 28.80 3.05
N GLU B 334 -24.02 28.12 2.87
CA GLU B 334 -25.32 28.73 3.01
C GLU B 334 -25.51 29.23 4.45
N ILE B 335 -25.20 28.37 5.42
CA ILE B 335 -25.49 28.64 6.83
C ILE B 335 -24.59 29.78 7.31
N SER B 336 -23.33 29.77 6.88
CA SER B 336 -22.32 30.67 7.40
C SER B 336 -22.28 31.98 6.61
N GLY B 337 -22.69 31.95 5.34
CA GLY B 337 -22.50 33.09 4.46
C GLY B 337 -21.10 33.15 3.88
N GLN B 338 -20.28 32.15 4.17
CA GLN B 338 -18.93 32.15 3.63
C GLN B 338 -18.96 31.49 2.26
N PRO B 339 -18.37 32.10 1.22
CA PRO B 339 -18.27 31.46 -0.09
C PRO B 339 -17.26 30.31 -0.01
N ILE B 340 -17.41 29.32 -0.90
CA ILE B 340 -16.44 28.24 -1.01
C ILE B 340 -15.21 28.77 -1.72
N PRO B 341 -14.02 28.77 -1.09
CA PRO B 341 -12.85 29.45 -1.64
C PRO B 341 -12.10 28.73 -2.76
N ALA B 342 -11.24 29.46 -3.44
CA ALA B 342 -10.58 28.91 -4.62
C ALA B 342 -9.76 27.66 -4.27
N SER B 343 -9.21 27.57 -3.05
CA SER B 343 -8.39 26.44 -2.65
C SER B 343 -9.19 25.13 -2.66
N LEU B 344 -10.42 25.17 -2.14
CA LEU B 344 -11.27 24.00 -2.08
C LEU B 344 -11.77 23.62 -3.47
N THR B 345 -12.03 24.65 -4.29
CA THR B 345 -12.43 24.44 -5.67
C THR B 345 -11.35 23.69 -6.45
N LYS B 346 -10.09 24.09 -6.25
CA LYS B 346 -8.98 23.45 -6.91
C LYS B 346 -8.78 22.02 -6.40
N GLU B 347 -8.87 21.85 -5.07
CA GLU B 347 -8.74 20.55 -4.47
C GLU B 347 -9.79 19.60 -5.08
N ARG B 348 -11.05 20.05 -5.17
CA ARG B 348 -12.10 19.25 -5.81
C ARG B 348 -11.68 18.80 -7.22
N GLY B 349 -11.21 19.75 -8.05
CA GLY B 349 -10.87 19.43 -9.41
C GLY B 349 -9.67 18.49 -9.53
N ARG B 350 -8.77 18.52 -8.54
CA ARG B 350 -7.67 17.58 -8.48
C ARG B 350 -8.16 16.17 -8.20
N LEU B 351 -9.15 16.03 -7.33
CA LEU B 351 -9.80 14.75 -7.13
C LEU B 351 -10.40 14.27 -8.45
N VAL B 352 -11.10 15.15 -9.14
CA VAL B 352 -11.76 14.72 -10.38
C VAL B 352 -10.70 14.36 -11.41
N ASP B 353 -9.61 15.13 -11.50
CA ASP B 353 -8.49 14.71 -12.34
C ASP B 353 -8.09 13.26 -12.03
N MET B 354 -7.90 12.96 -10.74
CA MET B 354 -7.49 11.61 -10.37
C MET B 354 -8.50 10.58 -10.84
N MET B 355 -9.80 10.90 -10.73
CA MET B 355 -10.84 10.00 -11.17
C MET B 355 -10.72 9.72 -12.66
N THR B 356 -10.51 10.76 -13.47
CA THR B 356 -10.40 10.55 -14.90
C THR B 356 -9.16 9.71 -15.22
N ASP B 357 -8.07 9.91 -14.46
CA ASP B 357 -6.81 9.24 -14.73
C ASP B 357 -6.89 7.75 -14.40
N SER B 358 -7.75 7.39 -13.44
CA SER B 358 -7.72 6.04 -12.87
C SER B 358 -8.96 5.21 -13.26
N HIS B 359 -9.91 5.82 -13.99
CA HIS B 359 -11.22 5.20 -14.17
C HIS B 359 -11.13 3.84 -14.85
N THR B 360 -10.13 3.60 -15.71
CA THR B 360 -10.16 2.39 -16.54
C THR B 360 -9.91 1.16 -15.67
N TRP B 361 -9.05 1.30 -14.66
CA TRP B 361 -8.74 0.19 -13.76
C TRP B 361 -9.87 -0.05 -12.76
N LEU B 362 -10.61 1.02 -12.43
CA LEU B 362 -11.64 0.94 -11.40
C LEU B 362 -12.93 0.35 -11.96
N HIS B 363 -13.16 0.51 -13.27
CA HIS B 363 -14.47 0.31 -13.86
C HIS B 363 -14.89 -1.16 -13.73
N GLY B 364 -16.06 -1.39 -13.14
CA GLY B 364 -16.63 -2.73 -13.05
C GLY B 364 -16.05 -3.58 -11.93
N LYS B 365 -15.08 -3.07 -11.16
CA LYS B 365 -14.51 -3.88 -10.09
C LYS B 365 -15.57 -4.14 -9.01
N ARG B 366 -15.56 -5.37 -8.51
CA ARG B 366 -16.59 -5.86 -7.61
C ARG B 366 -16.02 -5.95 -6.19
N PHE B 367 -16.75 -5.37 -5.22
CA PHE B 367 -16.32 -5.23 -3.85
C PHE B 367 -17.34 -5.83 -2.89
N ALA B 368 -16.83 -6.60 -1.93
CA ALA B 368 -17.51 -6.82 -0.65
C ALA B 368 -17.03 -5.80 0.37
N LEU B 369 -17.89 -5.36 1.26
CA LEU B 369 -17.48 -4.35 2.22
C LEU B 369 -18.37 -4.39 3.46
N TRP B 370 -17.78 -3.92 4.57
CA TRP B 370 -18.50 -3.80 5.84
C TRP B 370 -17.96 -2.68 6.70
N GLY B 371 -18.68 -2.40 7.79
CA GLY B 371 -18.37 -1.30 8.68
C GLY B 371 -19.62 -0.75 9.36
N ASP B 372 -19.48 0.47 9.90
CA ASP B 372 -20.58 1.15 10.57
C ASP B 372 -21.47 1.79 9.51
N PRO B 373 -22.77 2.06 9.82
CA PRO B 373 -23.72 2.48 8.80
C PRO B 373 -23.28 3.67 7.93
N ASP B 374 -22.87 4.77 8.56
CA ASP B 374 -22.54 5.97 7.78
C ASP B 374 -21.30 5.75 6.90
N PHE B 375 -20.27 5.12 7.49
CA PHE B 375 -19.04 4.79 6.77
C PHE B 375 -19.41 3.93 5.55
N VAL B 376 -20.23 2.90 5.76
CA VAL B 376 -20.53 1.95 4.71
C VAL B 376 -21.23 2.68 3.57
N MET B 377 -22.20 3.53 3.90
CA MET B 377 -22.96 4.13 2.82
C MET B 377 -22.11 5.13 2.07
N GLY B 378 -21.16 5.82 2.75
CA GLY B 378 -20.26 6.74 2.06
C GLY B 378 -19.31 6.00 1.11
N LEU B 379 -18.84 4.85 1.55
CA LEU B 379 -18.00 4.02 0.73
C LEU B 379 -18.77 3.51 -0.49
N VAL B 380 -20.01 3.07 -0.27
CA VAL B 380 -20.91 2.67 -1.34
C VAL B 380 -21.06 3.78 -2.35
N LYS B 381 -21.39 4.97 -1.87
CA LYS B 381 -21.61 6.13 -2.73
C LYS B 381 -20.37 6.40 -3.59
N PHE B 382 -19.20 6.40 -2.96
CA PHE B 382 -18.00 6.75 -3.69
C PHE B 382 -17.66 5.66 -4.71
N LEU B 383 -17.84 4.40 -4.33
CA LEU B 383 -17.61 3.31 -5.27
C LEU B 383 -18.49 3.51 -6.51
N LEU B 384 -19.75 3.94 -6.34
CA LEU B 384 -20.61 4.18 -7.48
C LEU B 384 -20.09 5.34 -8.32
N GLU B 385 -19.58 6.39 -7.67
CA GLU B 385 -19.01 7.52 -8.36
C GLU B 385 -17.79 7.11 -9.18
N LEU B 386 -17.12 6.01 -8.80
CA LEU B 386 -15.89 5.57 -9.48
C LEU B 386 -16.18 4.53 -10.57
N GLY B 387 -17.43 4.11 -10.68
CA GLY B 387 -17.74 3.09 -11.68
C GLY B 387 -17.45 1.67 -11.17
N CYS B 388 -17.37 1.50 -9.85
CA CYS B 388 -17.16 0.19 -9.26
C CYS B 388 -18.51 -0.37 -8.83
N GLU B 389 -18.59 -1.71 -8.70
CA GLU B 389 -19.80 -2.39 -8.30
C GLU B 389 -19.70 -2.95 -6.88
N PRO B 390 -20.35 -2.33 -5.89
CA PRO B 390 -20.38 -2.93 -4.55
C PRO B 390 -21.37 -4.07 -4.31
N VAL B 391 -20.95 -5.33 -4.56
N VAL B 391 -20.95 -5.32 -4.54
CA VAL B 391 -21.81 -6.48 -4.67
CA VAL B 391 -21.86 -6.44 -4.68
C VAL B 391 -22.38 -6.91 -3.32
C VAL B 391 -22.38 -6.92 -3.32
N HIS B 392 -21.51 -7.02 -2.30
CA HIS B 392 -21.92 -7.48 -0.97
C HIS B 392 -21.71 -6.36 0.04
N ILE B 393 -22.81 -5.80 0.57
CA ILE B 393 -22.73 -4.66 1.45
C ILE B 393 -23.27 -5.06 2.81
N LEU B 394 -22.36 -5.17 3.81
CA LEU B 394 -22.75 -5.71 5.10
C LEU B 394 -22.58 -4.68 6.20
N CYS B 395 -23.65 -4.50 6.97
CA CYS B 395 -23.62 -3.64 8.13
C CYS B 395 -24.28 -4.37 9.31
N HIS B 396 -23.46 -5.00 10.17
CA HIS B 396 -23.96 -5.88 11.21
C HIS B 396 -24.89 -5.10 12.13
N ASN B 397 -24.48 -3.86 12.47
CA ASN B 397 -25.24 -2.98 13.35
C ASN B 397 -26.14 -2.03 12.57
N GLY B 398 -26.53 -2.38 11.35
CA GLY B 398 -27.43 -1.54 10.55
C GLY B 398 -28.91 -1.84 10.83
N ASN B 399 -29.82 -0.93 10.47
CA ASN B 399 -31.25 -1.16 10.65
C ASN B 399 -32.00 -1.09 9.32
N LYS B 400 -33.32 -1.37 9.35
CA LYS B 400 -34.16 -1.37 8.16
C LYS B 400 -34.24 -0.01 7.48
N ARG B 401 -34.34 1.10 8.24
CA ARG B 401 -34.44 2.41 7.63
CA ARG B 401 -34.44 2.42 7.62
C ARG B 401 -33.15 2.74 6.86
N TRP B 402 -32.01 2.36 7.44
CA TRP B 402 -30.73 2.60 6.80
C TRP B 402 -30.61 1.79 5.50
N LYS B 403 -30.93 0.50 5.57
CA LYS B 403 -30.87 -0.39 4.42
C LYS B 403 -31.70 0.15 3.29
N LYS B 404 -32.85 0.75 3.61
CA LYS B 404 -33.72 1.30 2.58
C LYS B 404 -33.06 2.50 1.94
N ALA B 405 -32.39 3.35 2.75
CA ALA B 405 -31.71 4.51 2.18
C ALA B 405 -30.59 4.06 1.25
N VAL B 406 -29.87 3.00 1.63
CA VAL B 406 -28.75 2.52 0.82
C VAL B 406 -29.30 1.88 -0.45
N ASP B 407 -30.35 1.06 -0.32
CA ASP B 407 -31.00 0.46 -1.49
C ASP B 407 -31.42 1.51 -2.52
N ALA B 408 -31.87 2.69 -2.08
CA ALA B 408 -32.23 3.76 -3.01
C ALA B 408 -31.01 4.41 -3.67
N ILE B 409 -29.90 4.54 -2.93
CA ILE B 409 -28.65 5.01 -3.52
C ILE B 409 -28.21 4.06 -4.65
N LEU B 410 -28.26 2.76 -4.36
CA LEU B 410 -27.90 1.75 -5.33
C LEU B 410 -28.84 1.80 -6.52
N ALA B 411 -30.13 2.04 -6.28
CA ALA B 411 -31.09 1.95 -7.37
C ALA B 411 -30.95 3.15 -8.30
N ALA B 412 -30.26 4.21 -7.88
CA ALA B 412 -30.12 5.39 -8.74
C ALA B 412 -28.88 5.30 -9.62
N SER B 413 -28.12 4.22 -9.50
CA SER B 413 -26.93 4.04 -10.32
C SER B 413 -26.98 2.70 -11.03
N PRO B 414 -26.49 2.64 -12.29
CA PRO B 414 -26.30 1.37 -12.98
C PRO B 414 -25.29 0.44 -12.32
N TYR B 415 -24.37 1.03 -11.52
CA TYR B 415 -23.32 0.24 -10.89
C TYR B 415 -23.87 -0.48 -9.65
N GLY B 416 -25.13 -0.20 -9.30
CA GLY B 416 -25.78 -0.79 -8.14
C GLY B 416 -26.55 -2.07 -8.44
N LYS B 417 -26.58 -2.53 -9.69
CA LYS B 417 -27.55 -3.52 -10.13
C LYS B 417 -27.31 -4.86 -9.45
N ASN B 418 -26.04 -5.20 -9.16
CA ASN B 418 -25.69 -6.49 -8.62
C ASN B 418 -25.45 -6.45 -7.11
N ALA B 419 -25.81 -5.33 -6.47
CA ALA B 419 -25.57 -5.11 -5.05
C ALA B 419 -26.71 -5.61 -4.16
N THR B 420 -26.39 -6.21 -3.02
CA THR B 420 -27.35 -6.49 -1.97
C THR B 420 -26.81 -5.95 -0.66
N VAL B 421 -27.69 -5.29 0.11
CA VAL B 421 -27.40 -4.83 1.46
C VAL B 421 -27.87 -5.85 2.50
N TYR B 422 -26.98 -6.20 3.43
CA TYR B 422 -27.30 -7.12 4.51
C TYR B 422 -27.19 -6.38 5.85
N ILE B 423 -28.23 -6.48 6.68
CA ILE B 423 -28.17 -6.03 8.06
C ILE B 423 -28.35 -7.23 8.99
N GLY B 424 -27.72 -7.16 10.17
CA GLY B 424 -27.80 -8.21 11.16
C GLY B 424 -27.00 -9.44 10.78
N LYS B 425 -26.22 -9.38 9.71
CA LYS B 425 -25.37 -10.48 9.31
C LYS B 425 -23.92 -10.18 9.69
N ASP B 426 -23.14 -11.25 9.84
CA ASP B 426 -21.82 -11.21 10.41
C ASP B 426 -20.80 -11.63 9.35
N LEU B 427 -19.53 -11.76 9.76
CA LEU B 427 -18.46 -12.04 8.82
C LEU B 427 -18.42 -13.54 8.43
N TRP B 428 -19.10 -14.41 9.16
CA TRP B 428 -19.25 -15.79 8.70
C TRP B 428 -20.30 -15.86 7.58
N HIS B 429 -21.36 -15.05 7.68
CA HIS B 429 -22.24 -14.84 6.55
C HIS B 429 -21.47 -14.32 5.34
N LEU B 430 -20.67 -13.27 5.55
CA LEU B 430 -19.95 -12.61 4.46
C LEU B 430 -18.99 -13.60 3.80
N ARG B 431 -18.34 -14.44 4.60
CA ARG B 431 -17.44 -15.47 4.09
C ARG B 431 -18.11 -16.33 3.01
N SER B 432 -19.38 -16.71 3.23
CA SER B 432 -20.11 -17.54 2.27
C SER B 432 -20.34 -16.75 0.98
N LEU B 433 -20.71 -15.48 1.10
CA LEU B 433 -20.98 -14.65 -0.05
C LEU B 433 -19.75 -14.51 -0.94
N VAL B 434 -18.55 -14.43 -0.36
CA VAL B 434 -17.39 -14.16 -1.20
C VAL B 434 -16.89 -15.47 -1.83
N PHE B 435 -17.36 -16.61 -1.35
CA PHE B 435 -17.19 -17.88 -2.04
C PHE B 435 -18.21 -18.08 -3.16
N THR B 436 -19.51 -17.89 -2.87
CA THR B 436 -20.56 -18.28 -3.80
C THR B 436 -20.73 -17.25 -4.92
N ASP B 437 -20.49 -15.97 -4.61
CA ASP B 437 -20.59 -14.88 -5.55
C ASP B 437 -19.34 -13.99 -5.40
N LYS B 438 -18.21 -14.48 -5.92
CA LYS B 438 -16.89 -13.95 -5.62
C LYS B 438 -16.70 -12.54 -6.18
N PRO B 439 -16.33 -11.55 -5.34
CA PRO B 439 -15.94 -10.22 -5.80
C PRO B 439 -14.44 -10.21 -6.07
N ASP B 440 -13.95 -9.03 -6.43
CA ASP B 440 -12.55 -8.83 -6.72
C ASP B 440 -11.77 -8.59 -5.42
N PHE B 441 -12.38 -7.83 -4.51
CA PHE B 441 -11.74 -7.41 -3.29
C PHE B 441 -12.77 -7.30 -2.18
N MET B 442 -12.27 -7.37 -0.93
CA MET B 442 -13.01 -6.93 0.24
C MET B 442 -12.45 -5.59 0.70
N ILE B 443 -13.34 -4.72 1.18
CA ILE B 443 -12.95 -3.54 1.92
C ILE B 443 -13.53 -3.64 3.34
N GLY B 444 -12.65 -3.73 4.33
CA GLY B 444 -13.09 -3.81 5.72
C GLY B 444 -11.91 -3.73 6.68
N ASN B 445 -12.12 -4.26 7.90
CA ASN B 445 -11.18 -4.10 9.00
C ASN B 445 -10.33 -5.34 9.06
N SER B 446 -9.46 -5.44 10.06
CA SER B 446 -8.48 -6.53 10.17
C SER B 446 -9.10 -7.93 10.24
N TYR B 447 -10.36 -8.02 10.68
CA TYR B 447 -11.05 -9.29 10.84
C TYR B 447 -11.25 -9.96 9.48
N GLY B 448 -11.22 -9.14 8.43
CA GLY B 448 -11.30 -9.66 7.08
C GLY B 448 -10.12 -10.54 6.71
N LYS B 449 -8.98 -10.44 7.42
CA LYS B 449 -7.81 -11.17 6.98
C LYS B 449 -8.12 -12.67 6.96
N PHE B 450 -9.00 -13.11 7.86
CA PHE B 450 -9.30 -14.52 8.02
C PHE B 450 -10.17 -14.97 6.86
N ILE B 451 -11.00 -14.08 6.31
CA ILE B 451 -11.75 -14.44 5.12
C ILE B 451 -10.79 -14.60 3.95
N GLN B 452 -9.82 -13.67 3.84
CA GLN B 452 -8.83 -13.78 2.77
C GLN B 452 -8.10 -15.12 2.83
N ARG B 453 -7.72 -15.57 4.04
CA ARG B 453 -7.04 -16.85 4.25
C ARG B 453 -7.90 -18.03 3.80
N ASP B 454 -9.18 -18.00 4.18
CA ASP B 454 -10.13 -19.02 3.80
C ASP B 454 -10.22 -19.11 2.29
N THR B 455 -10.32 -17.97 1.60
CA THR B 455 -10.48 -17.98 0.16
C THR B 455 -9.23 -18.52 -0.53
N LEU B 456 -8.03 -18.18 -0.02
CA LEU B 456 -6.81 -18.66 -0.65
C LEU B 456 -6.71 -20.18 -0.53
N HIS B 457 -7.23 -20.73 0.56
CA HIS B 457 -7.16 -22.16 0.78
C HIS B 457 -7.97 -22.89 -0.27
N LYS B 458 -9.08 -22.32 -0.77
CA LYS B 458 -9.79 -22.98 -1.84
C LYS B 458 -8.92 -23.01 -3.09
N GLY B 459 -8.17 -21.93 -3.32
CA GLY B 459 -7.17 -21.89 -4.37
C GLY B 459 -6.87 -20.45 -4.74
N LYS B 460 -5.71 -20.24 -5.35
CA LYS B 460 -5.25 -18.89 -5.66
C LYS B 460 -6.29 -18.14 -6.51
N GLU B 461 -6.97 -18.86 -7.41
CA GLU B 461 -7.93 -18.26 -8.33
C GLU B 461 -9.17 -17.81 -7.58
N PHE B 462 -9.40 -18.28 -6.34
CA PHE B 462 -10.54 -17.90 -5.53
C PHE B 462 -10.22 -16.85 -4.45
N GLU B 463 -8.94 -16.51 -4.27
CA GLU B 463 -8.55 -15.63 -3.19
C GLU B 463 -9.14 -14.25 -3.38
N VAL B 464 -9.70 -13.68 -2.32
CA VAL B 464 -10.25 -12.33 -2.36
C VAL B 464 -9.42 -11.45 -1.43
N PRO B 465 -8.52 -10.59 -1.96
CA PRO B 465 -7.64 -9.80 -1.10
C PRO B 465 -8.43 -8.78 -0.30
N LEU B 466 -7.95 -8.54 0.93
CA LEU B 466 -8.52 -7.53 1.80
C LEU B 466 -7.83 -6.18 1.58
N ILE B 467 -8.62 -5.11 1.56
CA ILE B 467 -8.16 -3.73 1.55
C ILE B 467 -8.64 -3.13 2.87
N ARG B 468 -7.69 -2.69 3.71
CA ARG B 468 -8.03 -2.31 5.07
C ARG B 468 -8.44 -0.85 5.11
N ILE B 469 -9.74 -0.66 5.33
CA ILE B 469 -10.34 0.64 5.56
C ILE B 469 -11.46 0.41 6.55
N GLY B 470 -11.40 1.10 7.68
CA GLY B 470 -12.38 0.97 8.73
C GLY B 470 -11.74 0.80 10.11
N PHE B 471 -12.45 0.08 10.99
CA PHE B 471 -12.05 -0.05 12.37
C PHE B 471 -12.54 -1.38 12.90
N PRO B 472 -11.72 -2.12 13.66
CA PRO B 472 -10.29 -1.79 13.90
C PRO B 472 -9.31 -2.26 12.83
N ILE B 473 -8.17 -1.58 12.78
CA ILE B 473 -7.03 -2.06 12.00
C ILE B 473 -5.85 -2.27 12.96
N PHE B 474 -5.49 -3.53 13.15
CA PHE B 474 -4.58 -3.99 14.19
C PHE B 474 -3.30 -4.60 13.61
N ASP B 475 -3.30 -4.96 12.31
CA ASP B 475 -2.22 -5.73 11.73
C ASP B 475 -1.46 -4.88 10.73
N ARG B 476 -1.69 -3.57 10.72
CA ARG B 476 -0.85 -2.63 9.98
C ARG B 476 -0.60 -1.44 10.92
N HIS B 477 0.41 -0.64 10.61
CA HIS B 477 0.82 0.43 11.49
C HIS B 477 0.49 1.79 10.91
N HIS B 478 -0.13 2.65 11.72
CA HIS B 478 -0.30 4.08 11.46
C HIS B 478 -1.36 4.39 10.40
N LEU B 479 -2.18 3.43 10.01
CA LEU B 479 -3.28 3.73 9.11
C LEU B 479 -4.33 4.57 9.80
N HIS B 480 -4.31 4.63 11.14
CA HIS B 480 -5.22 5.49 11.88
C HIS B 480 -4.99 6.96 11.59
N ARG B 481 -3.87 7.31 10.96
CA ARG B 481 -3.53 8.69 10.61
C ARG B 481 -4.21 9.14 9.31
N SER B 482 -4.78 8.18 8.56
CA SER B 482 -5.38 8.44 7.26
C SER B 482 -6.64 9.31 7.36
N THR B 483 -7.20 9.59 6.16
CA THR B 483 -8.43 10.33 5.99
C THR B 483 -9.36 9.55 5.07
N THR B 484 -10.66 9.56 5.40
CA THR B 484 -11.71 9.00 4.54
C THR B 484 -12.79 10.03 4.18
N LEU B 485 -12.86 11.20 4.88
CA LEU B 485 -13.79 12.29 4.58
C LEU B 485 -13.19 13.31 3.63
N GLY B 486 -14.09 14.05 2.98
CA GLY B 486 -13.74 15.20 2.15
C GLY B 486 -13.09 14.74 0.84
N TYR B 487 -12.59 15.72 0.08
CA TYR B 487 -11.88 15.44 -1.16
C TYR B 487 -10.57 14.72 -0.83
N GLU B 488 -9.96 15.08 0.30
CA GLU B 488 -8.68 14.50 0.72
C GLU B 488 -8.87 13.01 0.98
N GLY B 489 -9.92 12.67 1.74
CA GLY B 489 -10.23 11.28 1.97
C GLY B 489 -10.56 10.50 0.70
N ALA B 490 -11.28 11.14 -0.24
CA ALA B 490 -11.61 10.51 -1.52
C ALA B 490 -10.35 10.22 -2.34
N MET B 491 -9.41 11.16 -2.35
CA MET B 491 -8.16 10.95 -3.05
C MET B 491 -7.42 9.74 -2.47
N GLN B 492 -7.36 9.63 -1.13
CA GLN B 492 -6.64 8.54 -0.48
C GLN B 492 -7.36 7.21 -0.71
N ILE B 493 -8.71 7.22 -0.61
CA ILE B 493 -9.43 6.00 -0.93
C ILE B 493 -9.19 5.57 -2.39
N LEU B 494 -9.33 6.51 -3.32
CA LEU B 494 -9.12 6.21 -4.72
C LEU B 494 -7.74 5.59 -4.93
N THR B 495 -6.72 6.23 -4.34
CA THR B 495 -5.37 5.75 -4.52
C THR B 495 -5.23 4.33 -3.99
N THR B 496 -5.79 4.08 -2.80
CA THR B 496 -5.67 2.76 -2.21
C THR B 496 -6.31 1.70 -3.10
N LEU B 497 -7.50 2.02 -3.63
CA LEU B 497 -8.25 1.08 -4.47
C LEU B 497 -7.48 0.74 -5.74
N VAL B 498 -7.08 1.76 -6.50
CA VAL B 498 -6.49 1.52 -7.79
C VAL B 498 -5.15 0.80 -7.61
N ASN B 499 -4.41 1.11 -6.56
CA ASN B 499 -3.10 0.50 -6.38
C ASN B 499 -3.23 -0.92 -5.84
N SER B 500 -4.31 -1.22 -5.12
CA SER B 500 -4.60 -2.59 -4.74
C SER B 500 -4.87 -3.41 -6.00
N ILE B 501 -5.64 -2.82 -6.93
CA ILE B 501 -5.95 -3.49 -8.19
C ILE B 501 -4.67 -3.81 -8.94
N LEU B 502 -3.79 -2.81 -9.06
CA LEU B 502 -2.57 -2.93 -9.84
C LEU B 502 -1.58 -3.86 -9.14
N GLU B 503 -1.55 -3.81 -7.82
CA GLU B 503 -0.68 -4.70 -7.08
C GLU B 503 -1.08 -6.16 -7.32
N ARG B 504 -2.37 -6.45 -7.28
N ARG B 504 -2.37 -6.44 -7.28
CA ARG B 504 -2.86 -7.79 -7.47
CA ARG B 504 -2.86 -7.79 -7.47
C ARG B 504 -2.62 -8.23 -8.91
C ARG B 504 -2.62 -8.23 -8.91
N LEU B 505 -2.78 -7.32 -9.87
CA LEU B 505 -2.50 -7.61 -11.28
C LEU B 505 -1.01 -7.95 -11.49
N ASP B 506 -0.11 -7.18 -10.88
CA ASP B 506 1.30 -7.55 -10.89
C ASP B 506 1.54 -8.95 -10.31
N GLU B 507 0.93 -9.27 -9.18
CA GLU B 507 1.09 -10.61 -8.63
C GLU B 507 0.67 -11.68 -9.65
N GLU B 508 -0.50 -11.53 -10.25
CA GLU B 508 -1.04 -12.49 -11.20
C GLU B 508 -0.24 -12.53 -12.49
N THR B 509 0.56 -11.51 -12.83
CA THR B 509 1.29 -11.50 -14.09
C THR B 509 2.78 -11.63 -13.85
N ARG B 510 3.21 -12.07 -12.65
CA ARG B 510 4.64 -12.15 -12.33
C ARG B 510 5.23 -13.51 -12.69
N GLY B 511 4.45 -14.45 -13.22
CA GLY B 511 4.94 -15.76 -13.61
C GLY B 511 5.72 -15.73 -14.93
N MET B 512 7.04 -15.84 -14.80
CA MET B 512 7.97 -15.88 -15.92
C MET B 512 7.48 -16.84 -17.00
N GLN B 513 7.32 -16.31 -18.22
CA GLN B 513 6.96 -17.09 -19.39
C GLN B 513 5.56 -17.69 -19.30
N ALA B 514 4.79 -17.46 -18.25
CA ALA B 514 3.45 -17.99 -18.20
C ALA B 514 2.41 -16.87 -18.24
N THR B 515 2.57 -15.84 -17.38
CA THR B 515 1.62 -14.74 -17.31
C THR B 515 2.33 -13.38 -17.47
N ASP B 516 3.66 -13.34 -17.61
CA ASP B 516 4.34 -12.07 -17.55
C ASP B 516 4.31 -11.30 -18.87
N TYR B 517 3.69 -11.88 -19.88
CA TYR B 517 3.39 -11.13 -21.09
C TYR B 517 2.62 -9.85 -20.76
N ASN B 518 1.79 -9.89 -19.70
CA ASN B 518 1.02 -8.72 -19.29
C ASN B 518 1.62 -8.07 -18.05
N HIS B 519 2.91 -8.30 -17.77
CA HIS B 519 3.60 -7.69 -16.63
C HIS B 519 4.16 -6.32 -17.03
N ASP B 520 3.28 -5.40 -17.41
CA ASP B 520 3.65 -4.16 -18.07
C ASP B 520 4.35 -3.22 -17.09
N LEU B 521 5.39 -2.54 -17.59
CA LEU B 521 6.04 -1.43 -16.91
C LEU B 521 5.06 -0.30 -16.67
N VAL B 522 4.30 0.02 -17.73
CA VAL B 522 3.43 1.20 -17.71
C VAL B 522 1.98 0.73 -17.55
N ARG B 523 1.31 1.31 -16.55
CA ARG B 523 -0.12 1.14 -16.32
C ARG B 523 -0.73 2.54 -16.10
N LYS C 13 -23.25 17.99 -38.11
CA LYS C 13 -23.53 19.22 -37.30
C LYS C 13 -22.65 20.38 -37.78
N MET C 14 -21.59 20.14 -38.60
CA MET C 14 -20.87 21.22 -39.23
C MET C 14 -20.79 21.01 -40.74
N THR C 15 -20.94 22.10 -41.51
CA THR C 15 -20.86 22.06 -42.96
C THR C 15 -19.39 22.10 -43.34
N ARG C 16 -19.09 21.65 -44.57
N ARG C 16 -19.10 21.69 -44.59
CA ARG C 16 -17.75 21.76 -45.14
CA ARG C 16 -17.78 21.76 -45.17
C ARG C 16 -17.23 23.20 -45.00
C ARG C 16 -17.23 23.18 -45.07
N GLU C 17 -18.14 24.17 -45.17
CA GLU C 17 -17.78 25.58 -45.21
C GLU C 17 -17.31 26.03 -43.82
N GLU C 18 -18.03 25.60 -42.78
CA GLU C 18 -17.71 25.86 -41.39
C GLU C 18 -16.37 25.22 -41.00
N THR C 19 -16.17 23.96 -41.40
CA THR C 19 -14.92 23.26 -41.15
C THR C 19 -13.79 24.05 -41.80
N GLN C 20 -14.02 24.51 -43.04
CA GLN C 20 -12.98 25.22 -43.78
C GLN C 20 -12.71 26.56 -43.10
N ALA C 21 -13.74 27.20 -42.56
CA ALA C 21 -13.62 28.44 -41.80
C ALA C 21 -12.85 28.21 -40.49
N LEU C 22 -13.04 27.00 -39.91
CA LEU C 22 -12.33 26.63 -38.68
C LEU C 22 -10.84 26.58 -38.98
N ILE C 23 -10.50 25.91 -40.08
CA ILE C 23 -9.13 25.80 -40.47
C ILE C 23 -8.49 27.17 -40.62
N GLN C 24 -9.18 28.08 -41.32
CA GLN C 24 -8.62 29.41 -41.58
C GLN C 24 -8.41 30.16 -40.28
N GLU C 25 -9.39 30.08 -39.35
CA GLU C 25 -9.27 30.77 -38.06
C GLU C 25 -8.07 30.25 -37.26
N VAL C 26 -7.88 28.93 -37.20
CA VAL C 26 -6.80 28.30 -36.46
C VAL C 26 -5.44 28.73 -37.01
N LEU C 27 -5.34 28.87 -38.34
CA LEU C 27 -4.08 29.23 -38.98
C LEU C 27 -3.71 30.70 -38.70
N GLU C 28 -4.67 31.53 -38.25
CA GLU C 28 -4.38 32.92 -37.96
C GLU C 28 -3.28 33.06 -36.90
N VAL C 29 -3.04 32.01 -36.10
CA VAL C 29 -2.18 32.15 -34.93
C VAL C 29 -0.72 32.22 -35.38
N TYR C 30 -0.42 31.66 -36.57
CA TYR C 30 0.95 31.41 -36.97
C TYR C 30 1.62 32.60 -37.65
N PRO C 31 2.95 32.76 -37.54
CA PRO C 31 3.69 33.60 -38.48
C PRO C 31 3.51 33.09 -39.91
N GLU C 32 3.82 33.96 -40.88
CA GLU C 32 3.43 33.74 -42.26
C GLU C 32 4.02 32.45 -42.79
N LYS C 33 5.32 32.24 -42.56
CA LYS C 33 5.99 31.08 -43.11
C LYS C 33 5.31 29.80 -42.60
N ALA C 34 5.12 29.72 -41.27
CA ALA C 34 4.47 28.59 -40.65
C ALA C 34 3.06 28.40 -41.20
N ARG C 35 2.32 29.50 -41.31
CA ARG C 35 0.94 29.47 -41.76
C ARG C 35 0.87 28.87 -43.17
N LYS C 36 1.79 29.30 -44.04
CA LYS C 36 1.77 28.90 -45.44
C LYS C 36 1.94 27.39 -45.51
N ASP C 37 2.90 26.89 -44.72
CA ASP C 37 3.18 25.47 -44.62
C ASP C 37 1.99 24.73 -44.05
N ARG C 38 1.49 25.14 -42.88
CA ARG C 38 0.45 24.36 -42.21
C ARG C 38 -0.80 24.29 -43.05
N ALA C 39 -1.05 25.33 -43.86
CA ALA C 39 -2.28 25.36 -44.66
C ALA C 39 -2.34 24.15 -45.59
N LYS C 40 -1.18 23.57 -45.94
CA LYS C 40 -1.15 22.43 -46.84
C LYS C 40 -1.48 21.10 -46.16
N HIS C 41 -1.53 21.07 -44.81
CA HIS C 41 -1.59 19.82 -44.06
C HIS C 41 -2.93 19.65 -43.38
N LEU C 42 -3.88 20.54 -43.68
CA LEU C 42 -5.22 20.51 -43.12
C LEU C 42 -6.23 20.51 -44.25
N ALA C 43 -7.26 19.67 -44.19
CA ALA C 43 -8.17 19.49 -45.31
C ALA C 43 -9.53 19.03 -44.82
N VAL C 44 -10.52 19.08 -45.72
CA VAL C 44 -11.84 18.53 -45.47
C VAL C 44 -12.10 17.51 -46.57
N ASN C 45 -12.49 16.30 -46.16
CA ASN C 45 -12.75 15.19 -47.07
C ASN C 45 -13.86 15.57 -48.05
N ASP C 46 -13.65 15.22 -49.32
CA ASP C 46 -14.67 15.36 -50.35
C ASP C 46 -14.41 14.26 -51.37
N PRO C 47 -15.18 13.14 -51.35
CA PRO C 47 -14.96 12.07 -52.32
C PRO C 47 -15.40 12.43 -53.75
N SER C 48 -16.08 13.58 -53.93
CA SER C 48 -16.31 14.14 -55.24
C SER C 48 -15.11 14.97 -55.72
N ILE C 49 -13.88 14.50 -55.45
CA ILE C 49 -12.66 15.17 -55.85
C ILE C 49 -12.00 14.33 -56.95
N GLU C 50 -11.19 14.97 -57.80
CA GLU C 50 -10.36 14.24 -58.73
C GLU C 50 -9.50 13.30 -57.90
N GLN C 51 -9.65 11.99 -58.09
CA GLN C 51 -8.94 11.03 -57.26
C GLN C 51 -7.44 11.01 -57.61
N SER C 52 -7.03 11.88 -58.55
CA SER C 52 -5.63 12.04 -58.90
C SER C 52 -5.02 13.29 -58.26
N LYS C 53 -5.85 14.29 -57.90
CA LYS C 53 -5.39 15.38 -57.04
C LYS C 53 -5.20 14.90 -55.60
N LYS C 54 -4.05 15.21 -55.00
CA LYS C 54 -3.82 15.04 -53.57
C LYS C 54 -4.80 15.89 -52.75
N CYS C 55 -5.35 15.34 -51.65
CA CYS C 55 -6.25 16.08 -50.77
C CYS C 55 -5.45 16.89 -49.75
N ILE C 56 -4.18 16.52 -49.53
CA ILE C 56 -3.42 17.00 -48.37
C ILE C 56 -1.94 16.78 -48.66
N THR C 57 -1.08 17.64 -48.09
CA THR C 57 0.37 17.42 -48.13
C THR C 57 0.79 16.54 -46.93
N SER C 58 1.83 15.71 -47.10
CA SER C 58 2.20 14.77 -46.06
C SER C 58 3.68 14.45 -46.14
N ASN C 59 4.16 13.81 -45.08
CA ASN C 59 5.53 13.32 -44.99
C ASN C 59 6.50 14.45 -45.32
N ARG C 60 6.26 15.64 -44.76
CA ARG C 60 7.21 16.75 -44.85
C ARG C 60 7.80 17.05 -43.47
N LYS C 61 8.93 17.79 -43.43
CA LYS C 61 9.54 18.20 -42.17
C LYS C 61 8.52 18.92 -41.29
N SER C 62 8.68 18.74 -39.98
CA SER C 62 7.89 19.50 -39.02
C SER C 62 8.42 20.92 -38.97
N LEU C 63 7.56 21.89 -38.72
CA LEU C 63 7.99 23.25 -38.43
C LEU C 63 8.64 23.34 -37.05
N PRO C 64 9.71 24.14 -36.88
CA PRO C 64 10.33 24.30 -35.57
C PRO C 64 9.36 24.99 -34.62
N GLY C 65 9.35 24.53 -33.36
CA GLY C 65 8.73 25.28 -32.27
C GLY C 65 7.22 25.09 -32.13
N VAL C 66 6.57 24.28 -32.98
CA VAL C 66 5.11 24.17 -32.99
C VAL C 66 4.54 22.98 -32.18
N MET C 67 5.40 22.15 -31.58
CA MET C 67 4.97 21.04 -30.71
C MET C 67 4.29 19.96 -31.55
N THR C 68 5.02 19.37 -32.47
CA THR C 68 4.57 18.16 -33.15
C THR C 68 4.50 17.01 -32.13
N VAL C 69 3.65 16.02 -32.44
CA VAL C 69 3.54 14.78 -31.69
C VAL C 69 4.60 13.78 -32.17
N ARG C 70 5.28 14.09 -33.27
CA ARG C 70 6.13 13.12 -33.93
C ARG C 70 7.38 12.77 -33.14
N GLY C 71 7.83 11.51 -33.38
CA GLY C 71 9.10 10.97 -32.93
C GLY C 71 10.15 10.95 -34.04
N CYS C 72 11.14 10.07 -33.88
CA CYS C 72 12.34 10.05 -34.69
C CYS C 72 12.55 8.68 -35.36
N ALA C 73 13.55 8.63 -36.23
CA ALA C 73 13.81 7.42 -37.01
C ALA C 73 14.21 6.25 -36.09
N TYR C 74 14.85 6.54 -34.95
CA TYR C 74 15.20 5.54 -33.94
C TYR C 74 13.94 4.91 -33.37
N ALA C 75 12.93 5.73 -33.08
CA ALA C 75 11.67 5.21 -32.59
C ALA C 75 11.10 4.22 -33.61
N GLY C 76 11.13 4.57 -34.89
CA GLY C 76 10.51 3.72 -35.88
C GLY C 76 11.31 2.44 -36.17
N SER C 77 12.61 2.50 -35.93
CA SER C 77 13.48 1.35 -36.16
C SER C 77 13.51 0.52 -34.89
N LYS C 78 14.05 1.10 -33.81
CA LYS C 78 14.25 0.36 -32.56
C LYS C 78 12.92 0.13 -31.86
N GLY C 79 12.19 1.22 -31.60
CA GLY C 79 10.93 1.15 -30.89
C GLY C 79 9.85 0.34 -31.60
N VAL C 80 9.84 0.34 -32.94
CA VAL C 80 8.70 -0.18 -33.66
C VAL C 80 8.96 -1.53 -34.33
N VAL C 81 9.94 -1.56 -35.26
CA VAL C 81 10.18 -2.73 -36.10
C VAL C 81 11.06 -3.78 -35.41
N TRP C 82 12.24 -3.40 -34.92
CA TRP C 82 13.23 -4.33 -34.36
C TRP C 82 12.93 -4.76 -32.92
N GLY C 83 12.60 -3.78 -32.05
CA GLY C 83 12.46 -3.98 -30.61
C GLY C 83 11.66 -5.22 -30.24
N PRO C 84 10.50 -5.45 -30.91
CA PRO C 84 9.68 -6.61 -30.64
C PRO C 84 10.28 -8.00 -30.92
N ILE C 85 11.30 -8.07 -31.76
CA ILE C 85 11.89 -9.38 -32.03
C ILE C 85 12.46 -9.88 -30.71
N LYS C 86 11.89 -10.96 -30.19
CA LYS C 86 12.04 -11.30 -28.78
C LYS C 86 13.39 -11.96 -28.47
N ASP C 87 13.96 -12.73 -29.41
CA ASP C 87 15.12 -13.57 -29.14
C ASP C 87 16.43 -12.98 -29.64
N MET C 88 16.40 -11.72 -30.09
CA MET C 88 17.63 -11.02 -30.39
C MET C 88 17.84 -9.92 -29.35
N ILE C 89 19.08 -9.42 -29.29
CA ILE C 89 19.40 -8.33 -28.41
C ILE C 89 19.56 -7.10 -29.26
N HIS C 90 18.84 -6.03 -28.91
CA HIS C 90 18.88 -4.77 -29.63
C HIS C 90 19.65 -3.76 -28.78
N ILE C 91 20.80 -3.33 -29.30
CA ILE C 91 21.62 -2.36 -28.58
C ILE C 91 21.22 -0.95 -28.98
N SER C 92 20.84 -0.12 -28.00
CA SER C 92 20.68 1.31 -28.23
C SER C 92 22.06 1.97 -28.14
N HIS C 93 22.54 2.41 -29.31
CA HIS C 93 23.94 2.72 -29.51
C HIS C 93 24.11 4.23 -29.52
N GLY C 94 24.68 4.73 -28.42
CA GLY C 94 24.76 6.17 -28.21
C GLY C 94 24.62 6.49 -26.73
N PRO C 95 24.27 7.76 -26.42
CA PRO C 95 24.07 8.18 -25.03
C PRO C 95 22.82 7.51 -24.46
N VAL C 96 22.56 7.69 -23.18
CA VAL C 96 21.73 6.75 -22.42
C VAL C 96 20.24 7.06 -22.59
N GLY C 97 19.91 8.26 -23.06
CA GLY C 97 18.51 8.68 -23.05
C GLY C 97 17.60 7.76 -23.83
N CYS C 98 17.90 7.53 -25.11
CA CYS C 98 16.90 7.02 -26.06
C CYS C 98 16.39 5.66 -25.58
N GLY C 99 17.33 4.82 -25.14
CA GLY C 99 16.94 3.49 -24.71
C GLY C 99 16.12 3.50 -23.42
N GLN C 100 16.38 4.45 -22.55
CA GLN C 100 15.69 4.52 -21.28
C GLN C 100 14.23 4.94 -21.50
N TYR C 101 14.00 5.96 -22.36
CA TYR C 101 12.66 6.49 -22.53
C TYR C 101 11.85 5.45 -23.29
N SER C 102 12.53 4.62 -24.10
CA SER C 102 11.82 3.65 -24.92
C SER C 102 11.76 2.29 -24.23
N ARG C 103 12.29 2.18 -23.00
CA ARG C 103 12.29 0.92 -22.26
C ARG C 103 10.87 0.54 -21.81
N ALA C 104 10.34 -0.51 -22.45
CA ALA C 104 9.07 -1.15 -22.18
C ALA C 104 7.89 -0.20 -22.27
N GLY C 105 7.94 0.82 -23.13
CA GLY C 105 6.83 1.77 -23.27
C GLY C 105 5.77 1.31 -24.28
N ARG C 106 6.15 0.37 -25.17
CA ARG C 106 5.29 -0.13 -26.21
C ARG C 106 4.95 -1.58 -25.90
N ARG C 107 3.66 -1.91 -25.91
CA ARG C 107 3.20 -3.20 -25.43
C ARG C 107 3.25 -4.24 -26.55
N ASN C 108 4.43 -4.38 -27.15
CA ASN C 108 4.66 -5.39 -28.17
C ASN C 108 4.88 -6.75 -27.48
N TYR C 109 3.79 -7.48 -27.26
CA TYR C 109 3.84 -8.62 -26.37
C TYR C 109 4.60 -9.79 -26.97
N TYR C 110 5.23 -10.57 -26.08
CA TYR C 110 5.95 -11.78 -26.43
C TYR C 110 5.92 -12.79 -25.28
N THR C 111 6.22 -14.05 -25.64
CA THR C 111 6.35 -15.16 -24.71
C THR C 111 7.83 -15.50 -24.61
N GLY C 112 8.38 -15.48 -23.40
CA GLY C 112 9.76 -15.91 -23.22
C GLY C 112 10.20 -15.88 -21.77
N THR C 113 11.47 -16.20 -21.56
CA THR C 113 12.15 -16.09 -20.27
C THR C 113 13.13 -14.93 -20.39
N THR C 114 12.71 -13.76 -19.89
CA THR C 114 13.43 -12.55 -20.20
C THR C 114 14.72 -12.48 -19.39
N GLY C 115 15.81 -12.12 -20.09
CA GLY C 115 17.16 -12.13 -19.54
C GLY C 115 17.90 -13.42 -19.84
N VAL C 116 17.18 -14.45 -20.34
CA VAL C 116 17.75 -15.75 -20.64
C VAL C 116 17.59 -16.08 -22.12
N ASN C 117 16.37 -16.25 -22.65
CA ASN C 117 16.24 -16.51 -24.10
C ASN C 117 15.50 -15.39 -24.83
N THR C 118 14.86 -14.48 -24.10
CA THR C 118 14.24 -13.32 -24.72
C THR C 118 14.70 -12.08 -23.97
N PHE C 119 14.57 -10.89 -24.60
CA PHE C 119 15.25 -9.70 -24.08
C PHE C 119 14.47 -8.40 -24.31
N GLY C 120 13.15 -8.50 -24.62
CA GLY C 120 12.37 -7.42 -25.21
C GLY C 120 12.19 -6.24 -24.26
N THR C 121 11.92 -6.51 -22.98
CA THR C 121 11.69 -5.44 -22.01
C THR C 121 13.01 -4.95 -21.37
N MET C 122 14.18 -5.44 -21.82
CA MET C 122 15.46 -4.94 -21.29
C MET C 122 15.98 -3.78 -22.13
N ASN C 123 16.86 -2.97 -21.53
CA ASN C 123 17.52 -1.88 -22.20
C ASN C 123 19.04 -2.15 -22.22
N PHE C 124 19.54 -2.60 -23.37
CA PHE C 124 20.97 -2.68 -23.65
C PHE C 124 21.37 -1.38 -24.34
N THR C 125 22.44 -0.75 -23.82
CA THR C 125 22.93 0.50 -24.36
C THR C 125 24.46 0.61 -24.22
N SER C 126 25.08 1.41 -25.09
CA SER C 126 26.51 1.67 -25.03
C SER C 126 26.77 2.91 -24.20
N ASP C 127 25.71 3.55 -23.71
CA ASP C 127 25.77 4.64 -22.76
C ASP C 127 26.99 5.55 -23.04
N PHE C 128 26.97 6.22 -24.20
CA PHE C 128 28.11 7.03 -24.61
C PHE C 128 28.42 8.12 -23.58
N GLN C 129 29.73 8.24 -23.29
CA GLN C 129 30.30 9.32 -22.51
C GLN C 129 31.08 10.23 -23.46
N GLU C 130 31.62 11.34 -22.94
CA GLU C 130 32.28 12.31 -23.80
C GLU C 130 33.44 11.68 -24.58
N LYS C 131 34.23 10.81 -23.94
CA LYS C 131 35.37 10.19 -24.61
C LYS C 131 34.91 9.37 -25.81
N ASP C 132 33.68 8.84 -25.79
CA ASP C 132 33.13 8.08 -26.91
C ASP C 132 32.75 9.00 -28.05
N ILE C 133 32.35 10.23 -27.73
CA ILE C 133 32.02 11.25 -28.74
C ILE C 133 33.31 11.63 -29.45
N VAL C 134 34.32 12.00 -28.67
CA VAL C 134 35.60 12.47 -29.19
C VAL C 134 36.34 11.36 -29.94
N PHE C 135 36.51 10.17 -29.35
CA PHE C 135 37.40 9.16 -29.91
C PHE C 135 36.64 8.11 -30.70
N GLY C 136 35.30 8.16 -30.68
CA GLY C 136 34.51 7.22 -31.45
C GLY C 136 34.17 5.99 -30.61
N GLY C 137 33.09 5.30 -31.00
CA GLY C 137 32.48 4.26 -30.18
C GLY C 137 32.64 2.87 -30.76
N ASP C 138 33.42 2.72 -31.83
CA ASP C 138 33.55 1.45 -32.53
C ASP C 138 34.22 0.40 -31.64
N LYS C 139 35.29 0.77 -30.92
CA LYS C 139 36.01 -0.15 -30.07
C LYS C 139 35.13 -0.59 -28.90
N LYS C 140 34.47 0.40 -28.29
CA LYS C 140 33.44 0.13 -27.30
C LYS C 140 32.40 -0.85 -27.83
N LEU C 141 31.94 -0.65 -29.07
CA LEU C 141 30.87 -1.49 -29.62
C LEU C 141 31.34 -2.94 -29.75
N ALA C 142 32.62 -3.12 -30.10
CA ALA C 142 33.17 -4.45 -30.33
C ALA C 142 33.23 -5.24 -29.03
N LYS C 143 33.67 -4.57 -27.96
CA LYS C 143 33.74 -5.13 -26.63
C LYS C 143 32.35 -5.47 -26.09
N ILE C 144 31.37 -4.61 -26.39
CA ILE C 144 29.99 -4.80 -25.97
C ILE C 144 29.47 -6.14 -26.49
N ILE C 145 29.75 -6.44 -27.77
CA ILE C 145 29.27 -7.66 -28.38
C ILE C 145 29.90 -8.88 -27.66
N ASP C 146 31.18 -8.77 -27.29
CA ASP C 146 31.84 -9.83 -26.52
C ASP C 146 31.13 -10.03 -25.18
N GLU C 147 30.92 -8.93 -24.46
CA GLU C 147 30.27 -8.93 -23.15
C GLU C 147 28.85 -9.50 -23.27
N ILE C 148 28.17 -9.23 -24.39
CA ILE C 148 26.85 -9.78 -24.58
C ILE C 148 26.94 -11.29 -24.77
N GLU C 149 27.95 -11.78 -25.48
CA GLU C 149 28.06 -13.22 -25.74
C GLU C 149 28.35 -13.96 -24.43
N THR C 150 29.14 -13.35 -23.56
CA THR C 150 29.45 -13.92 -22.26
C THR C 150 28.19 -14.06 -21.40
N LEU C 151 27.39 -12.96 -21.37
CA LEU C 151 26.40 -12.79 -20.32
C LEU C 151 25.01 -13.21 -20.77
N PHE C 152 24.79 -13.33 -22.09
CA PHE C 152 23.49 -13.68 -22.66
C PHE C 152 23.71 -14.70 -23.77
N PRO C 153 24.28 -15.86 -23.44
CA PRO C 153 24.67 -16.85 -24.46
C PRO C 153 23.57 -17.45 -25.32
N LEU C 154 22.29 -17.31 -24.93
CA LEU C 154 21.19 -17.87 -25.72
C LEU C 154 20.61 -16.88 -26.74
N ASN C 155 21.18 -15.67 -26.83
CA ASN C 155 20.71 -14.72 -27.82
C ASN C 155 20.98 -15.32 -29.19
N LYS C 156 19.99 -15.21 -30.10
CA LYS C 156 20.11 -15.68 -31.48
C LYS C 156 20.82 -14.68 -32.39
N GLY C 157 21.14 -13.48 -31.89
CA GLY C 157 21.77 -12.45 -32.69
C GLY C 157 21.57 -11.07 -32.10
N ILE C 158 22.14 -10.04 -32.76
CA ILE C 158 22.22 -8.71 -32.20
C ILE C 158 21.88 -7.67 -33.26
N SER C 159 21.12 -6.63 -32.88
CA SER C 159 20.96 -5.45 -33.70
C SER C 159 21.66 -4.27 -33.05
N VAL C 160 22.08 -3.33 -33.89
CA VAL C 160 22.73 -2.14 -33.40
C VAL C 160 21.91 -0.95 -33.87
N GLN C 161 21.22 -0.31 -32.91
CA GLN C 161 20.24 0.74 -33.16
C GLN C 161 20.89 2.10 -32.90
N SER C 162 21.27 2.77 -33.99
CA SER C 162 22.07 3.98 -33.92
C SER C 162 21.23 5.15 -33.46
N GLU C 163 21.77 5.88 -32.47
CA GLU C 163 21.20 7.14 -32.03
C GLU C 163 21.98 8.29 -32.69
N CYS C 164 21.44 9.50 -32.58
CA CYS C 164 21.92 10.68 -33.29
C CYS C 164 23.43 10.67 -33.49
N PRO C 165 24.25 10.55 -32.42
CA PRO C 165 25.70 10.75 -32.57
C PRO C 165 26.53 9.84 -33.48
N ILE C 166 26.07 8.59 -33.70
CA ILE C 166 26.86 7.61 -34.45
C ILE C 166 27.24 8.15 -35.84
N GLY C 167 26.24 8.53 -36.63
CA GLY C 167 26.46 9.15 -37.93
C GLY C 167 27.30 10.41 -37.85
N LEU C 168 27.06 11.24 -36.83
CA LEU C 168 27.66 12.56 -36.78
C LEU C 168 29.14 12.48 -36.44
N ILE C 169 29.60 11.39 -35.83
CA ILE C 169 31.01 11.31 -35.44
C ILE C 169 31.79 10.41 -36.39
N GLY C 170 31.12 9.79 -37.37
CA GLY C 170 31.82 9.01 -38.39
C GLY C 170 32.21 7.60 -37.92
N ASP C 171 31.46 7.02 -37.01
CA ASP C 171 31.73 5.65 -36.60
C ASP C 171 31.35 4.74 -37.75
N ASP C 172 31.98 3.56 -37.78
CA ASP C 172 31.80 2.60 -38.84
C ASP C 172 31.24 1.32 -38.24
N ILE C 173 29.92 1.32 -38.02
CA ILE C 173 29.31 0.21 -37.30
C ILE C 173 29.14 -1.00 -38.21
N GLU C 174 29.09 -0.77 -39.53
N GLU C 174 29.08 -0.78 -39.53
CA GLU C 174 28.97 -1.85 -40.51
CA GLU C 174 28.99 -1.87 -40.51
C GLU C 174 30.21 -2.75 -40.47
C GLU C 174 30.22 -2.76 -40.43
N ALA C 175 31.40 -2.15 -40.35
CA ALA C 175 32.66 -2.89 -40.21
C ALA C 175 32.70 -3.71 -38.93
N VAL C 176 32.32 -3.07 -37.81
CA VAL C 176 32.29 -3.76 -36.52
C VAL C 176 31.37 -4.97 -36.59
N ALA C 177 30.19 -4.78 -37.19
CA ALA C 177 29.18 -5.81 -37.28
C ALA C 177 29.65 -7.00 -38.11
N LYS C 178 30.24 -6.75 -39.29
CA LYS C 178 30.71 -7.80 -40.17
C LYS C 178 31.74 -8.68 -39.46
N LYS C 179 32.71 -8.05 -38.81
CA LYS C 179 33.76 -8.79 -38.12
C LYS C 179 33.19 -9.59 -36.95
N ALA C 180 32.32 -8.95 -36.15
CA ALA C 180 31.74 -9.58 -34.98
C ALA C 180 30.84 -10.74 -35.40
N SER C 181 30.06 -10.60 -36.49
CA SER C 181 29.18 -11.68 -36.94
C SER C 181 29.98 -12.93 -37.36
N LYS C 182 31.11 -12.71 -38.03
CA LYS C 182 31.98 -13.79 -38.44
C LYS C 182 32.49 -14.50 -37.19
N GLU C 183 32.96 -13.76 -36.18
CA GLU C 183 33.50 -14.35 -34.97
C GLU C 183 32.43 -15.14 -34.22
N ILE C 184 31.23 -14.58 -34.00
CA ILE C 184 30.31 -15.18 -33.04
C ILE C 184 29.36 -16.14 -33.75
N GLY C 185 29.32 -16.12 -35.09
CA GLY C 185 28.48 -17.05 -35.83
C GLY C 185 26.99 -16.71 -35.78
N LYS C 186 26.67 -15.43 -35.58
CA LYS C 186 25.29 -15.01 -35.51
C LYS C 186 25.14 -13.67 -36.21
N PRO C 187 23.95 -13.36 -36.76
CA PRO C 187 23.70 -12.03 -37.32
C PRO C 187 24.00 -10.93 -36.31
N VAL C 188 24.74 -9.91 -36.75
CA VAL C 188 24.89 -8.64 -36.03
C VAL C 188 24.48 -7.54 -37.01
N VAL C 189 23.34 -6.92 -36.77
CA VAL C 189 22.73 -6.08 -37.80
C VAL C 189 22.97 -4.62 -37.47
N PRO C 190 23.74 -3.88 -38.29
CA PRO C 190 23.97 -2.44 -38.04
C PRO C 190 22.76 -1.71 -38.63
N VAL C 191 22.15 -0.80 -37.86
CA VAL C 191 21.01 -0.04 -38.33
C VAL C 191 21.28 1.44 -38.13
N ARG C 192 21.25 2.16 -39.26
CA ARG C 192 21.54 3.58 -39.31
C ARG C 192 20.21 4.33 -39.18
N CYS C 193 19.61 4.25 -37.98
CA CYS C 193 18.32 4.86 -37.70
C CYS C 193 18.48 6.10 -36.82
N GLU C 194 19.61 6.81 -36.96
CA GLU C 194 19.89 8.01 -36.20
C GLU C 194 18.71 8.97 -36.36
N GLY C 195 18.36 9.70 -35.29
CA GLY C 195 17.11 10.42 -35.22
C GLY C 195 17.07 11.72 -36.02
N PHE C 196 18.23 12.27 -36.40
CA PHE C 196 18.26 13.41 -37.32
C PHE C 196 17.84 13.01 -38.76
N ARG C 197 17.76 11.70 -39.10
CA ARG C 197 17.42 11.25 -40.44
C ARG C 197 15.90 11.25 -40.67
N GLY C 198 15.47 11.68 -41.86
CA GLY C 198 14.07 11.71 -42.19
C GLY C 198 13.35 12.78 -41.37
N VAL C 199 12.02 12.64 -41.19
CA VAL C 199 11.21 13.70 -40.61
C VAL C 199 10.39 13.22 -39.42
N SER C 200 10.52 11.94 -39.06
CA SER C 200 9.51 11.21 -38.30
C SER C 200 9.93 9.75 -38.08
N GLN C 201 9.06 9.00 -37.41
CA GLN C 201 9.23 7.55 -37.26
C GLN C 201 9.30 6.85 -38.62
N SER C 202 8.69 7.44 -39.67
CA SER C 202 8.50 6.74 -40.93
C SER C 202 9.83 6.26 -41.51
N LEU C 203 10.84 7.13 -41.61
CA LEU C 203 12.06 6.76 -42.29
C LEU C 203 12.74 5.61 -41.52
N GLY C 204 12.50 5.53 -40.20
CA GLY C 204 13.06 4.45 -39.38
C GLY C 204 12.46 3.10 -39.80
N HIS C 205 11.16 3.07 -40.12
CA HIS C 205 10.55 1.87 -40.68
C HIS C 205 11.35 1.40 -41.90
N HIS C 206 11.62 2.36 -42.81
CA HIS C 206 12.22 2.05 -44.10
C HIS C 206 13.66 1.56 -43.87
N ILE C 207 14.43 2.31 -43.08
CA ILE C 207 15.78 1.91 -42.74
C ILE C 207 15.81 0.49 -42.13
N ALA C 208 14.83 0.20 -41.27
CA ALA C 208 14.76 -1.05 -40.55
C ALA C 208 14.39 -2.18 -41.50
N ASN C 209 13.39 -1.96 -42.38
CA ASN C 209 13.02 -2.95 -43.41
C ASN C 209 14.24 -3.29 -44.27
N ASP C 210 15.01 -2.29 -44.66
CA ASP C 210 16.19 -2.53 -45.49
C ASP C 210 17.30 -3.26 -44.72
N ALA C 211 17.44 -2.98 -43.41
CA ALA C 211 18.44 -3.66 -42.63
C ALA C 211 18.11 -5.14 -42.55
N ILE C 212 16.82 -5.47 -42.55
CA ILE C 212 16.39 -6.85 -42.50
C ILE C 212 16.71 -7.50 -43.83
N ARG C 213 16.30 -6.82 -44.91
CA ARG C 213 16.59 -7.28 -46.26
C ARG C 213 18.07 -7.60 -46.43
N ASP C 214 18.95 -6.70 -45.97
CA ASP C 214 20.35 -6.73 -46.32
C ASP C 214 21.15 -7.64 -45.39
N TRP C 215 20.64 -7.97 -44.18
CA TRP C 215 21.47 -8.66 -43.20
C TRP C 215 20.84 -9.90 -42.60
N VAL C 216 19.55 -10.13 -42.81
CA VAL C 216 18.91 -11.29 -42.22
C VAL C 216 18.21 -12.15 -43.27
N LEU C 217 17.49 -11.54 -44.21
CA LEU C 217 16.36 -12.23 -44.82
C LEU C 217 16.80 -13.40 -45.72
N ASP C 218 18.00 -13.32 -46.30
CA ASP C 218 18.39 -14.23 -47.35
C ASP C 218 19.21 -15.42 -46.82
N LYS C 219 19.38 -15.51 -45.50
CA LYS C 219 20.34 -16.44 -44.91
C LYS C 219 19.98 -17.89 -45.23
N ARG C 220 18.69 -18.18 -45.43
CA ARG C 220 18.25 -19.55 -45.66
C ARG C 220 17.84 -19.78 -47.11
N ASP C 221 18.31 -18.93 -48.03
CA ASP C 221 17.89 -18.99 -49.42
C ASP C 221 18.17 -20.36 -50.04
N GLY C 222 19.38 -20.91 -49.87
CA GLY C 222 19.67 -22.24 -50.36
C GLY C 222 18.78 -23.34 -49.77
N GLN C 223 18.32 -23.18 -48.53
CA GLN C 223 17.96 -24.30 -47.68
C GLN C 223 16.55 -24.83 -47.93
N SER C 224 16.41 -26.13 -47.69
CA SER C 224 15.13 -26.80 -47.76
C SER C 224 14.29 -26.44 -46.51
N PHE C 225 12.97 -26.48 -46.69
CA PHE C 225 12.04 -26.19 -45.61
C PHE C 225 10.78 -27.00 -45.87
N GLU C 226 10.17 -27.51 -44.81
CA GLU C 226 8.95 -28.31 -44.94
C GLU C 226 7.78 -27.39 -45.16
N SER C 227 7.39 -27.19 -46.42
CA SER C 227 6.36 -26.23 -46.75
C SER C 227 5.00 -26.91 -46.95
N THR C 228 3.94 -26.11 -46.88
CA THR C 228 2.60 -26.56 -47.22
C THR C 228 1.95 -25.50 -48.12
N PRO C 229 0.87 -25.86 -48.82
CA PRO C 229 0.12 -24.89 -49.62
C PRO C 229 -0.45 -23.68 -48.87
N TYR C 230 -0.50 -23.74 -47.53
CA TYR C 230 -1.29 -22.80 -46.76
C TYR C 230 -0.40 -21.96 -45.86
N ASP C 231 0.89 -21.86 -46.18
CA ASP C 231 1.86 -21.15 -45.36
C ASP C 231 1.78 -19.65 -45.64
N VAL C 232 1.56 -18.87 -44.56
CA VAL C 232 1.47 -17.41 -44.65
C VAL C 232 2.36 -16.78 -43.58
N ALA C 233 2.63 -15.49 -43.74
CA ALA C 233 3.23 -14.72 -42.67
C ALA C 233 2.34 -13.52 -42.39
N ILE C 234 2.22 -13.18 -41.11
CA ILE C 234 1.59 -11.94 -40.68
C ILE C 234 2.67 -10.87 -40.66
N ILE C 235 2.55 -9.90 -41.59
CA ILE C 235 3.53 -8.83 -41.74
C ILE C 235 2.91 -7.56 -41.17
N GLY C 236 3.65 -6.88 -40.30
CA GLY C 236 3.23 -5.59 -39.73
C GLY C 236 2.10 -5.76 -38.70
N ASP C 237 2.27 -6.70 -37.76
CA ASP C 237 1.48 -6.72 -36.53
C ASP C 237 2.46 -6.87 -35.36
N TYR C 238 2.47 -5.85 -34.48
CA TYR C 238 3.46 -5.75 -33.41
C TYR C 238 2.85 -6.24 -32.08
N ASN C 239 1.68 -6.89 -32.17
CA ASN C 239 1.12 -7.70 -31.09
C ASN C 239 0.83 -6.84 -29.85
N ILE C 240 0.31 -5.63 -30.08
CA ILE C 240 0.02 -4.71 -29.00
C ILE C 240 -1.11 -5.31 -28.16
N GLY C 241 -0.79 -5.65 -26.91
CA GLY C 241 -1.70 -6.32 -26.01
C GLY C 241 -2.16 -7.69 -26.51
N GLY C 242 -1.35 -8.36 -27.34
CA GLY C 242 -1.73 -9.66 -27.89
C GLY C 242 -2.53 -9.58 -29.20
N ASP C 243 -2.52 -8.43 -29.86
CA ASP C 243 -3.25 -8.22 -31.11
C ASP C 243 -2.98 -9.30 -32.17
N ALA C 244 -1.72 -9.69 -32.31
CA ALA C 244 -1.31 -10.64 -33.34
C ALA C 244 -1.81 -12.04 -33.00
N TRP C 245 -1.82 -12.38 -31.70
CA TRP C 245 -2.25 -13.72 -31.27
C TRP C 245 -3.74 -13.88 -31.53
N SER C 246 -4.52 -12.83 -31.26
N SER C 246 -4.52 -12.83 -31.24
CA SER C 246 -5.95 -12.88 -31.50
CA SER C 246 -5.95 -12.87 -31.51
C SER C 246 -6.26 -12.77 -33.00
C SER C 246 -6.24 -12.86 -33.01
N SER C 247 -5.24 -12.46 -33.83
CA SER C 247 -5.33 -12.52 -35.27
C SER C 247 -4.95 -13.91 -35.80
N ARG C 248 -3.81 -14.41 -35.30
CA ARG C 248 -3.25 -15.69 -35.66
C ARG C 248 -4.29 -16.77 -35.49
N ILE C 249 -4.97 -16.76 -34.34
CA ILE C 249 -5.88 -17.85 -34.04
C ILE C 249 -6.95 -17.99 -35.13
N LEU C 250 -7.44 -16.87 -35.69
CA LEU C 250 -8.47 -16.91 -36.72
C LEU C 250 -7.92 -17.51 -38.01
N LEU C 251 -6.70 -17.11 -38.37
CA LEU C 251 -6.02 -17.59 -39.56
C LEU C 251 -5.78 -19.10 -39.47
N GLU C 252 -5.50 -19.63 -38.27
CA GLU C 252 -5.31 -21.06 -38.10
C GLU C 252 -6.65 -21.79 -38.00
N GLU C 253 -7.67 -21.18 -37.40
CA GLU C 253 -9.00 -21.78 -37.42
C GLU C 253 -9.47 -21.94 -38.87
N MET C 254 -8.97 -21.08 -39.76
CA MET C 254 -9.35 -21.07 -41.17
C MET C 254 -8.57 -22.11 -41.97
N GLY C 255 -7.47 -22.65 -41.39
CA GLY C 255 -6.74 -23.78 -41.96
C GLY C 255 -5.36 -23.39 -42.52
N LEU C 256 -4.93 -22.15 -42.25
CA LEU C 256 -3.63 -21.68 -42.71
C LEU C 256 -2.58 -21.97 -41.65
N ARG C 257 -1.32 -21.87 -42.05
CA ARG C 257 -0.21 -22.15 -41.17
C ARG C 257 0.66 -20.89 -41.13
N VAL C 258 0.71 -20.23 -39.97
CA VAL C 258 1.44 -18.99 -39.84
C VAL C 258 2.88 -19.30 -39.47
N VAL C 259 3.75 -19.17 -40.46
CA VAL C 259 5.15 -19.50 -40.33
C VAL C 259 5.89 -18.40 -39.58
N ALA C 260 5.39 -17.16 -39.60
CA ALA C 260 6.11 -16.04 -39.04
C ALA C 260 5.16 -14.90 -38.69
N GLN C 261 5.56 -14.15 -37.65
CA GLN C 261 4.89 -12.90 -37.26
C GLN C 261 5.95 -11.81 -37.26
N TRP C 262 5.70 -10.74 -38.05
CA TRP C 262 6.61 -9.60 -38.11
C TRP C 262 5.96 -8.35 -37.49
N SER C 263 6.47 -7.87 -36.36
CA SER C 263 7.51 -8.50 -35.55
C SER C 263 7.04 -8.77 -34.11
N GLY C 264 5.72 -8.61 -33.88
CA GLY C 264 5.08 -8.96 -32.63
C GLY C 264 5.24 -10.44 -32.28
N ASP C 265 5.93 -10.69 -31.16
CA ASP C 265 6.21 -12.03 -30.65
C ASP C 265 7.09 -12.79 -31.64
N GLY C 266 7.85 -12.04 -32.43
CA GLY C 266 8.56 -12.59 -33.57
C GLY C 266 9.95 -13.06 -33.16
N THR C 267 10.52 -14.00 -33.96
CA THR C 267 11.84 -14.53 -33.75
C THR C 267 12.69 -14.42 -35.01
N LEU C 268 14.01 -14.55 -34.84
CA LEU C 268 14.94 -14.55 -35.97
C LEU C 268 14.59 -15.66 -36.95
N ALA C 269 14.31 -16.86 -36.42
CA ALA C 269 14.04 -18.02 -37.26
C ALA C 269 12.82 -17.78 -38.14
N GLU C 270 11.75 -17.23 -37.55
CA GLU C 270 10.53 -16.89 -38.27
C GLU C 270 10.81 -15.93 -39.42
N MET C 271 11.62 -14.88 -39.18
CA MET C 271 11.95 -13.95 -40.25
C MET C 271 12.65 -14.69 -41.39
N GLU C 272 13.62 -15.53 -40.99
CA GLU C 272 14.49 -16.21 -41.92
C GLU C 272 13.72 -17.25 -42.74
N ASN C 273 12.58 -17.73 -42.22
CA ASN C 273 11.79 -18.70 -42.96
C ASN C 273 10.72 -18.04 -43.82
N THR C 274 10.59 -16.72 -43.72
CA THR C 274 9.45 -16.05 -44.34
C THR C 274 9.52 -16.17 -45.86
N PRO C 275 10.72 -16.16 -46.51
CA PRO C 275 10.81 -16.35 -47.96
C PRO C 275 10.23 -17.66 -48.50
N LYS C 276 9.90 -18.59 -47.58
CA LYS C 276 9.31 -19.87 -47.97
C LYS C 276 7.79 -19.86 -47.98
N VAL C 277 7.15 -18.75 -47.61
CA VAL C 277 5.71 -18.75 -47.45
C VAL C 277 5.05 -18.51 -48.81
N LYS C 278 3.74 -18.78 -48.87
CA LYS C 278 2.95 -18.70 -50.08
C LYS C 278 2.27 -17.34 -50.18
N LEU C 279 2.10 -16.64 -49.04
CA LEU C 279 1.40 -15.36 -49.05
C LEU C 279 1.80 -14.50 -47.85
N ASN C 280 2.15 -13.23 -48.09
CA ASN C 280 2.42 -12.25 -47.06
C ASN C 280 1.15 -11.45 -46.78
N LEU C 281 0.69 -11.50 -45.53
CA LEU C 281 -0.51 -10.78 -45.10
C LEU C 281 -0.06 -9.50 -44.38
N LEU C 282 -0.29 -8.36 -45.04
CA LEU C 282 0.19 -7.07 -44.60
C LEU C 282 -0.94 -6.34 -43.88
N HIS C 283 -0.76 -6.17 -42.57
CA HIS C 283 -1.70 -5.38 -41.78
C HIS C 283 -1.23 -3.93 -41.83
N CYS C 284 -0.08 -3.64 -41.20
CA CYS C 284 0.43 -2.29 -41.26
C CYS C 284 1.20 -2.04 -42.56
N TYR C 285 0.48 -1.45 -43.51
CA TYR C 285 1.04 -1.11 -44.80
C TYR C 285 2.25 -0.17 -44.62
N ARG C 286 2.08 0.85 -43.79
CA ARG C 286 3.02 1.94 -43.73
C ARG C 286 4.41 1.40 -43.39
N SER C 287 4.47 0.52 -42.37
CA SER C 287 5.72 0.16 -41.74
C SER C 287 6.43 -0.97 -42.50
N MET C 288 5.66 -1.83 -43.21
CA MET C 288 6.28 -3.01 -43.78
C MET C 288 5.91 -3.29 -45.25
N ASN C 289 5.35 -2.31 -45.96
CA ASN C 289 5.16 -2.44 -47.40
C ASN C 289 6.52 -2.64 -48.06
N TYR C 290 7.56 -2.02 -47.50
CA TYR C 290 8.87 -2.05 -48.16
C TYR C 290 9.34 -3.51 -48.28
N ILE C 291 9.38 -4.25 -47.17
CA ILE C 291 9.88 -5.62 -47.20
C ILE C 291 8.88 -6.51 -47.94
N SER C 292 7.60 -6.16 -47.93
CA SER C 292 6.62 -6.95 -48.64
C SER C 292 6.88 -6.88 -50.15
N ARG C 293 7.21 -5.67 -50.62
CA ARG C 293 7.50 -5.43 -52.03
C ARG C 293 8.77 -6.14 -52.44
N HIS C 294 9.80 -6.08 -51.58
CA HIS C 294 11.04 -6.77 -51.82
C HIS C 294 10.79 -8.27 -51.98
N MET C 295 9.95 -8.80 -51.10
CA MET C 295 9.76 -10.25 -51.11
C MET C 295 8.97 -10.68 -52.35
N GLU C 296 8.11 -9.82 -52.89
CA GLU C 296 7.43 -10.14 -54.13
C GLU C 296 8.42 -10.08 -55.28
N GLU C 297 9.34 -9.11 -55.26
CA GLU C 297 10.30 -8.97 -56.34
C GLU C 297 11.23 -10.18 -56.39
N LYS C 298 11.88 -10.45 -55.27
CA LYS C 298 12.91 -11.47 -55.23
C LYS C 298 12.33 -12.88 -55.19
N TYR C 299 11.26 -13.11 -54.42
CA TYR C 299 10.85 -14.51 -54.20
C TYR C 299 9.51 -14.80 -54.89
N GLY C 300 8.85 -13.81 -55.46
CA GLY C 300 7.56 -14.02 -56.09
C GLY C 300 6.43 -14.26 -55.10
N ILE C 301 6.61 -13.88 -53.83
CA ILE C 301 5.56 -14.03 -52.84
C ILE C 301 4.61 -12.85 -52.97
N PRO C 302 3.32 -13.07 -53.28
CA PRO C 302 2.33 -12.00 -53.31
C PRO C 302 2.08 -11.47 -51.90
N TRP C 303 1.61 -10.21 -51.79
CA TRP C 303 1.19 -9.67 -50.50
C TRP C 303 -0.19 -9.04 -50.63
N MET C 304 -1.01 -9.12 -49.56
CA MET C 304 -2.28 -8.45 -49.55
C MET C 304 -2.53 -7.71 -48.25
N GLU C 305 -3.18 -6.55 -48.40
CA GLU C 305 -3.54 -5.72 -47.26
C GLU C 305 -4.82 -6.26 -46.65
N TYR C 306 -4.90 -6.25 -45.32
CA TYR C 306 -6.12 -6.70 -44.66
C TYR C 306 -6.32 -5.82 -43.42
N ASN C 307 -7.42 -6.06 -42.72
CA ASN C 307 -7.86 -5.23 -41.62
C ASN C 307 -8.65 -6.10 -40.66
N PHE C 308 -8.14 -6.24 -39.42
CA PHE C 308 -8.80 -7.09 -38.43
C PHE C 308 -9.46 -6.26 -37.31
N PHE C 309 -9.79 -4.99 -37.58
CA PHE C 309 -10.54 -4.19 -36.64
C PHE C 309 -12.04 -4.32 -36.90
N GLY C 310 -12.76 -5.06 -36.04
CA GLY C 310 -14.22 -5.06 -36.07
C GLY C 310 -14.80 -6.12 -37.01
N PRO C 311 -16.01 -6.63 -36.76
CA PRO C 311 -16.53 -7.79 -37.50
C PRO C 311 -16.69 -7.63 -39.01
N THR C 312 -17.07 -6.42 -39.46
CA THR C 312 -17.23 -6.12 -40.88
C THR C 312 -15.91 -6.35 -41.62
N LYS C 313 -14.85 -5.73 -41.11
CA LYS C 313 -13.55 -5.82 -41.77
C LYS C 313 -12.94 -7.21 -41.61
N ILE C 314 -13.13 -7.88 -40.48
CA ILE C 314 -12.60 -9.21 -40.28
C ILE C 314 -13.21 -10.15 -41.31
N ALA C 315 -14.54 -10.11 -41.43
CA ALA C 315 -15.21 -10.96 -42.41
C ALA C 315 -14.66 -10.70 -43.80
N GLU C 316 -14.55 -9.41 -44.17
CA GLU C 316 -14.08 -9.05 -45.49
C GLU C 316 -12.69 -9.63 -45.69
N SER C 317 -11.83 -9.45 -44.67
CA SER C 317 -10.44 -9.86 -44.70
C SER C 317 -10.30 -11.38 -44.78
N LEU C 318 -11.10 -12.13 -44.01
CA LEU C 318 -11.00 -13.60 -44.02
C LEU C 318 -11.39 -14.17 -45.40
N ARG C 319 -12.52 -13.69 -45.94
CA ARG C 319 -12.99 -14.10 -47.26
C ARG C 319 -11.99 -13.75 -48.36
N LYS C 320 -11.42 -12.54 -48.32
CA LYS C 320 -10.41 -12.10 -49.27
C LYS C 320 -9.16 -12.97 -49.20
N ILE C 321 -8.69 -13.27 -47.98
CA ILE C 321 -7.49 -14.07 -47.80
C ILE C 321 -7.78 -15.48 -48.30
N ALA C 322 -8.98 -16.01 -47.99
CA ALA C 322 -9.33 -17.39 -48.32
C ALA C 322 -9.39 -17.60 -49.84
N ALA C 323 -9.87 -16.58 -50.57
CA ALA C 323 -10.04 -16.66 -52.01
C ALA C 323 -8.71 -16.73 -52.74
N HIS C 324 -7.61 -16.43 -52.05
CA HIS C 324 -6.29 -16.62 -52.65
C HIS C 324 -5.88 -18.09 -52.63
N PHE C 325 -6.62 -18.99 -51.96
CA PHE C 325 -6.15 -20.36 -51.79
C PHE C 325 -6.99 -21.30 -52.65
N ASP C 326 -8.04 -21.86 -52.09
CA ASP C 326 -8.75 -22.95 -52.76
C ASP C 326 -10.11 -23.03 -52.09
N ASP C 327 -10.96 -23.94 -52.56
CA ASP C 327 -12.33 -23.99 -52.10
C ASP C 327 -12.39 -24.38 -50.63
N THR C 328 -11.45 -25.20 -50.18
CA THR C 328 -11.52 -25.68 -48.81
C THR C 328 -11.28 -24.50 -47.87
N ILE C 329 -10.21 -23.72 -48.09
CA ILE C 329 -10.00 -22.55 -47.26
C ILE C 329 -11.24 -21.62 -47.32
N GLN C 330 -11.87 -21.47 -48.49
CA GLN C 330 -13.03 -20.59 -48.56
C GLN C 330 -14.19 -21.12 -47.71
N GLU C 331 -14.39 -22.43 -47.72
CA GLU C 331 -15.42 -23.05 -46.91
C GLU C 331 -15.13 -22.75 -45.45
N ASN C 332 -13.86 -22.96 -45.08
CA ASN C 332 -13.35 -22.73 -43.74
C ASN C 332 -13.60 -21.29 -43.31
N ALA C 333 -13.36 -20.31 -44.18
CA ALA C 333 -13.59 -18.92 -43.80
C ALA C 333 -15.06 -18.72 -43.44
N GLU C 334 -15.96 -19.41 -44.15
CA GLU C 334 -17.38 -19.26 -43.86
C GLU C 334 -17.72 -19.89 -42.51
N ARG C 335 -17.05 -21.01 -42.19
CA ARG C 335 -17.24 -21.66 -40.91
C ARG C 335 -16.76 -20.74 -39.78
N VAL C 336 -15.55 -20.17 -39.92
CA VAL C 336 -15.01 -19.34 -38.88
C VAL C 336 -15.91 -18.13 -38.65
N ILE C 337 -16.36 -17.46 -39.72
CA ILE C 337 -17.20 -16.27 -39.56
C ILE C 337 -18.49 -16.64 -38.84
N ALA C 338 -19.09 -17.78 -39.18
CA ALA C 338 -20.35 -18.20 -38.59
C ALA C 338 -20.20 -18.55 -37.11
N LYS C 339 -19.10 -19.21 -36.76
CA LYS C 339 -18.82 -19.57 -35.39
C LYS C 339 -18.86 -18.32 -34.48
N TYR C 340 -18.38 -17.16 -34.95
CA TYR C 340 -18.19 -16.00 -34.08
C TYR C 340 -19.36 -15.02 -34.17
N GLN C 341 -20.33 -15.28 -35.04
CA GLN C 341 -21.45 -14.38 -35.25
C GLN C 341 -22.24 -14.19 -33.96
N PRO C 342 -22.58 -15.28 -33.21
CA PRO C 342 -23.31 -15.16 -31.95
C PRO C 342 -22.62 -14.21 -30.98
N MET C 343 -21.29 -14.31 -30.90
N MET C 343 -21.30 -14.28 -30.93
CA MET C 343 -20.47 -13.46 -30.06
CA MET C 343 -20.57 -13.45 -30.01
C MET C 343 -20.62 -12.01 -30.52
C MET C 343 -20.55 -11.99 -30.49
N MET C 344 -20.40 -11.76 -31.81
CA MET C 344 -20.42 -10.42 -32.34
C MET C 344 -21.79 -9.76 -32.16
N GLU C 345 -22.84 -10.55 -32.34
CA GLU C 345 -24.18 -10.01 -32.21
C GLU C 345 -24.46 -9.71 -30.74
N ALA C 346 -23.97 -10.55 -29.82
CA ALA C 346 -24.09 -10.27 -28.40
C ALA C 346 -23.34 -8.99 -28.02
N VAL C 347 -22.15 -8.77 -28.57
CA VAL C 347 -21.35 -7.61 -28.23
C VAL C 347 -22.05 -6.37 -28.77
N ILE C 348 -22.60 -6.45 -29.99
CA ILE C 348 -23.28 -5.30 -30.57
C ILE C 348 -24.55 -4.98 -29.77
N ALA C 349 -25.33 -6.00 -29.40
CA ALA C 349 -26.57 -5.77 -28.67
C ALA C 349 -26.31 -5.11 -27.32
N LYS C 350 -25.21 -5.51 -26.66
CA LYS C 350 -24.88 -4.97 -25.34
C LYS C 350 -24.41 -3.50 -25.41
N TYR C 351 -23.51 -3.20 -26.36
CA TYR C 351 -22.75 -1.95 -26.32
C TYR C 351 -23.16 -0.94 -27.37
N ARG C 352 -23.68 -1.37 -28.53
CA ARG C 352 -24.02 -0.46 -29.63
C ARG C 352 -25.10 0.53 -29.16
N PRO C 353 -26.14 0.12 -28.41
CA PRO C 353 -27.12 1.07 -27.88
C PRO C 353 -26.56 2.15 -26.95
N ARG C 354 -25.38 1.91 -26.35
CA ARG C 354 -24.76 2.88 -25.44
C ARG C 354 -23.81 3.82 -26.17
N LEU C 355 -23.48 3.47 -27.42
CA LEU C 355 -22.51 4.25 -28.20
C LEU C 355 -23.15 4.86 -29.46
N GLU C 356 -24.35 4.39 -29.84
CA GLU C 356 -25.04 4.85 -31.04
C GLU C 356 -25.04 6.37 -31.15
N GLY C 357 -24.52 6.90 -32.25
CA GLY C 357 -24.68 8.32 -32.57
C GLY C 357 -23.56 9.19 -32.02
N LYS C 358 -22.60 8.58 -31.31
CA LYS C 358 -21.51 9.31 -30.68
C LYS C 358 -20.41 9.58 -31.72
N LYS C 359 -19.77 10.75 -31.58
CA LYS C 359 -18.76 11.24 -32.51
C LYS C 359 -17.35 11.08 -31.90
N VAL C 360 -16.40 10.71 -32.78
CA VAL C 360 -15.04 10.42 -32.38
C VAL C 360 -14.07 11.24 -33.22
N MET C 361 -13.01 11.77 -32.59
CA MET C 361 -11.82 12.26 -33.28
C MET C 361 -10.63 11.37 -32.95
N LEU C 362 -9.86 11.05 -34.00
CA LEU C 362 -8.69 10.19 -33.91
C LEU C 362 -7.46 10.99 -34.31
N TYR C 363 -6.33 10.60 -33.70
CA TYR C 363 -5.04 11.06 -34.21
C TYR C 363 -4.02 9.99 -33.81
N VAL C 364 -3.44 9.32 -34.79
CA VAL C 364 -2.49 8.27 -34.47
C VAL C 364 -1.33 8.35 -35.48
N GLY C 365 -0.65 7.24 -35.75
CA GLY C 365 0.65 7.29 -36.40
C GLY C 365 0.61 7.17 -37.92
N GLY C 366 0.34 5.95 -38.40
CA GLY C 366 0.53 5.62 -39.80
C GLY C 366 -0.52 4.66 -40.36
N LEU C 367 -1.43 4.13 -39.52
CA LEU C 367 -2.34 3.07 -39.98
C LEU C 367 -3.70 3.22 -39.30
N ARG C 368 -3.70 3.22 -37.96
CA ARG C 368 -4.92 3.12 -37.19
C ARG C 368 -5.86 4.31 -37.43
N PRO C 369 -5.41 5.53 -37.80
CA PRO C 369 -6.34 6.62 -38.12
C PRO C 369 -7.40 6.32 -39.18
N ARG C 370 -7.11 5.38 -40.10
CA ARG C 370 -8.10 4.86 -41.03
C ARG C 370 -8.59 3.46 -40.62
N HIS C 371 -7.68 2.61 -40.13
CA HIS C 371 -8.00 1.19 -39.96
C HIS C 371 -9.09 0.92 -38.92
N VAL C 372 -9.29 1.81 -37.92
CA VAL C 372 -10.22 1.50 -36.85
C VAL C 372 -11.62 2.05 -37.12
N ILE C 373 -11.85 2.73 -38.26
CA ILE C 373 -13.11 3.43 -38.51
C ILE C 373 -14.27 2.44 -38.58
N GLY C 374 -14.03 1.34 -39.30
CA GLY C 374 -15.00 0.25 -39.45
C GLY C 374 -15.48 -0.28 -38.10
N ALA C 375 -14.56 -0.44 -37.15
CA ALA C 375 -14.91 -0.94 -35.83
C ALA C 375 -15.81 0.03 -35.07
N TYR C 376 -15.47 1.33 -35.11
CA TYR C 376 -16.34 2.38 -34.53
C TYR C 376 -17.73 2.36 -35.17
N GLU C 377 -17.78 2.15 -36.49
CA GLU C 377 -19.05 2.13 -37.22
C GLU C 377 -19.85 0.86 -36.89
N ASP C 378 -19.18 -0.25 -36.57
CA ASP C 378 -19.87 -1.44 -36.08
C ASP C 378 -20.52 -1.18 -34.72
N LEU C 379 -20.19 -0.08 -34.04
CA LEU C 379 -20.87 0.30 -32.80
C LEU C 379 -21.71 1.57 -32.98
N GLY C 380 -21.93 1.98 -34.23
CA GLY C 380 -22.86 3.06 -34.53
C GLY C 380 -22.23 4.44 -34.26
N MET C 381 -20.91 4.47 -34.18
CA MET C 381 -20.20 5.71 -33.90
C MET C 381 -19.66 6.26 -35.21
N GLU C 382 -19.43 7.58 -35.27
CA GLU C 382 -18.98 8.24 -36.48
C GLU C 382 -17.66 8.98 -36.18
N VAL C 383 -16.66 8.76 -37.03
CA VAL C 383 -15.39 9.46 -36.94
C VAL C 383 -15.52 10.81 -37.66
N VAL C 384 -15.49 11.91 -36.90
CA VAL C 384 -15.73 13.22 -37.48
C VAL C 384 -14.42 13.95 -37.71
N GLY C 385 -13.31 13.34 -37.33
CA GLY C 385 -12.01 13.92 -37.57
C GLY C 385 -10.95 12.84 -37.42
N THR C 386 -9.91 12.88 -38.25
CA THR C 386 -8.85 11.90 -38.16
C THR C 386 -7.62 12.50 -38.78
N GLY C 387 -6.49 11.85 -38.49
CA GLY C 387 -5.20 12.35 -38.95
C GLY C 387 -4.08 11.40 -38.54
N TYR C 388 -2.91 11.69 -39.05
CA TYR C 388 -1.74 10.86 -38.88
C TYR C 388 -0.58 11.76 -38.50
N GLU C 389 0.33 11.22 -37.68
CA GLU C 389 1.60 11.86 -37.41
C GLU C 389 2.51 11.87 -38.63
N PHE C 390 2.61 10.74 -39.35
CA PHE C 390 3.69 10.57 -40.33
C PHE C 390 3.30 9.73 -41.55
N ALA C 391 2.01 9.60 -41.87
CA ALA C 391 1.57 8.94 -43.09
C ALA C 391 2.13 9.62 -44.34
N HIS C 392 2.08 8.87 -45.45
CA HIS C 392 2.43 9.34 -46.78
C HIS C 392 1.16 9.47 -47.63
N ASN C 393 1.32 9.99 -48.85
CA ASN C 393 0.16 10.23 -49.70
C ASN C 393 -0.59 8.93 -49.94
N ASP C 394 0.11 7.80 -50.15
CA ASP C 394 -0.54 6.50 -50.35
C ASP C 394 -1.46 6.15 -49.19
N ASP C 395 -1.12 6.59 -47.95
CA ASP C 395 -2.01 6.34 -46.82
C ASP C 395 -3.25 7.21 -46.90
N TYR C 396 -3.08 8.48 -47.29
CA TYR C 396 -4.21 9.39 -47.41
C TYR C 396 -5.14 8.92 -48.54
N ASP C 397 -4.56 8.43 -49.66
CA ASP C 397 -5.36 7.81 -50.72
C ASP C 397 -6.27 6.71 -50.16
N ARG C 398 -5.71 5.83 -49.32
CA ARG C 398 -6.47 4.72 -48.73
C ARG C 398 -7.50 5.19 -47.71
N THR C 399 -7.33 6.40 -47.16
CA THR C 399 -8.21 6.93 -46.12
C THR C 399 -9.53 7.44 -46.70
N ILE C 400 -9.48 7.99 -47.92
CA ILE C 400 -10.65 8.63 -48.55
C ILE C 400 -11.88 7.71 -48.52
N LYS C 401 -11.73 6.46 -48.94
N LYS C 401 -11.72 6.45 -48.94
CA LYS C 401 -12.90 5.58 -49.05
CA LYS C 401 -12.86 5.55 -49.06
C LYS C 401 -13.42 5.22 -47.67
C LYS C 401 -13.39 5.16 -47.68
N GLU C 402 -12.53 5.21 -46.66
CA GLU C 402 -12.90 4.81 -45.31
C GLU C 402 -13.64 5.94 -44.58
N LEU C 403 -13.51 7.18 -45.05
CA LEU C 403 -13.96 8.37 -44.36
C LEU C 403 -15.37 8.72 -44.76
N GLY C 404 -16.09 9.41 -43.87
CA GLY C 404 -17.37 10.01 -44.17
C GLY C 404 -17.13 11.29 -44.98
N ASP C 405 -18.19 11.83 -45.59
CA ASP C 405 -18.07 13.03 -46.39
C ASP C 405 -17.86 14.22 -45.43
N ALA C 406 -17.11 15.21 -45.87
CA ALA C 406 -16.88 16.43 -45.12
C ALA C 406 -16.20 16.17 -43.78
N THR C 407 -15.34 15.14 -43.68
CA THR C 407 -14.61 14.84 -42.45
C THR C 407 -13.32 15.65 -42.40
N LEU C 408 -13.02 16.25 -41.25
CA LEU C 408 -11.81 17.02 -41.06
C LEU C 408 -10.60 16.09 -41.07
N LEU C 409 -9.53 16.54 -41.72
CA LEU C 409 -8.30 15.79 -41.91
C LEU C 409 -7.08 16.61 -41.50
N TYR C 410 -6.10 15.98 -40.82
CA TYR C 410 -4.98 16.73 -40.29
C TYR C 410 -3.73 15.87 -40.35
N ASP C 411 -2.67 16.39 -40.98
CA ASP C 411 -1.39 15.71 -41.11
C ASP C 411 -0.38 16.43 -40.22
N ASP C 412 0.39 15.68 -39.41
CA ASP C 412 1.34 16.24 -38.45
C ASP C 412 0.74 17.44 -37.70
N VAL C 413 -0.43 17.25 -37.12
CA VAL C 413 -1.11 18.30 -36.38
C VAL C 413 -0.18 18.85 -35.28
N THR C 414 -0.32 20.15 -35.04
CA THR C 414 0.36 20.81 -33.95
C THR C 414 -0.50 20.71 -32.69
N GLY C 415 0.16 20.88 -31.53
CA GLY C 415 -0.56 20.92 -30.27
C GLY C 415 -1.75 21.85 -30.33
N TYR C 416 -1.46 23.09 -30.79
CA TYR C 416 -2.42 24.18 -30.86
C TYR C 416 -3.62 23.80 -31.73
N GLU C 417 -3.36 23.34 -32.96
CA GLU C 417 -4.41 22.95 -33.90
C GLU C 417 -5.35 21.91 -33.31
N LEU C 418 -4.78 20.84 -32.73
CA LEU C 418 -5.61 19.74 -32.25
C LEU C 418 -6.54 20.24 -31.16
N GLU C 419 -6.03 21.12 -30.29
CA GLU C 419 -6.82 21.68 -29.20
C GLU C 419 -7.99 22.51 -29.76
N GLU C 420 -7.68 23.42 -30.71
CA GLU C 420 -8.71 24.26 -31.32
C GLU C 420 -9.77 23.42 -32.03
N PHE C 421 -9.36 22.42 -32.82
CA PHE C 421 -10.32 21.56 -33.53
C PHE C 421 -11.26 20.86 -32.55
N VAL C 422 -10.68 20.30 -31.48
CA VAL C 422 -11.49 19.65 -30.45
C VAL C 422 -12.47 20.64 -29.79
N LYS C 423 -12.03 21.87 -29.48
CA LYS C 423 -12.91 22.85 -28.87
C LYS C 423 -14.12 23.16 -29.77
N ARG C 424 -13.90 23.22 -31.10
CA ARG C 424 -14.98 23.54 -32.02
C ARG C 424 -15.87 22.31 -32.31
N LEU C 425 -15.25 21.17 -32.69
CA LEU C 425 -16.02 20.00 -33.11
C LEU C 425 -16.73 19.35 -31.94
N LYS C 426 -16.19 19.50 -30.71
CA LYS C 426 -16.83 18.97 -29.52
C LYS C 426 -17.17 17.49 -29.70
N PRO C 427 -16.20 16.62 -30.02
CA PRO C 427 -16.46 15.19 -30.07
C PRO C 427 -16.85 14.56 -28.74
N ASP C 428 -17.47 13.38 -28.79
CA ASP C 428 -17.84 12.65 -27.58
C ASP C 428 -16.64 11.85 -27.07
N LEU C 429 -15.66 11.58 -27.95
CA LEU C 429 -14.55 10.76 -27.54
C LEU C 429 -13.34 11.10 -28.41
N ILE C 430 -12.13 11.05 -27.83
CA ILE C 430 -10.90 11.22 -28.58
C ILE C 430 -10.02 9.97 -28.43
N GLY C 431 -9.41 9.57 -29.55
CA GLY C 431 -8.51 8.43 -29.64
C GLY C 431 -7.14 8.93 -30.11
N SER C 432 -6.15 8.96 -29.21
CA SER C 432 -4.84 9.43 -29.60
C SER C 432 -3.81 8.85 -28.65
N GLY C 433 -2.69 9.55 -28.44
CA GLY C 433 -1.57 8.98 -27.67
C GLY C 433 -1.43 9.58 -26.26
N ILE C 434 -0.34 9.17 -25.57
CA ILE C 434 -0.10 9.55 -24.19
C ILE C 434 0.10 11.07 -24.04
N LYS C 435 0.72 11.70 -25.03
CA LYS C 435 1.00 13.13 -24.94
C LYS C 435 -0.30 13.94 -25.08
N GLU C 436 -1.36 13.31 -25.58
CA GLU C 436 -2.62 14.01 -25.79
C GLU C 436 -3.61 13.71 -24.67
N LYS C 437 -3.52 12.53 -24.08
N LYS C 437 -3.53 12.52 -24.07
CA LYS C 437 -4.55 11.99 -23.19
CA LYS C 437 -4.57 11.99 -23.20
C LYS C 437 -4.97 13.00 -22.12
C LYS C 437 -4.98 13.02 -22.13
N TYR C 438 -4.01 13.60 -21.43
CA TYR C 438 -4.36 14.24 -20.16
C TYR C 438 -4.83 15.68 -20.44
N ILE C 439 -4.51 16.20 -21.63
CA ILE C 439 -5.04 17.47 -22.12
C ILE C 439 -6.57 17.41 -22.20
N PHE C 440 -7.09 16.42 -22.92
CA PHE C 440 -8.51 16.39 -23.28
C PHE C 440 -9.37 15.94 -22.11
N GLN C 441 -8.82 15.10 -21.22
CA GLN C 441 -9.50 14.72 -20.00
C GLN C 441 -9.82 15.97 -19.17
N LYS C 442 -8.89 16.93 -19.10
CA LYS C 442 -9.13 18.14 -18.35
C LYS C 442 -10.25 18.96 -18.98
N MET C 443 -10.49 18.76 -20.28
CA MET C 443 -11.55 19.47 -20.97
C MET C 443 -12.87 18.75 -20.81
N GLY C 444 -12.88 17.58 -20.16
CA GLY C 444 -14.10 16.84 -19.92
C GLY C 444 -14.47 15.92 -21.08
N ILE C 445 -13.50 15.61 -21.95
CA ILE C 445 -13.74 14.80 -23.12
C ILE C 445 -13.11 13.42 -22.94
N PRO C 446 -13.97 12.38 -22.88
CA PRO C 446 -13.50 10.99 -22.82
C PRO C 446 -12.39 10.71 -23.81
N PHE C 447 -11.33 10.03 -23.34
CA PHE C 447 -10.16 9.78 -24.14
C PHE C 447 -9.66 8.34 -23.98
N ARG C 448 -9.41 7.67 -25.11
CA ARG C 448 -8.87 6.33 -25.15
C ARG C 448 -7.59 6.34 -25.96
N GLN C 449 -6.51 5.82 -25.36
CA GLN C 449 -5.22 5.67 -26.02
C GLN C 449 -5.38 4.68 -27.17
N MET C 450 -5.03 5.10 -28.38
CA MET C 450 -5.19 4.25 -29.54
C MET C 450 -3.84 3.72 -30.01
N HIS C 451 -2.77 3.91 -29.23
CA HIS C 451 -1.52 3.19 -29.44
C HIS C 451 -1.38 2.03 -28.47
N SER C 452 -1.39 2.38 -27.16
CA SER C 452 -1.22 1.48 -26.03
C SER C 452 -2.51 0.75 -25.66
N TRP C 453 -3.63 1.08 -26.33
CA TRP C 453 -4.94 0.58 -25.95
C TRP C 453 -5.28 0.91 -24.48
N ASP C 454 -4.59 1.91 -23.91
CA ASP C 454 -4.82 2.30 -22.53
C ASP C 454 -4.66 1.08 -21.61
N TYR C 455 -3.63 0.27 -21.91
CA TYR C 455 -3.20 -0.84 -21.07
C TYR C 455 -4.23 -1.97 -21.13
N SER C 456 -5.05 -1.98 -22.20
CA SER C 456 -6.09 -2.97 -22.41
C SER C 456 -5.79 -3.73 -23.70
N GLY C 457 -6.84 -4.20 -24.38
CA GLY C 457 -6.71 -4.98 -25.59
C GLY C 457 -6.49 -6.47 -25.29
N PRO C 458 -6.36 -7.33 -26.30
CA PRO C 458 -6.23 -6.87 -27.69
C PRO C 458 -7.47 -6.23 -28.29
N TYR C 459 -7.28 -5.46 -29.36
CA TYR C 459 -8.39 -4.98 -30.18
C TYR C 459 -8.50 -5.69 -31.53
N HIS C 460 -7.45 -6.36 -32.02
CA HIS C 460 -7.56 -7.11 -33.27
C HIS C 460 -8.39 -8.41 -33.10
N GLY C 461 -9.12 -8.79 -34.16
CA GLY C 461 -9.84 -10.06 -34.21
C GLY C 461 -11.19 -9.98 -33.52
N TYR C 462 -11.85 -11.14 -33.40
CA TYR C 462 -13.18 -11.24 -32.81
C TYR C 462 -13.13 -11.05 -31.29
N ASP C 463 -12.14 -11.66 -30.65
CA ASP C 463 -11.89 -11.51 -29.20
C ASP C 463 -11.52 -10.07 -28.88
N GLY C 464 -10.72 -9.46 -29.74
CA GLY C 464 -10.34 -8.06 -29.64
C GLY C 464 -11.54 -7.12 -29.69
N PHE C 465 -12.54 -7.43 -30.54
CA PHE C 465 -13.62 -6.49 -30.76
C PHE C 465 -14.48 -6.37 -29.51
N ALA C 466 -14.65 -7.49 -28.79
CA ALA C 466 -15.41 -7.45 -27.55
C ALA C 466 -14.72 -6.53 -26.56
N ILE C 467 -13.38 -6.53 -26.51
CA ILE C 467 -12.65 -5.71 -25.55
C ILE C 467 -12.73 -4.23 -25.97
N PHE C 468 -12.62 -3.99 -27.29
CA PHE C 468 -12.73 -2.66 -27.87
C PHE C 468 -14.06 -2.00 -27.49
N ALA C 469 -15.17 -2.74 -27.66
CA ALA C 469 -16.49 -2.21 -27.38
C ALA C 469 -16.66 -1.92 -25.89
N ARG C 470 -16.23 -2.86 -25.03
CA ARG C 470 -16.27 -2.65 -23.57
C ARG C 470 -15.53 -1.36 -23.19
N ASP C 471 -14.35 -1.18 -23.74
CA ASP C 471 -13.49 -0.06 -23.42
C ASP C 471 -14.09 1.26 -23.89
N MET C 472 -14.67 1.29 -25.11
CA MET C 472 -15.21 2.54 -25.60
C MET C 472 -16.36 2.96 -24.69
N ASP C 473 -17.19 1.99 -24.32
CA ASP C 473 -18.34 2.25 -23.47
C ASP C 473 -17.89 2.65 -22.05
N MET C 474 -16.90 1.93 -21.54
CA MET C 474 -16.39 2.14 -20.19
C MET C 474 -16.01 3.59 -20.03
N THR C 475 -15.33 4.11 -21.05
CA THR C 475 -14.73 5.44 -20.96
C THR C 475 -15.75 6.52 -21.36
N LEU C 476 -16.44 6.33 -22.49
CA LEU C 476 -17.36 7.34 -23.00
C LEU C 476 -18.45 7.62 -21.97
N ASN C 477 -19.01 6.55 -21.38
CA ASN C 477 -20.16 6.63 -20.50
C ASN C 477 -19.77 6.67 -19.02
N ASN C 478 -18.48 6.88 -18.71
CA ASN C 478 -18.02 6.78 -17.32
C ASN C 478 -18.65 7.89 -16.50
N PRO C 479 -19.00 7.64 -15.22
CA PRO C 479 -19.52 8.70 -14.35
C PRO C 479 -18.59 9.89 -14.13
N CYS C 480 -17.28 9.70 -14.29
CA CYS C 480 -16.38 10.78 -13.97
C CYS C 480 -16.69 12.04 -14.81
N TRP C 481 -17.20 11.85 -16.03
CA TRP C 481 -17.37 12.98 -16.94
C TRP C 481 -18.53 13.92 -16.54
N ASN C 482 -19.41 13.51 -15.63
CA ASN C 482 -20.49 14.41 -15.23
C ASN C 482 -20.08 15.30 -14.05
N LYS C 483 -18.81 15.31 -13.64
CA LYS C 483 -18.47 15.84 -12.32
C LYS C 483 -17.43 16.97 -12.37
N LEU C 484 -17.07 17.45 -13.57
CA LEU C 484 -15.94 18.35 -13.71
C LEU C 484 -16.29 19.76 -13.24
N THR C 485 -17.57 20.13 -13.34
CA THR C 485 -18.02 21.47 -12.99
C THR C 485 -18.44 21.47 -11.52
N PRO C 486 -17.84 22.36 -10.70
CA PRO C 486 -18.25 22.47 -9.29
C PRO C 486 -19.69 22.96 -9.27
N PRO C 487 -20.59 22.37 -8.47
CA PRO C 487 -22.00 22.75 -8.50
C PRO C 487 -22.28 24.20 -8.13
N TRP C 488 -21.32 24.88 -7.50
CA TRP C 488 -21.49 26.27 -7.11
C TRP C 488 -20.91 27.20 -8.15
N LYS C 489 -20.50 26.65 -9.31
CA LYS C 489 -20.14 27.44 -10.47
C LYS C 489 -21.12 27.17 -11.63
N LYS C 490 -22.32 26.65 -11.33
CA LYS C 490 -23.34 26.45 -12.35
C LYS C 490 -24.51 27.44 -12.11
N SER D 2 -12.10 -16.98 -27.86
CA SER D 2 -13.55 -16.73 -27.68
C SER D 2 -13.80 -16.02 -26.35
N GLN D 3 -15.01 -15.51 -26.20
CA GLN D 3 -15.35 -14.60 -25.12
C GLN D 3 -16.76 -14.87 -24.66
N GLN D 4 -16.96 -14.83 -23.35
CA GLN D 4 -18.28 -14.66 -22.76
C GLN D 4 -18.52 -13.16 -22.70
N VAL D 5 -19.59 -12.68 -23.32
CA VAL D 5 -19.84 -11.25 -23.45
C VAL D 5 -20.18 -10.60 -22.11
N ASP D 6 -20.75 -11.35 -21.16
N ASP D 6 -20.73 -11.43 -21.21
CA ASP D 6 -21.03 -10.76 -19.87
CA ASP D 6 -21.08 -11.06 -19.85
C ASP D 6 -19.81 -10.85 -18.94
C ASP D 6 -19.82 -10.83 -19.01
N LYS D 7 -18.73 -11.52 -19.37
CA LYS D 7 -17.50 -11.52 -18.61
C LYS D 7 -16.28 -11.50 -19.55
N ILE D 8 -16.01 -10.33 -20.13
CA ILE D 8 -15.04 -10.20 -21.20
C ILE D 8 -13.64 -10.25 -20.60
N LYS D 9 -12.74 -11.00 -21.24
CA LYS D 9 -11.36 -11.14 -20.81
C LYS D 9 -10.45 -10.32 -21.71
N ALA D 10 -9.54 -9.57 -21.09
CA ALA D 10 -8.44 -8.88 -21.74
C ALA D 10 -7.23 -9.81 -21.82
N SER D 11 -6.12 -9.31 -22.38
CA SER D 11 -4.98 -10.18 -22.66
C SER D 11 -4.75 -11.18 -21.52
N TYR D 12 -4.72 -10.67 -20.29
CA TYR D 12 -4.77 -11.52 -19.12
C TYR D 12 -6.20 -11.45 -18.57
N PRO D 13 -6.92 -12.59 -18.43
CA PRO D 13 -6.42 -13.95 -18.69
C PRO D 13 -6.75 -14.65 -20.02
N LEU D 14 -7.06 -13.85 -21.04
CA LEU D 14 -7.60 -14.40 -22.27
C LEU D 14 -6.67 -15.47 -22.85
N PHE D 15 -5.38 -15.14 -22.91
CA PHE D 15 -4.42 -15.99 -23.59
C PHE D 15 -4.05 -17.24 -22.77
N LEU D 16 -4.66 -17.40 -21.60
CA LEU D 16 -4.53 -18.61 -20.80
C LEU D 16 -5.60 -19.63 -21.18
N ASP D 17 -6.60 -19.24 -21.97
CA ASP D 17 -7.56 -20.19 -22.53
C ASP D 17 -6.81 -21.29 -23.28
N GLN D 18 -7.33 -22.52 -23.21
CA GLN D 18 -6.70 -23.69 -23.79
C GLN D 18 -6.38 -23.49 -25.28
N ASP D 19 -7.36 -22.98 -26.06
CA ASP D 19 -7.16 -22.88 -27.49
C ASP D 19 -5.94 -22.01 -27.79
N TYR D 20 -5.75 -20.91 -27.04
CA TYR D 20 -4.63 -20.01 -27.25
C TYR D 20 -3.33 -20.67 -26.78
N LYS D 21 -3.38 -21.37 -25.65
CA LYS D 21 -2.22 -22.08 -25.15
C LYS D 21 -1.71 -23.06 -26.20
N ASP D 22 -2.63 -23.83 -26.80
CA ASP D 22 -2.25 -24.83 -27.80
C ASP D 22 -1.64 -24.15 -29.02
N MET D 23 -2.29 -23.08 -29.50
CA MET D 23 -1.80 -22.34 -30.66
C MET D 23 -0.38 -21.84 -30.40
N LEU D 24 -0.13 -21.31 -29.20
CA LEU D 24 1.18 -20.74 -28.92
C LEU D 24 2.25 -21.82 -28.68
N ALA D 25 1.84 -22.98 -28.19
CA ALA D 25 2.72 -24.14 -28.06
C ALA D 25 3.14 -24.65 -29.44
N LYS D 26 2.23 -24.59 -30.42
CA LYS D 26 2.58 -24.94 -31.80
C LYS D 26 3.48 -23.88 -32.43
N LYS D 27 3.24 -22.61 -32.12
CA LYS D 27 4.06 -21.52 -32.65
C LYS D 27 5.51 -21.72 -32.23
N ARG D 28 5.72 -21.91 -30.92
CA ARG D 28 7.03 -22.12 -30.33
C ARG D 28 7.75 -23.33 -30.94
N ASP D 29 7.05 -24.46 -31.02
CA ASP D 29 7.65 -25.73 -31.44
C ASP D 29 7.88 -25.73 -32.96
N GLY D 30 6.86 -25.31 -33.73
CA GLY D 30 6.92 -25.27 -35.18
C GLY D 30 7.92 -24.25 -35.75
N PHE D 31 8.03 -23.05 -35.16
CA PHE D 31 8.47 -21.88 -35.91
C PHE D 31 9.54 -21.05 -35.19
N GLU D 32 9.72 -21.18 -33.88
CA GLU D 32 10.57 -20.23 -33.17
C GLU D 32 12.02 -20.73 -33.03
N GLU D 33 12.23 -22.05 -33.21
CA GLU D 33 13.51 -22.69 -32.93
C GLU D 33 13.97 -22.28 -31.54
N LYS D 34 13.07 -22.46 -30.58
CA LYS D 34 13.34 -22.06 -29.21
C LYS D 34 14.31 -23.03 -28.55
N TYR D 35 15.23 -22.52 -27.73
CA TYR D 35 16.05 -23.39 -26.92
C TYR D 35 15.16 -24.31 -26.09
N PRO D 36 15.60 -25.56 -25.82
CA PRO D 36 14.87 -26.43 -24.91
C PRO D 36 14.71 -25.81 -23.50
N GLN D 37 13.58 -26.11 -22.85
CA GLN D 37 13.24 -25.59 -21.53
C GLN D 37 14.35 -25.88 -20.51
N ASP D 38 14.84 -27.13 -20.53
CA ASP D 38 15.90 -27.55 -19.64
C ASP D 38 17.07 -26.59 -19.74
N LYS D 39 17.38 -26.17 -20.97
CA LYS D 39 18.56 -25.34 -21.18
C LYS D 39 18.28 -23.95 -20.67
N ILE D 40 17.04 -23.49 -20.89
CA ILE D 40 16.61 -22.19 -20.41
C ILE D 40 16.69 -22.20 -18.89
N ASP D 41 16.14 -23.25 -18.25
CA ASP D 41 16.25 -23.46 -16.81
C ASP D 41 17.70 -23.40 -16.32
N GLU D 42 18.59 -24.14 -17.00
CA GLU D 42 19.99 -24.23 -16.59
C GLU D 42 20.64 -22.86 -16.70
N VAL D 43 20.33 -22.10 -17.75
CA VAL D 43 21.01 -20.83 -17.95
C VAL D 43 20.49 -19.79 -16.94
N PHE D 44 19.17 -19.77 -16.75
CA PHE D 44 18.54 -18.99 -15.71
C PHE D 44 19.25 -19.22 -14.38
N GLN D 45 19.31 -20.48 -13.91
CA GLN D 45 20.01 -20.87 -12.68
C GLN D 45 21.39 -20.21 -12.62
N TRP D 46 22.15 -20.36 -13.71
CA TRP D 46 23.49 -19.83 -13.80
C TRP D 46 23.52 -18.31 -13.65
N THR D 47 22.49 -17.58 -14.11
CA THR D 47 22.45 -16.12 -13.97
C THR D 47 22.25 -15.70 -12.52
N THR D 48 21.85 -16.65 -11.65
CA THR D 48 21.65 -16.34 -10.24
C THR D 48 22.91 -16.58 -9.38
N THR D 49 24.06 -16.95 -9.98
CA THR D 49 25.21 -17.46 -9.22
C THR D 49 26.26 -16.38 -8.98
N LYS D 50 27.17 -16.70 -8.05
CA LYS D 50 28.34 -15.89 -7.76
C LYS D 50 29.25 -15.86 -8.99
N GLU D 51 29.37 -16.98 -9.70
CA GLU D 51 30.18 -17.02 -10.92
C GLU D 51 29.68 -15.99 -11.94
N TYR D 52 28.35 -16.01 -12.20
CA TYR D 52 27.75 -15.09 -13.16
C TYR D 52 27.94 -13.64 -12.69
N GLN D 53 27.75 -13.41 -11.38
CA GLN D 53 27.95 -12.08 -10.82
C GLN D 53 29.37 -11.59 -11.08
N GLU D 54 30.35 -12.50 -10.99
CA GLU D 54 31.73 -12.14 -11.26
C GLU D 54 31.85 -11.60 -12.69
N LEU D 55 31.40 -12.37 -13.67
CA LEU D 55 31.47 -11.97 -15.08
C LEU D 55 30.71 -10.64 -15.26
N ASN D 56 29.59 -10.51 -14.55
CA ASN D 56 28.68 -9.37 -14.68
C ASN D 56 29.41 -8.09 -14.26
N PHE D 57 30.12 -8.16 -13.14
CA PHE D 57 30.81 -6.98 -12.61
C PHE D 57 32.11 -6.68 -13.36
N GLN D 58 32.52 -7.56 -14.29
CA GLN D 58 33.70 -7.35 -15.10
C GLN D 58 33.36 -6.58 -16.38
N ARG D 59 32.07 -6.34 -16.67
CA ARG D 59 31.66 -5.50 -17.79
C ARG D 59 32.40 -4.17 -17.74
N GLU D 60 32.89 -3.75 -18.89
CA GLU D 60 33.56 -2.46 -19.01
C GLU D 60 32.84 -1.59 -20.04
N ALA D 61 32.06 -2.21 -20.95
CA ALA D 61 31.57 -1.54 -22.16
C ALA D 61 30.04 -1.56 -22.28
N LEU D 62 29.37 -2.64 -21.86
CA LEU D 62 27.92 -2.78 -21.96
C LEU D 62 27.23 -2.25 -20.71
N THR D 63 26.11 -1.57 -20.92
CA THR D 63 25.21 -1.20 -19.85
C THR D 63 23.91 -1.93 -20.11
N VAL D 64 23.33 -2.48 -19.04
CA VAL D 64 22.06 -3.16 -19.12
C VAL D 64 21.15 -2.60 -18.05
N ASN D 65 19.95 -2.19 -18.45
CA ASN D 65 18.94 -1.71 -17.53
C ASN D 65 19.50 -0.56 -16.70
N PRO D 66 19.91 0.56 -17.31
CA PRO D 66 20.41 1.67 -16.51
C PRO D 66 19.40 2.20 -15.50
N ALA D 67 19.93 2.96 -14.55
CA ALA D 67 19.15 3.66 -13.55
C ALA D 67 19.48 5.16 -13.56
N LYS D 68 19.40 5.75 -14.76
CA LYS D 68 19.59 7.18 -14.96
C LYS D 68 18.97 7.55 -16.30
N ALA D 69 18.73 8.84 -16.53
CA ALA D 69 18.35 9.32 -17.86
C ALA D 69 19.34 10.39 -18.30
N CYS D 70 19.00 11.16 -19.37
CA CYS D 70 19.93 12.09 -19.99
C CYS D 70 19.61 13.53 -19.61
N GLN D 71 20.64 14.39 -19.70
CA GLN D 71 20.59 15.77 -19.22
C GLN D 71 19.31 16.50 -19.63
N PRO D 72 18.91 16.64 -20.91
CA PRO D 72 17.81 17.53 -21.25
C PRO D 72 16.51 17.17 -20.55
N LEU D 73 16.35 15.92 -20.09
CA LEU D 73 15.14 15.57 -19.37
C LEU D 73 15.07 16.43 -18.11
N GLY D 74 16.23 16.64 -17.46
CA GLY D 74 16.29 17.45 -16.25
C GLY D 74 16.13 18.93 -16.53
N ALA D 75 16.66 19.37 -17.69
CA ALA D 75 16.52 20.75 -18.13
C ALA D 75 15.06 21.10 -18.31
N VAL D 76 14.30 20.18 -18.91
CA VAL D 76 12.87 20.41 -19.13
C VAL D 76 12.14 20.56 -17.79
N LEU D 77 12.42 19.69 -16.82
CA LEU D 77 11.68 19.76 -15.55
C LEU D 77 11.98 21.07 -14.85
N CYS D 78 13.24 21.46 -14.84
CA CYS D 78 13.67 22.73 -14.28
C CYS D 78 12.90 23.89 -14.93
N ALA D 79 12.88 23.93 -16.26
CA ALA D 79 12.19 24.96 -17.00
C ALA D 79 10.70 25.02 -16.65
N LEU D 80 10.03 23.87 -16.48
CA LEU D 80 8.60 23.80 -16.20
C LEU D 80 8.25 24.52 -14.90
N GLY D 81 9.28 24.78 -14.07
CA GLY D 81 9.08 25.37 -12.75
C GLY D 81 9.06 26.89 -12.76
N PHE D 82 9.06 27.52 -13.95
CA PHE D 82 9.08 28.97 -14.11
C PHE D 82 7.78 29.43 -14.76
N GLU D 83 7.27 30.57 -14.32
CA GLU D 83 5.96 31.06 -14.73
C GLU D 83 5.89 31.30 -16.25
N LYS D 84 4.83 30.76 -16.86
CA LYS D 84 4.53 30.90 -18.29
C LYS D 84 5.79 30.60 -19.10
N THR D 85 6.53 29.56 -18.72
CA THR D 85 7.78 29.24 -19.37
C THR D 85 7.54 28.00 -20.21
N MET D 86 7.96 28.08 -21.48
CA MET D 86 7.95 26.92 -22.35
C MET D 86 9.35 26.33 -22.38
N PRO D 87 9.51 25.03 -22.06
CA PRO D 87 10.76 24.32 -22.33
C PRO D 87 10.93 24.15 -23.83
N TYR D 88 12.16 24.43 -24.29
CA TYR D 88 12.53 24.43 -25.68
C TYR D 88 13.85 23.67 -25.82
N VAL D 89 13.87 22.61 -26.62
CA VAL D 89 15.06 21.80 -26.72
C VAL D 89 15.56 21.93 -28.16
N HIS D 90 16.68 22.62 -28.30
CA HIS D 90 17.31 22.87 -29.60
C HIS D 90 17.94 21.56 -30.05
N GLY D 91 17.50 21.04 -31.20
CA GLY D 91 18.02 19.77 -31.68
C GLY D 91 16.93 18.92 -32.31
N SER D 92 17.00 17.61 -32.10
CA SER D 92 16.14 16.67 -32.78
C SER D 92 14.82 16.49 -32.03
N GLN D 93 13.71 16.26 -32.73
CA GLN D 93 12.39 16.26 -32.10
C GLN D 93 12.08 14.91 -31.42
N GLY D 94 12.75 13.83 -31.81
CA GLY D 94 12.52 12.52 -31.21
C GLY D 94 12.70 12.60 -29.72
N CYS D 95 13.71 13.39 -29.32
CA CYS D 95 14.02 13.60 -27.91
C CYS D 95 12.80 14.13 -27.15
N VAL D 96 12.16 15.17 -27.69
CA VAL D 96 11.09 15.84 -26.97
C VAL D 96 9.85 14.95 -26.86
N ALA D 97 9.60 14.14 -27.88
CA ALA D 97 8.54 13.15 -27.82
C ALA D 97 8.74 12.24 -26.61
N TYR D 98 9.98 11.78 -26.42
CA TYR D 98 10.25 10.89 -25.30
C TYR D 98 10.22 11.63 -23.97
N PHE D 99 10.79 12.84 -23.89
CA PHE D 99 10.80 13.53 -22.62
C PHE D 99 9.37 13.71 -22.11
N ARG D 100 8.49 14.09 -23.04
CA ARG D 100 7.11 14.39 -22.69
C ARG D 100 6.41 13.12 -22.19
N SER D 101 6.57 12.04 -22.94
CA SER D 101 5.96 10.77 -22.59
C SER D 101 6.40 10.28 -21.22
N TYR D 102 7.72 10.36 -20.96
CA TYR D 102 8.30 9.90 -19.72
C TYR D 102 7.67 10.62 -18.53
N PHE D 103 7.55 11.96 -18.62
CA PHE D 103 6.90 12.72 -17.55
C PHE D 103 5.37 12.47 -17.55
N ASN D 104 4.74 12.36 -18.73
CA ASN D 104 3.30 12.13 -18.80
C ASN D 104 2.97 10.88 -17.98
N ARG D 105 3.80 9.84 -18.14
CA ARG D 105 3.51 8.54 -17.53
C ARG D 105 3.70 8.56 -16.02
N HIS D 106 4.67 9.34 -15.54
CA HIS D 106 4.94 9.45 -14.12
C HIS D 106 3.87 10.29 -13.43
N PHE D 107 3.54 11.45 -14.01
CA PHE D 107 2.66 12.42 -13.35
C PHE D 107 1.19 12.27 -13.75
N ARG D 108 0.89 11.55 -14.83
CA ARG D 108 -0.47 11.50 -15.37
C ARG D 108 -1.06 12.91 -15.55
N GLU D 109 -0.28 13.72 -16.26
CA GLU D 109 -0.57 15.11 -16.54
C GLU D 109 0.00 15.47 -17.92
N PRO D 110 -0.47 16.57 -18.53
CA PRO D 110 0.16 17.13 -19.74
C PRO D 110 1.53 17.63 -19.36
N VAL D 111 2.43 17.64 -20.35
CA VAL D 111 3.79 18.08 -20.17
C VAL D 111 4.16 18.86 -21.43
N SER D 112 4.33 20.17 -21.32
CA SER D 112 4.48 20.98 -22.53
C SER D 112 5.97 21.24 -22.76
N CYS D 113 6.41 20.98 -24.00
CA CYS D 113 7.79 21.10 -24.43
C CYS D 113 7.85 21.15 -25.95
N VAL D 114 8.72 21.99 -26.54
CA VAL D 114 8.85 22.05 -27.99
C VAL D 114 10.28 21.70 -28.40
N SER D 115 10.37 21.24 -29.66
CA SER D 115 11.64 21.07 -30.36
C SER D 115 11.75 22.09 -31.48
N ASP D 116 12.95 22.28 -32.03
CA ASP D 116 13.13 23.02 -33.28
C ASP D 116 13.48 22.06 -34.43
N SER D 117 13.36 20.76 -34.20
CA SER D 117 13.23 19.79 -35.27
C SER D 117 14.38 19.90 -36.26
N MET D 118 15.61 19.91 -35.76
CA MET D 118 16.80 19.83 -36.60
C MET D 118 16.82 18.48 -37.28
N THR D 119 17.09 18.47 -38.59
CA THR D 119 17.12 17.27 -39.43
C THR D 119 18.49 17.12 -40.11
N GLU D 120 18.60 16.20 -41.07
CA GLU D 120 19.85 16.03 -41.81
C GLU D 120 20.34 17.35 -42.42
N ASP D 121 19.44 18.17 -42.96
CA ASP D 121 19.75 19.50 -43.48
C ASP D 121 20.68 20.26 -42.51
N ALA D 122 20.42 20.14 -41.21
CA ALA D 122 21.12 20.91 -40.21
C ALA D 122 22.38 20.19 -39.70
N ALA D 123 22.63 18.97 -40.18
CA ALA D 123 23.66 18.13 -39.59
C ALA D 123 25.06 18.62 -39.95
N VAL D 124 25.19 19.38 -41.03
CA VAL D 124 26.47 19.94 -41.43
C VAL D 124 26.45 21.46 -41.15
N PHE D 125 25.38 22.14 -41.60
CA PHE D 125 25.30 23.59 -41.55
C PHE D 125 24.91 24.10 -40.16
N GLY D 126 24.32 23.25 -39.31
CA GLY D 126 23.91 23.64 -37.98
C GLY D 126 22.48 24.21 -37.98
N GLY D 127 21.99 24.53 -36.78
CA GLY D 127 20.58 24.74 -36.56
C GLY D 127 20.17 26.20 -36.36
N GLN D 128 20.92 27.15 -36.91
CA GLN D 128 20.66 28.58 -36.73
C GLN D 128 19.25 28.97 -37.18
N GLN D 129 18.86 28.50 -38.39
CA GLN D 129 17.56 28.83 -38.97
C GLN D 129 16.45 28.16 -38.15
N ASN D 130 16.73 26.94 -37.67
CA ASN D 130 15.79 26.25 -36.79
C ASN D 130 15.53 27.11 -35.56
N MET D 131 16.58 27.68 -34.98
CA MET D 131 16.42 28.49 -33.77
C MET D 131 15.61 29.74 -34.09
N LYS D 132 15.87 30.38 -35.23
CA LYS D 132 15.17 31.62 -35.55
C LYS D 132 13.67 31.36 -35.72
N ASP D 133 13.33 30.44 -36.62
CA ASP D 133 11.94 30.12 -36.89
C ASP D 133 11.26 29.50 -35.66
N GLY D 134 12.01 28.66 -34.94
CA GLY D 134 11.47 27.93 -33.79
C GLY D 134 11.05 28.89 -32.67
N LEU D 135 11.95 29.79 -32.28
CA LEU D 135 11.64 30.80 -31.27
C LEU D 135 10.41 31.59 -31.69
N GLN D 136 10.34 31.97 -32.96
CA GLN D 136 9.27 32.83 -33.43
C GLN D 136 7.97 32.05 -33.37
N ASN D 137 7.99 30.82 -33.89
CA ASN D 137 6.81 29.98 -33.93
C ASN D 137 6.28 29.64 -32.53
N CYS D 138 7.20 29.28 -31.63
CA CYS D 138 6.86 28.92 -30.26
C CYS D 138 6.20 30.11 -29.56
N LYS D 139 6.85 31.28 -29.63
CA LYS D 139 6.31 32.49 -29.01
C LYS D 139 4.90 32.82 -29.52
N ALA D 140 4.64 32.70 -30.82
CA ALA D 140 3.34 33.10 -31.35
C ALA D 140 2.29 32.02 -31.08
N THR D 141 2.70 30.75 -31.14
CA THR D 141 1.71 29.69 -31.08
C THR D 141 1.24 29.47 -29.65
N TYR D 142 2.18 29.45 -28.69
CA TYR D 142 1.88 29.04 -27.31
C TYR D 142 2.01 30.19 -26.30
N LYS D 143 2.43 31.38 -26.75
CA LYS D 143 2.38 32.63 -25.99
C LYS D 143 3.02 32.46 -24.61
N PRO D 144 4.22 31.85 -24.51
CA PRO D 144 4.95 31.84 -23.24
C PRO D 144 5.47 33.26 -22.98
N ASP D 145 5.80 33.54 -21.72
CA ASP D 145 6.52 34.76 -21.38
C ASP D 145 8.02 34.50 -21.36
N MET D 146 8.40 33.23 -21.33
CA MET D 146 9.81 32.89 -21.37
C MET D 146 9.98 31.56 -22.11
N ILE D 147 11.08 31.47 -22.87
CA ILE D 147 11.44 30.22 -23.50
C ILE D 147 12.81 29.82 -22.98
N ALA D 148 12.87 28.63 -22.36
CA ALA D 148 14.10 28.16 -21.72
C ALA D 148 14.68 27.05 -22.58
N VAL D 149 15.87 27.34 -23.12
CA VAL D 149 16.47 26.55 -24.18
C VAL D 149 17.50 25.60 -23.58
N SER D 150 17.40 24.33 -24.00
CA SER D 150 18.39 23.30 -23.73
C SER D 150 18.71 22.61 -25.06
N THR D 151 19.50 21.52 -25.04
CA THR D 151 19.99 20.91 -26.27
C THR D 151 19.87 19.40 -26.26
N THR D 152 19.66 18.81 -27.47
CA THR D 152 19.82 17.39 -27.69
C THR D 152 21.28 17.09 -28.10
N CYS D 153 21.62 15.80 -28.12
CA CYS D 153 22.98 15.39 -28.35
C CYS D 153 23.46 15.78 -29.76
N MET D 154 22.57 15.74 -30.75
CA MET D 154 22.89 16.19 -32.10
C MET D 154 23.52 17.60 -32.10
N ALA D 155 22.84 18.55 -31.44
CA ALA D 155 23.27 19.93 -31.45
C ALA D 155 24.58 20.09 -30.70
N GLU D 156 24.78 19.28 -29.68
CA GLU D 156 26.03 19.30 -28.93
C GLU D 156 27.15 18.76 -29.81
N VAL D 157 26.90 17.67 -30.54
CA VAL D 157 27.94 17.04 -31.34
C VAL D 157 28.35 18.02 -32.43
N ILE D 158 27.37 18.62 -33.12
CA ILE D 158 27.76 19.47 -34.22
C ILE D 158 28.33 20.80 -33.74
N GLY D 159 28.00 21.21 -32.50
CA GLY D 159 28.64 22.34 -31.83
C GLY D 159 27.94 23.68 -32.05
N ASP D 160 26.61 23.67 -32.24
CA ASP D 160 25.84 24.90 -32.37
C ASP D 160 26.11 25.82 -31.19
N ASP D 161 26.36 27.09 -31.51
CA ASP D 161 26.57 28.11 -30.50
C ASP D 161 25.20 28.72 -30.16
N LEU D 162 24.65 28.33 -29.02
CA LEU D 162 23.32 28.77 -28.61
C LEU D 162 23.27 30.26 -28.39
N ASN D 163 24.31 30.77 -27.73
CA ASN D 163 24.37 32.17 -27.37
C ASN D 163 24.26 33.02 -28.63
N ALA D 164 25.08 32.69 -29.63
CA ALA D 164 25.10 33.43 -30.88
C ALA D 164 23.77 33.29 -31.62
N PHE D 165 23.23 32.07 -31.67
CA PHE D 165 21.99 31.82 -32.40
C PHE D 165 20.82 32.60 -31.84
N ILE D 166 20.71 32.64 -30.50
CA ILE D 166 19.65 33.38 -29.82
C ILE D 166 19.84 34.89 -30.05
N ASN D 167 21.09 35.35 -29.92
CA ASN D 167 21.40 36.76 -30.13
C ASN D 167 21.08 37.14 -31.58
N ASN D 168 21.39 36.25 -32.53
CA ASN D 168 21.08 36.51 -33.94
C ASN D 168 19.57 36.48 -34.20
N SER D 169 18.83 35.65 -33.44
CA SER D 169 17.39 35.58 -33.57
C SER D 169 16.77 36.92 -33.18
N LYS D 170 17.41 37.57 -32.19
CA LYS D 170 16.92 38.84 -31.69
C LYS D 170 17.28 39.95 -32.66
N LYS D 171 18.57 40.05 -33.02
CA LYS D 171 19.06 41.04 -33.96
C LYS D 171 18.26 41.04 -35.27
N GLU D 172 17.77 39.89 -35.74
CA GLU D 172 17.09 39.82 -37.03
C GLU D 172 15.57 39.82 -36.88
N GLY D 173 15.04 40.04 -35.68
CA GLY D 173 13.63 40.32 -35.49
C GLY D 173 12.72 39.09 -35.37
N PHE D 174 13.26 37.87 -35.20
CA PHE D 174 12.44 36.68 -34.98
C PHE D 174 11.68 36.74 -33.63
N ILE D 175 12.37 37.20 -32.57
CA ILE D 175 11.73 37.51 -31.28
C ILE D 175 12.23 38.86 -30.78
N PRO D 176 11.46 39.54 -29.91
CA PRO D 176 11.86 40.83 -29.36
C PRO D 176 13.14 40.73 -28.54
N ASP D 177 13.84 41.86 -28.47
CA ASP D 177 15.14 41.91 -27.83
C ASP D 177 15.02 41.62 -26.33
N GLU D 178 13.95 42.09 -25.69
CA GLU D 178 13.86 41.97 -24.24
C GLU D 178 13.07 40.71 -23.84
N PHE D 179 12.73 39.86 -24.80
CA PHE D 179 12.00 38.63 -24.49
C PHE D 179 13.01 37.65 -23.89
N PRO D 180 12.70 37.05 -22.71
CA PRO D 180 13.69 36.20 -22.01
C PRO D 180 13.90 34.82 -22.64
N VAL D 181 15.15 34.57 -23.06
CA VAL D 181 15.54 33.28 -23.62
C VAL D 181 16.84 32.83 -22.94
N PRO D 182 16.78 32.38 -21.68
CA PRO D 182 17.93 31.75 -21.04
C PRO D 182 18.17 30.41 -21.69
N PHE D 183 19.40 29.91 -21.59
CA PHE D 183 19.78 28.70 -22.28
C PHE D 183 20.86 27.94 -21.50
N ALA D 184 21.03 26.67 -21.88
CA ALA D 184 22.13 25.87 -21.38
C ALA D 184 22.43 24.73 -22.33
N HIS D 185 23.72 24.44 -22.49
CA HIS D 185 24.17 23.23 -23.13
C HIS D 185 23.91 22.07 -22.17
N THR D 186 23.19 21.07 -22.67
CA THR D 186 22.82 19.93 -21.86
C THR D 186 23.20 18.64 -22.59
N PRO D 187 24.49 18.31 -22.70
CA PRO D 187 24.93 17.10 -23.38
C PRO D 187 24.58 15.81 -22.64
N SER D 188 23.92 14.92 -23.38
CA SER D 188 23.39 13.69 -22.84
C SER D 188 24.51 12.73 -22.54
N PHE D 189 25.70 12.99 -23.08
CA PHE D 189 26.83 12.09 -22.91
C PHE D 189 27.75 12.61 -21.80
N VAL D 190 27.25 13.60 -21.03
CA VAL D 190 27.87 13.99 -19.77
C VAL D 190 26.86 13.83 -18.65
N GLY D 191 27.26 13.16 -17.56
CA GLY D 191 26.45 13.05 -16.36
C GLY D 191 25.09 12.41 -16.65
N SER D 192 24.02 13.06 -16.20
CA SER D 192 22.70 12.45 -16.29
C SER D 192 21.65 13.57 -16.27
N HIS D 193 20.38 13.17 -16.17
CA HIS D 193 19.25 14.08 -16.08
C HIS D 193 19.47 15.15 -15.00
N VAL D 194 20.02 14.76 -13.85
CA VAL D 194 20.19 15.71 -12.76
C VAL D 194 21.17 16.79 -13.17
N THR D 195 22.17 16.42 -13.98
CA THR D 195 23.16 17.39 -14.44
C THR D 195 22.46 18.44 -15.30
N GLY D 196 21.48 17.97 -16.08
CA GLY D 196 20.74 18.83 -16.97
C GLY D 196 19.96 19.89 -16.19
N TRP D 197 19.40 19.48 -15.04
CA TRP D 197 18.64 20.39 -14.18
C TRP D 197 19.56 21.48 -13.65
N ASP D 198 20.71 21.06 -13.12
CA ASP D 198 21.73 21.99 -12.63
C ASP D 198 22.12 23.00 -13.72
N ASN D 199 22.40 22.51 -14.94
CA ASN D 199 22.86 23.32 -16.04
C ASN D 199 21.79 24.35 -16.45
N MET D 200 20.54 23.88 -16.52
CA MET D 200 19.43 24.74 -16.91
C MET D 200 19.22 25.81 -15.86
N PHE D 201 19.25 25.41 -14.58
CA PHE D 201 18.98 26.32 -13.49
C PHE D 201 20.05 27.42 -13.46
N GLU D 202 21.30 27.02 -13.59
CA GLU D 202 22.38 28.00 -13.55
C GLU D 202 22.28 28.93 -14.75
N GLY D 203 21.88 28.38 -15.89
CA GLY D 203 21.60 29.21 -17.07
C GLY D 203 20.55 30.30 -16.80
N ILE D 204 19.45 29.93 -16.13
CA ILE D 204 18.38 30.87 -15.91
C ILE D 204 18.82 31.90 -14.87
N ALA D 205 19.53 31.43 -13.83
CA ALA D 205 20.05 32.32 -12.79
C ALA D 205 20.99 33.38 -13.39
N ARG D 206 21.87 32.94 -14.28
CA ARG D 206 22.80 33.84 -14.94
C ARG D 206 22.04 34.85 -15.80
N TYR D 207 21.02 34.37 -16.51
CA TYR D 207 20.28 35.22 -17.44
C TYR D 207 19.74 36.45 -16.70
N PHE D 208 19.20 36.26 -15.51
CA PHE D 208 18.49 37.33 -14.83
C PHE D 208 19.33 38.09 -13.80
N THR D 209 20.61 37.73 -13.61
CA THR D 209 21.36 38.32 -12.50
C THR D 209 22.76 38.74 -12.91
N LEU D 210 23.39 38.10 -13.91
CA LEU D 210 24.82 38.33 -14.11
C LEU D 210 25.12 39.80 -14.42
N LYS D 211 24.31 40.45 -15.26
CA LYS D 211 24.66 41.76 -15.76
C LYS D 211 24.14 42.84 -14.83
N SER D 212 23.37 42.48 -13.80
CA SER D 212 22.73 43.46 -12.93
C SER D 212 23.17 43.36 -11.47
N MET D 213 24.39 42.87 -11.19
CA MET D 213 24.87 42.67 -9.82
C MET D 213 25.19 43.97 -9.07
N ASP D 214 25.43 45.08 -9.78
CA ASP D 214 25.86 46.34 -9.19
C ASP D 214 24.97 46.81 -8.05
N ASP D 215 23.63 46.69 -8.21
CA ASP D 215 22.71 47.22 -7.22
C ASP D 215 22.35 46.21 -6.11
N LYS D 216 22.85 44.97 -6.19
CA LYS D 216 22.43 43.93 -5.26
C LYS D 216 23.16 44.06 -3.92
N VAL D 217 22.43 43.80 -2.82
CA VAL D 217 22.93 43.75 -1.46
C VAL D 217 22.40 42.49 -0.76
N VAL D 218 23.31 41.61 -0.31
CA VAL D 218 22.98 40.37 0.38
C VAL D 218 22.15 40.70 1.61
N GLY D 219 21.03 39.98 1.77
CA GLY D 219 20.17 40.08 2.93
C GLY D 219 19.12 41.17 2.81
N SER D 220 19.22 41.99 1.76
CA SER D 220 18.41 43.19 1.70
C SER D 220 16.92 42.86 1.64
N ASN D 221 16.51 41.73 1.04
CA ASN D 221 15.08 41.40 0.90
C ASN D 221 14.61 40.49 2.03
N LYS D 222 15.56 40.08 2.87
CA LYS D 222 15.26 39.38 4.11
C LYS D 222 14.64 38.00 3.84
N LYS D 223 14.99 37.37 2.70
CA LYS D 223 14.43 36.08 2.35
C LYS D 223 15.53 35.01 2.29
N ILE D 224 15.10 33.74 2.28
CA ILE D 224 15.96 32.63 1.91
C ILE D 224 15.53 32.06 0.55
N ASN D 225 16.46 31.96 -0.40
CA ASN D 225 16.20 31.19 -1.62
C ASN D 225 16.28 29.70 -1.32
N ILE D 226 15.39 28.94 -1.95
CA ILE D 226 15.36 27.49 -1.92
C ILE D 226 15.45 26.98 -3.35
N VAL D 227 16.50 26.22 -3.68
CA VAL D 227 16.61 25.55 -4.96
C VAL D 227 16.34 24.07 -4.73
N PRO D 228 15.27 23.50 -5.29
CA PRO D 228 14.94 22.10 -5.01
C PRO D 228 15.65 20.99 -5.76
N GLY D 229 16.20 21.33 -6.90
CA GLY D 229 16.75 20.33 -7.82
C GLY D 229 15.68 19.47 -8.50
N PHE D 230 16.13 18.44 -9.21
CA PHE D 230 15.26 17.51 -9.89
C PHE D 230 14.39 16.78 -8.88
N GLU D 231 13.09 17.07 -8.89
CA GLU D 231 12.18 16.56 -7.88
C GLU D 231 10.85 16.17 -8.55
N THR D 232 10.39 14.93 -8.29
CA THR D 232 9.25 14.38 -9.03
C THR D 232 8.17 13.93 -8.05
N TYR D 233 8.24 14.43 -6.80
CA TYR D 233 7.18 14.28 -5.81
C TYR D 233 6.54 15.65 -5.51
N LEU D 234 5.25 15.81 -5.80
CA LEU D 234 4.55 17.06 -5.57
C LEU D 234 4.61 17.45 -4.09
N GLY D 235 4.51 16.42 -3.21
CA GLY D 235 4.52 16.65 -1.78
C GLY D 235 5.80 17.34 -1.31
N ASN D 236 6.90 17.11 -2.01
CA ASN D 236 8.19 17.63 -1.59
C ASN D 236 8.24 19.14 -1.74
N PHE D 237 7.75 19.63 -2.88
CA PHE D 237 7.68 21.08 -3.07
C PHE D 237 6.76 21.67 -2.03
N ARG D 238 5.64 20.98 -1.77
CA ARG D 238 4.61 21.50 -0.90
C ARG D 238 5.07 21.53 0.55
N VAL D 239 5.73 20.46 1.00
CA VAL D 239 6.10 20.37 2.40
C VAL D 239 7.17 21.41 2.77
N ILE D 240 8.05 21.73 1.84
CA ILE D 240 9.06 22.75 2.06
C ILE D 240 8.38 24.11 2.24
N LYS D 241 7.44 24.41 1.34
CA LYS D 241 6.70 25.66 1.45
C LYS D 241 5.94 25.71 2.77
N ARG D 242 5.36 24.59 3.15
CA ARG D 242 4.46 24.59 4.30
C ARG D 242 5.27 24.86 5.56
N MET D 243 6.45 24.22 5.66
CA MET D 243 7.27 24.29 6.85
C MET D 243 7.79 25.71 6.99
N LEU D 244 8.22 26.32 5.89
CA LEU D 244 8.77 27.67 5.95
C LEU D 244 7.66 28.65 6.33
N SER D 245 6.46 28.49 5.74
CA SER D 245 5.35 29.36 6.05
C SER D 245 4.98 29.24 7.52
N GLU D 246 4.95 28.02 8.06
CA GLU D 246 4.64 27.78 9.47
C GLU D 246 5.63 28.50 10.38
N MET D 247 6.90 28.57 9.98
CA MET D 247 7.93 29.26 10.73
C MET D 247 7.87 30.78 10.53
N GLY D 248 7.07 31.25 9.58
CA GLY D 248 6.99 32.66 9.22
C GLY D 248 8.26 33.16 8.52
N VAL D 249 8.91 32.27 7.76
CA VAL D 249 10.18 32.54 7.11
C VAL D 249 9.89 33.07 5.72
N GLY D 250 10.46 34.21 5.36
CA GLY D 250 10.32 34.72 4.00
C GLY D 250 11.22 33.93 3.06
N TYR D 251 10.67 33.43 1.96
CA TYR D 251 11.44 32.53 1.11
C TYR D 251 11.04 32.69 -0.36
N SER D 252 11.89 32.20 -1.26
CA SER D 252 11.58 32.11 -2.69
C SER D 252 11.99 30.72 -3.14
N LEU D 253 11.01 29.96 -3.62
CA LEU D 253 11.29 28.67 -4.20
C LEU D 253 11.62 28.89 -5.67
N LEU D 254 12.87 28.60 -6.05
CA LEU D 254 13.40 28.89 -7.37
C LEU D 254 13.32 27.62 -8.22
N SER D 255 12.26 27.60 -9.05
CA SER D 255 11.83 26.45 -9.84
C SER D 255 10.83 25.65 -9.02
N ASP D 256 9.55 25.95 -9.30
CA ASP D 256 8.41 25.46 -8.57
C ASP D 256 7.36 25.01 -9.58
N PRO D 257 7.41 23.73 -10.02
CA PRO D 257 6.43 23.19 -10.96
C PRO D 257 5.19 22.55 -10.37
N GLU D 258 4.98 22.68 -9.05
CA GLU D 258 3.93 21.90 -8.41
C GLU D 258 2.54 22.28 -8.92
N GLU D 259 2.31 23.51 -9.33
CA GLU D 259 1.01 23.89 -9.90
C GLU D 259 0.78 23.30 -11.29
N VAL D 260 1.76 23.44 -12.18
CA VAL D 260 1.58 23.06 -13.57
C VAL D 260 1.63 21.53 -13.71
N LEU D 261 2.14 20.83 -12.70
CA LEU D 261 2.10 19.37 -12.73
C LEU D 261 0.88 18.84 -11.97
N ASP D 262 -0.09 19.71 -11.64
CA ASP D 262 -1.27 19.28 -10.90
C ASP D 262 -2.45 20.22 -11.14
N THR D 263 -2.78 20.49 -12.41
CA THR D 263 -3.93 21.34 -12.66
C THR D 263 -5.21 20.55 -12.46
N PRO D 264 -6.31 21.21 -12.01
CA PRO D 264 -7.60 20.57 -11.84
C PRO D 264 -8.21 20.22 -13.18
N ALA D 265 -9.00 19.15 -13.16
CA ALA D 265 -9.82 18.77 -14.30
C ALA D 265 -11.19 19.45 -14.10
N ASP D 266 -11.32 20.68 -14.59
CA ASP D 266 -12.52 21.45 -14.35
C ASP D 266 -13.16 21.94 -15.65
N GLY D 267 -12.77 21.36 -16.79
CA GLY D 267 -13.31 21.74 -18.09
C GLY D 267 -12.35 22.57 -18.94
N GLN D 268 -11.24 22.98 -18.38
CA GLN D 268 -10.33 23.84 -19.10
C GLN D 268 -8.93 23.23 -19.03
N PHE D 269 -8.23 23.24 -20.16
CA PHE D 269 -6.82 22.86 -20.22
C PHE D 269 -5.97 24.11 -19.97
N ARG D 270 -5.06 24.04 -18.99
CA ARG D 270 -4.19 25.13 -18.64
C ARG D 270 -2.76 24.71 -18.94
N MET D 271 -2.19 25.24 -20.03
CA MET D 271 -0.84 24.85 -20.44
C MET D 271 0.17 25.31 -19.39
N TYR D 272 -0.10 26.47 -18.78
CA TYR D 272 0.79 27.05 -17.79
C TYR D 272 0.02 27.31 -16.49
N ALA D 273 0.74 27.20 -15.35
CA ALA D 273 0.18 27.46 -14.03
C ALA D 273 1.29 27.69 -13.01
N GLY D 274 1.10 28.71 -12.16
CA GLY D 274 2.04 29.04 -11.12
C GLY D 274 3.45 29.21 -11.64
N GLY D 275 4.42 28.74 -10.84
CA GLY D 275 5.84 28.80 -11.20
C GLY D 275 6.51 30.04 -10.61
N THR D 276 7.85 29.97 -10.53
CA THR D 276 8.69 31.04 -10.04
C THR D 276 8.61 32.20 -11.02
N THR D 277 8.45 33.42 -10.51
CA THR D 277 8.31 34.59 -11.39
C THR D 277 9.69 35.01 -11.83
N GLN D 278 9.74 35.80 -12.90
CA GLN D 278 11.00 36.38 -13.31
C GLN D 278 11.49 37.35 -12.25
N GLU D 279 10.57 38.07 -11.62
CA GLU D 279 10.88 39.01 -10.57
C GLU D 279 11.62 38.29 -9.44
N GLU D 280 11.19 37.07 -9.11
CA GLU D 280 11.82 36.35 -8.01
C GLU D 280 13.27 36.04 -8.36
N MET D 281 13.53 35.60 -9.60
CA MET D 281 14.90 35.30 -10.01
C MET D 281 15.76 36.56 -10.03
N LYS D 282 15.17 37.68 -10.51
CA LYS D 282 15.89 38.95 -10.63
C LYS D 282 16.33 39.47 -9.26
N ASP D 283 15.47 39.24 -8.26
CA ASP D 283 15.68 39.72 -6.90
C ASP D 283 16.47 38.75 -6.02
N ALA D 284 16.71 37.53 -6.49
CA ALA D 284 17.26 36.47 -5.67
C ALA D 284 18.62 36.83 -5.06
N PRO D 285 19.50 37.61 -5.73
CA PRO D 285 20.78 37.97 -5.11
C PRO D 285 20.61 38.80 -3.83
N ASN D 286 19.44 39.41 -3.62
CA ASN D 286 19.15 40.20 -2.43
C ASN D 286 18.73 39.36 -1.22
N ALA D 287 18.60 38.04 -1.40
CA ALA D 287 18.28 37.15 -0.29
C ALA D 287 19.39 37.16 0.76
N LEU D 288 19.07 36.70 1.97
CA LEU D 288 20.05 36.45 3.02
C LEU D 288 21.03 35.38 2.57
N ASN D 289 20.53 34.39 1.86
CA ASN D 289 21.30 33.19 1.52
C ASN D 289 20.45 32.29 0.62
N THR D 290 21.10 31.27 0.06
CA THR D 290 20.48 30.28 -0.79
C THR D 290 20.73 28.90 -0.20
N VAL D 291 19.67 28.14 -0.02
CA VAL D 291 19.77 26.77 0.46
C VAL D 291 19.52 25.81 -0.71
N LEU D 292 20.41 24.83 -0.88
CA LEU D 292 20.27 23.86 -1.96
C LEU D 292 19.80 22.54 -1.38
N LEU D 293 18.62 22.08 -1.81
CA LEU D 293 18.01 20.91 -1.19
C LEU D 293 18.68 19.63 -1.65
N GLN D 294 19.28 19.64 -2.84
CA GLN D 294 19.89 18.45 -3.39
C GLN D 294 21.28 18.84 -3.88
N PRO D 295 22.21 19.13 -2.95
CA PRO D 295 23.52 19.70 -3.31
C PRO D 295 24.38 18.81 -4.20
N TRP D 296 24.21 17.51 -4.12
CA TRP D 296 25.02 16.63 -4.95
C TRP D 296 24.66 16.67 -6.43
N HIS D 297 23.59 17.36 -6.86
CA HIS D 297 23.48 17.64 -8.27
C HIS D 297 23.31 19.13 -8.52
N LEU D 298 23.68 19.99 -7.57
CA LEU D 298 23.59 21.42 -7.80
C LEU D 298 24.96 22.11 -7.67
N GLU D 299 26.02 21.48 -8.15
CA GLU D 299 27.38 21.96 -7.96
C GLU D 299 27.64 23.21 -8.79
N LYS D 300 27.20 23.23 -10.06
CA LYS D 300 27.42 24.39 -10.91
C LYS D 300 26.60 25.56 -10.36
N THR D 301 25.37 25.26 -9.95
CA THR D 301 24.52 26.30 -9.42
C THR D 301 25.23 26.90 -8.22
N LYS D 302 25.76 26.03 -7.37
CA LYS D 302 26.40 26.48 -6.15
C LYS D 302 27.58 27.41 -6.45
N LYS D 303 28.41 27.09 -7.44
CA LYS D 303 29.56 27.92 -7.81
C LYS D 303 29.09 29.29 -8.28
N PHE D 304 27.96 29.33 -8.98
CA PHE D 304 27.42 30.59 -9.45
C PHE D 304 26.93 31.39 -8.25
N VAL D 305 26.13 30.75 -7.40
CA VAL D 305 25.53 31.44 -6.26
C VAL D 305 26.60 31.93 -5.28
N GLU D 306 27.66 31.16 -5.08
CA GLU D 306 28.76 31.60 -4.23
C GLU D 306 29.61 32.69 -4.91
N GLY D 307 29.96 32.50 -6.19
CA GLY D 307 30.91 33.36 -6.88
C GLY D 307 30.34 34.73 -7.29
N THR D 308 29.06 34.81 -7.65
CA THR D 308 28.46 36.03 -8.18
C THR D 308 27.50 36.65 -7.17
N TRP D 309 26.64 35.82 -6.53
CA TRP D 309 25.72 36.35 -5.55
C TRP D 309 26.40 36.62 -4.21
N LYS D 310 27.50 35.90 -3.92
CA LYS D 310 28.24 36.06 -2.69
C LYS D 310 27.44 35.48 -1.53
N HIS D 311 26.64 34.44 -1.80
CA HIS D 311 25.87 33.80 -0.74
C HIS D 311 26.70 32.69 -0.11
N GLU D 312 26.63 32.56 1.21
CA GLU D 312 27.41 31.57 1.92
C GLU D 312 26.55 30.33 2.10
N VAL D 313 26.44 29.57 1.03
CA VAL D 313 25.52 28.47 0.96
C VAL D 313 25.84 27.50 2.10
N PRO D 314 24.87 27.19 2.98
CA PRO D 314 25.10 26.32 4.11
C PRO D 314 25.37 24.91 3.60
N LYS D 315 26.20 24.19 4.37
CA LYS D 315 26.52 22.80 4.10
C LYS D 315 25.41 21.97 4.74
N LEU D 316 24.35 21.66 3.97
CA LEU D 316 23.22 20.89 4.45
C LEU D 316 23.03 19.69 3.54
N ASN D 317 22.79 18.53 4.13
CA ASN D 317 22.23 17.41 3.39
C ASN D 317 20.77 17.66 3.04
N ILE D 318 20.29 16.90 2.04
CA ILE D 318 18.87 16.83 1.70
C ILE D 318 18.08 16.64 3.00
N PRO D 319 16.99 17.41 3.23
CA PRO D 319 16.24 17.30 4.48
C PRO D 319 15.32 16.09 4.43
N MET D 320 15.92 14.91 4.53
CA MET D 320 15.25 13.63 4.65
C MET D 320 15.62 13.00 5.97
N GLY D 321 14.61 12.39 6.64
CA GLY D 321 14.78 11.70 7.90
C GLY D 321 14.79 12.73 9.03
N LEU D 322 15.12 12.27 10.24
CA LEU D 322 14.97 13.05 11.45
C LEU D 322 16.13 14.01 11.59
N ASP D 323 17.36 13.51 11.63
CA ASP D 323 18.49 14.40 11.87
C ASP D 323 18.58 15.51 10.81
N TRP D 324 18.43 15.15 9.53
CA TRP D 324 18.69 16.11 8.48
C TRP D 324 17.55 17.11 8.35
N THR D 325 16.32 16.71 8.71
CA THR D 325 15.24 17.67 8.78
C THR D 325 15.49 18.63 9.94
N ASP D 326 15.92 18.09 11.08
CA ASP D 326 16.29 18.92 12.23
C ASP D 326 17.34 19.96 11.82
N GLU D 327 18.38 19.52 11.11
CA GLU D 327 19.49 20.42 10.75
C GLU D 327 19.00 21.49 9.79
N PHE D 328 18.10 21.12 8.87
CA PHE D 328 17.60 22.09 7.91
C PHE D 328 16.82 23.20 8.63
N LEU D 329 15.95 22.79 9.56
CA LEU D 329 15.13 23.74 10.28
C LEU D 329 15.97 24.63 11.17
N MET D 330 16.99 24.06 11.80
CA MET D 330 17.82 24.85 12.69
C MET D 330 18.63 25.86 11.90
N LYS D 331 19.13 25.47 10.73
CA LYS D 331 19.83 26.38 9.85
C LYS D 331 18.94 27.51 9.32
N VAL D 332 17.72 27.16 8.89
CA VAL D 332 16.80 28.17 8.41
C VAL D 332 16.45 29.12 9.55
N SER D 333 16.26 28.58 10.75
CA SER D 333 16.06 29.40 11.95
C SER D 333 17.19 30.40 12.17
N GLU D 334 18.42 29.93 12.08
CA GLU D 334 19.59 30.76 12.33
C GLU D 334 19.64 31.88 11.30
N ILE D 335 19.45 31.55 10.02
CA ILE D 335 19.61 32.50 8.94
C ILE D 335 18.53 33.56 9.01
N SER D 336 17.29 33.13 9.32
CA SER D 336 16.12 33.98 9.24
C SER D 336 15.87 34.72 10.55
N GLY D 337 16.34 34.18 11.67
CA GLY D 337 16.01 34.69 13.00
C GLY D 337 14.64 34.21 13.46
N GLN D 338 13.99 33.35 12.68
CA GLN D 338 12.69 32.87 13.09
C GLN D 338 12.88 31.66 13.99
N PRO D 339 12.21 31.60 15.17
CA PRO D 339 12.22 30.42 16.01
C PRO D 339 11.46 29.28 15.32
N ILE D 340 11.85 28.04 15.64
CA ILE D 340 11.12 26.88 15.16
C ILE D 340 9.85 26.76 16.00
N PRO D 341 8.65 26.82 15.40
CA PRO D 341 7.41 26.91 16.17
C PRO D 341 6.90 25.61 16.79
N ALA D 342 5.94 25.78 17.70
CA ALA D 342 5.34 24.65 18.40
C ALA D 342 4.86 23.54 17.43
N SER D 343 4.30 23.95 16.29
CA SER D 343 3.64 23.00 15.40
C SER D 343 4.67 22.02 14.81
N LEU D 344 5.83 22.53 14.42
CA LEU D 344 6.89 21.70 13.85
C LEU D 344 7.51 20.82 14.93
N THR D 345 7.61 21.35 16.15
CA THR D 345 8.12 20.61 17.28
C THR D 345 7.24 19.39 17.58
N LYS D 346 5.92 19.60 17.54
CA LYS D 346 4.99 18.51 17.78
C LYS D 346 5.00 17.50 16.64
N GLU D 347 5.06 18.00 15.40
CA GLU D 347 5.16 17.13 14.24
C GLU D 347 6.38 16.22 14.37
N ARG D 348 7.53 16.78 14.75
CA ARG D 348 8.73 15.99 14.98
C ARG D 348 8.47 14.88 16.01
N GLY D 349 7.86 15.21 17.14
CA GLY D 349 7.59 14.26 18.20
C GLY D 349 6.63 13.14 17.79
N ARG D 350 5.73 13.46 16.88
CA ARG D 350 4.83 12.46 16.32
C ARG D 350 5.58 11.47 15.42
N LEU D 351 6.55 11.97 14.66
CA LEU D 351 7.42 11.08 13.90
C LEU D 351 8.16 10.16 14.84
N VAL D 352 8.72 10.74 15.92
CA VAL D 352 9.49 9.93 16.85
C VAL D 352 8.57 8.90 17.49
N ASP D 353 7.33 9.30 17.84
CA ASP D 353 6.38 8.35 18.36
C ASP D 353 6.24 7.16 17.41
N MET D 354 6.06 7.45 16.11
CA MET D 354 5.87 6.39 15.13
C MET D 354 7.09 5.46 15.12
N MET D 355 8.29 6.04 15.26
CA MET D 355 9.50 5.25 15.26
C MET D 355 9.50 4.29 16.45
N THR D 356 9.14 4.78 17.64
CA THR D 356 9.08 3.90 18.80
C THR D 356 8.01 2.80 18.61
N ASP D 357 6.89 3.14 17.96
CA ASP D 357 5.78 2.22 17.82
C ASP D 357 6.11 1.11 16.85
N SER D 358 6.99 1.37 15.89
CA SER D 358 7.17 0.45 14.77
C SER D 358 8.55 -0.21 14.80
N HIS D 359 9.42 0.16 15.75
CA HIS D 359 10.83 -0.19 15.64
C HIS D 359 11.06 -1.72 15.56
N THR D 360 10.20 -2.54 16.17
CA THR D 360 10.48 -3.96 16.31
C THR D 360 10.40 -4.63 14.96
N TRP D 361 9.50 -4.18 14.08
CA TRP D 361 9.34 -4.75 12.74
C TRP D 361 10.45 -4.32 11.81
N LEU D 362 10.99 -3.12 12.06
CA LEU D 362 11.95 -2.51 11.16
C LEU D 362 13.36 -3.03 11.46
N HIS D 363 13.59 -3.52 12.70
CA HIS D 363 14.95 -3.75 13.19
C HIS D 363 15.63 -4.85 12.38
N GLY D 364 16.78 -4.51 11.78
CA GLY D 364 17.63 -5.48 11.10
C GLY D 364 17.15 -5.81 9.69
N LYS D 365 16.05 -5.19 9.22
CA LYS D 365 15.61 -5.46 7.86
C LYS D 365 16.65 -4.98 6.84
N ARG D 366 16.85 -5.80 5.82
CA ARG D 366 17.90 -5.59 4.84
C ARG D 366 17.30 -5.10 3.51
N PHE D 367 17.89 -4.02 2.99
CA PHE D 367 17.36 -3.32 1.82
C PHE D 367 18.43 -3.15 0.76
N ALA D 368 18.01 -3.43 -0.48
CA ALA D 368 18.69 -2.91 -1.67
C ALA D 368 17.97 -1.66 -2.14
N LEU D 369 18.69 -0.70 -2.69
CA LEU D 369 18.04 0.54 -3.08
C LEU D 369 18.86 1.26 -4.12
N TRP D 370 18.17 2.09 -4.91
CA TRP D 370 18.78 2.92 -5.94
C TRP D 370 17.96 4.19 -6.19
N GLY D 371 18.57 5.08 -6.98
CA GLY D 371 18.03 6.40 -7.29
C GLY D 371 19.14 7.40 -7.57
N ASP D 372 18.77 8.68 -7.44
CA ASP D 372 19.71 9.78 -7.64
C ASP D 372 20.53 9.97 -6.36
N PRO D 373 21.73 10.56 -6.43
CA PRO D 373 22.63 10.64 -5.28
C PRO D 373 22.00 11.19 -4.00
N ASP D 374 21.35 12.37 -4.03
CA ASP D 374 20.81 12.96 -2.80
C ASP D 374 19.68 12.12 -2.21
N PHE D 375 18.78 11.66 -3.07
CA PHE D 375 17.67 10.82 -2.65
C PHE D 375 18.23 9.56 -1.98
N VAL D 376 19.19 8.91 -2.62
CA VAL D 376 19.71 7.64 -2.12
C VAL D 376 20.34 7.87 -0.75
N MET D 377 21.13 8.94 -0.59
CA MET D 377 21.82 9.08 0.68
C MET D 377 20.84 9.42 1.80
N GLY D 378 19.78 10.16 1.50
CA GLY D 378 18.71 10.47 2.47
C GLY D 378 17.97 9.22 2.90
N LEU D 379 17.71 8.35 1.94
CA LEU D 379 17.07 7.08 2.24
C LEU D 379 17.97 6.20 3.11
N VAL D 380 19.27 6.13 2.75
CA VAL D 380 20.25 5.43 3.56
C VAL D 380 20.24 5.96 5.00
N LYS D 381 20.34 7.29 5.16
CA LYS D 381 20.38 7.92 6.47
C LYS D 381 19.14 7.53 7.29
N PHE D 382 17.94 7.61 6.67
CA PHE D 382 16.72 7.36 7.42
C PHE D 382 16.66 5.89 7.80
N LEU D 383 17.08 5.00 6.89
CA LEU D 383 17.08 3.59 7.20
C LEU D 383 17.92 3.33 8.44
N LEU D 384 19.07 3.99 8.55
CA LEU D 384 19.94 3.83 9.73
C LEU D 384 19.23 4.35 10.98
N GLU D 385 18.51 5.46 10.86
CA GLU D 385 17.75 5.99 11.99
C GLU D 385 16.68 5.00 12.45
N LEU D 386 16.21 4.13 11.55
CA LEU D 386 15.14 3.18 11.86
C LEU D 386 15.67 1.83 12.33
N GLY D 387 16.98 1.64 12.30
CA GLY D 387 17.57 0.38 12.73
C GLY D 387 17.52 -0.68 11.64
N CYS D 388 17.41 -0.24 10.38
CA CYS D 388 17.43 -1.12 9.23
C CYS D 388 18.85 -1.14 8.66
N GLU D 389 19.16 -2.19 7.88
CA GLU D 389 20.47 -2.31 7.27
C GLU D 389 20.39 -2.12 5.76
N PRO D 390 20.87 -0.99 5.23
CA PRO D 390 20.98 -0.84 3.76
C PRO D 390 22.15 -1.56 3.07
N VAL D 391 21.95 -2.81 2.65
N VAL D 391 22.00 -2.84 2.74
CA VAL D 391 23.04 -3.69 2.26
CA VAL D 391 23.11 -3.65 2.27
C VAL D 391 23.59 -3.37 0.87
C VAL D 391 23.60 -3.21 0.89
N HIS D 392 22.72 -3.13 -0.11
CA HIS D 392 23.14 -2.81 -1.48
C HIS D 392 22.67 -1.41 -1.84
N ILE D 393 23.61 -0.49 -1.99
CA ILE D 393 23.30 0.90 -2.24
C ILE D 393 23.83 1.26 -3.63
N LEU D 394 22.93 1.47 -4.58
CA LEU D 394 23.33 1.65 -5.96
C LEU D 394 22.93 3.03 -6.48
N CYS D 395 23.90 3.73 -7.04
CA CYS D 395 23.65 5.02 -7.66
C CYS D 395 24.39 5.10 -9.00
N HIS D 396 23.66 4.87 -10.09
CA HIS D 396 24.27 4.72 -11.40
C HIS D 396 25.03 5.99 -11.77
N ASN D 397 24.43 7.15 -11.46
CA ASN D 397 24.96 8.46 -11.79
C ASN D 397 25.72 9.05 -10.60
N GLY D 398 26.22 8.21 -9.70
CA GLY D 398 26.99 8.69 -8.55
C GLY D 398 28.48 8.84 -8.86
N ASN D 399 29.20 9.60 -8.05
CA ASN D 399 30.64 9.77 -8.23
C ASN D 399 31.39 9.35 -6.97
N LYS D 400 32.73 9.38 -7.06
CA LYS D 400 33.62 8.95 -5.97
C LYS D 400 33.49 9.84 -4.73
N ARG D 401 33.32 11.16 -4.90
N ARG D 401 33.32 11.16 -4.90
CA ARG D 401 33.20 12.05 -3.75
CA ARG D 401 33.19 12.06 -3.77
C ARG D 401 31.92 11.72 -2.98
C ARG D 401 31.91 11.76 -2.98
N TRP D 402 30.84 11.44 -3.72
CA TRP D 402 29.56 11.09 -3.11
C TRP D 402 29.68 9.76 -2.35
N LYS D 403 30.25 8.75 -3.00
CA LYS D 403 30.44 7.45 -2.39
C LYS D 403 31.18 7.56 -1.06
N LYS D 404 32.18 8.44 -1.00
CA LYS D 404 32.95 8.61 0.22
C LYS D 404 32.08 9.23 1.30
N ALA D 405 31.23 10.21 0.93
CA ALA D 405 30.34 10.82 1.91
C ALA D 405 29.33 9.81 2.45
N VAL D 406 28.82 8.91 1.58
CA VAL D 406 27.88 7.89 2.01
C VAL D 406 28.61 6.87 2.90
N ASP D 407 29.81 6.46 2.50
CA ASP D 407 30.60 5.53 3.32
C ASP D 407 30.84 6.07 4.75
N ALA D 408 30.97 7.39 4.93
CA ALA D 408 31.13 7.98 6.25
C ALA D 408 29.82 7.96 7.04
N ILE D 409 28.70 8.17 6.35
CA ILE D 409 27.39 8.05 6.98
C ILE D 409 27.19 6.63 7.51
N LEU D 410 27.55 5.66 6.69
CA LEU D 410 27.46 4.25 7.09
C LEU D 410 28.37 3.98 8.27
N ALA D 411 29.56 4.58 8.29
CA ALA D 411 30.54 4.21 9.30
C ALA D 411 30.15 4.81 10.65
N ALA D 412 29.22 5.79 10.68
CA ALA D 412 28.82 6.41 11.93
C ALA D 412 27.69 5.64 12.58
N SER D 413 27.23 4.56 11.95
CA SER D 413 26.18 3.76 12.53
C SER D 413 26.58 2.29 12.54
N PRO D 414 26.19 1.56 13.60
CA PRO D 414 26.31 0.10 13.62
C PRO D 414 25.50 -0.63 12.55
N TYR D 415 24.44 0.02 12.06
CA TYR D 415 23.55 -0.61 11.08
C TYR D 415 24.15 -0.52 9.68
N GLY D 416 25.32 0.14 9.56
CA GLY D 416 25.99 0.34 8.28
C GLY D 416 27.00 -0.77 7.92
N LYS D 417 27.17 -1.75 8.82
CA LYS D 417 28.34 -2.62 8.82
C LYS D 417 28.32 -3.52 7.58
N ASN D 418 27.14 -3.90 7.09
CA ASN D 418 27.03 -4.83 5.97
C ASN D 418 26.73 -4.14 4.64
N ALA D 419 26.89 -2.82 4.59
CA ALA D 419 26.51 -2.04 3.41
C ALA D 419 27.68 -1.88 2.43
N THR D 420 27.38 -1.93 1.11
CA THR D 420 28.33 -1.48 0.10
C THR D 420 27.63 -0.47 -0.82
N VAL D 421 28.34 0.59 -1.16
CA VAL D 421 27.92 1.58 -2.14
C VAL D 421 28.51 1.27 -3.52
N TYR D 422 27.67 1.25 -4.55
CA TYR D 422 28.10 1.02 -5.92
C TYR D 422 27.79 2.26 -6.77
N ILE D 423 28.79 2.75 -7.49
CA ILE D 423 28.61 3.82 -8.48
C ILE D 423 28.97 3.30 -9.87
N GLY D 424 28.31 3.84 -10.89
CA GLY D 424 28.48 3.44 -12.28
C GLY D 424 27.90 2.05 -12.59
N LYS D 425 27.17 1.47 -11.63
CA LYS D 425 26.55 0.17 -11.86
C LYS D 425 25.07 0.35 -12.16
N ASP D 426 24.48 -0.68 -12.79
CA ASP D 426 23.13 -0.61 -13.33
C ASP D 426 22.27 -1.65 -12.64
N LEU D 427 21.02 -1.81 -13.12
CA LEU D 427 20.08 -2.71 -12.49
C LEU D 427 20.32 -4.19 -12.86
N TRP D 428 21.14 -4.48 -13.88
CA TRP D 428 21.56 -5.84 -14.11
C TRP D 428 22.65 -6.23 -13.10
N HIS D 429 23.52 -5.29 -12.75
CA HIS D 429 24.41 -5.49 -11.62
C HIS D 429 23.61 -5.77 -10.35
N LEU D 430 22.59 -4.94 -10.09
CA LEU D 430 21.83 -5.04 -8.86
C LEU D 430 21.13 -6.39 -8.79
N ARG D 431 20.61 -6.83 -9.92
CA ARG D 431 19.98 -8.14 -10.02
C ARG D 431 20.87 -9.26 -9.43
N SER D 432 22.17 -9.23 -9.75
CA SER D 432 23.10 -10.24 -9.26
C SER D 432 23.23 -10.16 -7.73
N LEU D 433 23.34 -8.94 -7.22
CA LEU D 433 23.51 -8.70 -5.80
C LEU D 433 22.33 -9.22 -5.01
N VAL D 434 21.11 -9.10 -5.53
CA VAL D 434 19.96 -9.50 -4.71
C VAL D 434 19.74 -11.00 -4.79
N PHE D 435 20.40 -11.67 -5.73
CA PHE D 435 20.45 -13.12 -5.76
C PHE D 435 21.56 -13.64 -4.84
N THR D 436 22.79 -13.12 -4.95
CA THR D 436 23.92 -13.68 -4.22
C THR D 436 23.93 -13.27 -2.75
N ASP D 437 23.44 -12.06 -2.43
CA ASP D 437 23.41 -11.55 -1.08
C ASP D 437 22.03 -10.94 -0.83
N LYS D 438 21.03 -11.80 -0.65
CA LYS D 438 19.62 -11.46 -0.75
C LYS D 438 19.19 -10.55 0.39
N PRO D 439 18.57 -9.39 0.07
CA PRO D 439 17.94 -8.54 1.08
C PRO D 439 16.51 -8.96 1.27
N ASP D 440 15.83 -8.24 2.16
CA ASP D 440 14.44 -8.49 2.46
C ASP D 440 13.54 -7.80 1.42
N PHE D 441 13.95 -6.59 1.03
CA PHE D 441 13.19 -5.77 0.10
C PHE D 441 14.13 -4.93 -0.75
N MET D 442 13.63 -4.52 -1.93
CA MET D 442 14.22 -3.45 -2.71
C MET D 442 13.41 -2.19 -2.55
N ILE D 443 14.09 -1.06 -2.52
CA ILE D 443 13.46 0.24 -2.62
C ILE D 443 13.98 0.89 -3.91
N GLY D 444 13.07 1.13 -4.85
CA GLY D 444 13.42 1.84 -6.05
C GLY D 444 12.20 2.12 -6.93
N ASN D 445 12.46 2.31 -8.22
CA ASN D 445 11.47 2.81 -9.17
C ASN D 445 10.88 1.60 -9.86
N SER D 446 9.99 1.83 -10.83
CA SER D 446 9.22 0.76 -11.47
C SER D 446 10.09 -0.27 -12.19
N TYR D 447 11.33 0.10 -12.59
CA TYR D 447 12.25 -0.79 -13.28
C TYR D 447 12.61 -1.99 -12.39
N GLY D 448 12.49 -1.80 -11.08
CA GLY D 448 12.73 -2.86 -10.13
C GLY D 448 11.74 -4.02 -10.26
N LYS D 449 10.56 -3.77 -10.86
CA LYS D 449 9.57 -4.83 -10.90
C LYS D 449 10.17 -6.08 -11.58
N PHE D 450 11.04 -5.86 -12.55
CA PHE D 450 11.57 -6.96 -13.35
C PHE D 450 12.59 -7.77 -12.54
N ILE D 451 13.26 -7.11 -11.61
CA ILE D 451 14.13 -7.85 -10.71
C ILE D 451 13.28 -8.71 -9.81
N GLN D 452 12.16 -8.17 -9.31
CA GLN D 452 11.31 -8.95 -8.42
C GLN D 452 10.81 -10.21 -9.13
N ARG D 453 10.45 -10.09 -10.42
CA ARG D 453 10.02 -11.21 -11.21
C ARG D 453 11.10 -12.27 -11.35
N ASP D 454 12.33 -11.83 -11.61
CA ASP D 454 13.48 -12.72 -11.74
C ASP D 454 13.67 -13.51 -10.43
N THR D 455 13.56 -12.84 -9.28
CA THR D 455 13.81 -13.51 -8.02
C THR D 455 12.71 -14.53 -7.72
N LEU D 456 11.45 -14.21 -8.09
CA LEU D 456 10.37 -15.14 -7.82
C LEU D 456 10.55 -16.40 -8.65
N HIS D 457 11.10 -16.24 -9.86
CA HIS D 457 11.25 -17.37 -10.74
C HIS D 457 12.23 -18.37 -10.12
N LYS D 458 13.22 -17.89 -9.36
CA LYS D 458 14.11 -18.83 -8.70
C LYS D 458 13.33 -19.62 -7.67
N GLY D 459 12.41 -18.95 -6.97
CA GLY D 459 11.52 -19.60 -6.03
C GLY D 459 10.95 -18.56 -5.06
N LYS D 460 9.80 -18.88 -4.46
CA LYS D 460 9.12 -17.97 -3.58
C LYS D 460 10.03 -17.54 -2.41
N GLU D 461 10.89 -18.45 -1.95
CA GLU D 461 11.76 -18.18 -0.82
C GLU D 461 12.87 -17.21 -1.22
N PHE D 462 13.10 -17.00 -2.53
CA PHE D 462 14.15 -16.09 -2.99
C PHE D 462 13.61 -14.73 -3.44
N GLU D 463 12.28 -14.59 -3.52
CA GLU D 463 11.67 -13.39 -4.08
C GLU D 463 12.01 -12.19 -3.22
N VAL D 464 12.45 -11.10 -3.84
CA VAL D 464 12.69 -9.86 -3.14
C VAL D 464 11.66 -8.81 -3.57
N PRO D 465 10.64 -8.51 -2.75
CA PRO D 465 9.59 -7.57 -3.13
C PRO D 465 10.11 -6.16 -3.34
N LEU D 466 9.51 -5.46 -4.32
CA LEU D 466 9.84 -4.07 -4.57
C LEU D 466 8.91 -3.14 -3.78
N ILE D 467 9.49 -2.07 -3.23
CA ILE D 467 8.78 -0.95 -2.60
C ILE D 467 9.09 0.29 -3.44
N ARG D 468 8.04 0.87 -4.04
CA ARG D 468 8.20 1.92 -5.03
C ARG D 468 8.35 3.28 -4.36
N ILE D 469 9.58 3.78 -4.41
CA ILE D 469 9.94 5.10 -3.97
C ILE D 469 11.06 5.57 -4.88
N GLY D 470 10.82 6.70 -5.54
CA GLY D 470 11.75 7.25 -6.52
C GLY D 470 11.03 7.66 -7.81
N PHE D 471 11.83 7.60 -8.90
CA PHE D 471 11.38 8.01 -10.21
C PHE D 471 12.09 7.17 -11.25
N PRO D 472 11.39 6.74 -12.32
CA PRO D 472 9.93 6.90 -12.45
C PRO D 472 9.11 5.81 -11.81
N ILE D 473 7.87 6.17 -11.46
CA ILE D 473 6.87 5.21 -11.04
C ILE D 473 5.71 5.26 -12.05
N PHE D 474 5.60 4.20 -12.84
CA PHE D 474 4.72 4.13 -13.99
C PHE D 474 3.61 3.08 -13.82
N ASP D 475 3.77 2.15 -12.87
CA ASP D 475 2.85 1.01 -12.75
C ASP D 475 2.01 1.14 -11.49
N ARG D 476 1.99 2.33 -10.87
CA ARG D 476 1.04 2.62 -9.82
C ARG D 476 0.49 4.01 -10.09
N HIS D 477 -0.65 4.34 -9.49
CA HIS D 477 -1.29 5.63 -9.79
C HIS D 477 -1.17 6.59 -8.61
N HIS D 478 -0.74 7.82 -8.89
CA HIS D 478 -0.84 8.94 -7.94
C HIS D 478 0.18 8.90 -6.80
N LEU D 479 1.19 8.04 -6.88
CA LEU D 479 2.28 8.09 -5.91
C LEU D 479 3.09 9.37 -6.07
N HIS D 480 2.95 10.04 -7.20
CA HIS D 480 3.65 11.30 -7.43
C HIS D 480 3.17 12.40 -6.48
N ARG D 481 2.04 12.17 -5.81
CA ARG D 481 1.47 13.12 -4.86
C ARG D 481 2.13 13.00 -3.47
N SER D 482 2.92 11.94 -3.25
CA SER D 482 3.56 11.68 -1.96
C SER D 482 4.60 12.72 -1.58
N THR D 483 5.15 12.51 -0.37
CA THR D 483 6.24 13.29 0.17
C THR D 483 7.34 12.35 0.63
N THR D 484 8.61 12.75 0.39
CA THR D 484 9.77 12.06 0.96
C THR D 484 10.65 12.98 1.83
N LEU D 485 10.46 14.31 1.78
CA LEU D 485 11.17 15.29 2.61
C LEU D 485 10.44 15.59 3.91
N GLY D 486 11.24 16.05 4.90
CA GLY D 486 10.72 16.58 6.14
C GLY D 486 10.24 15.46 7.07
N TYR D 487 9.61 15.85 8.20
CA TYR D 487 9.00 14.90 9.10
C TYR D 487 7.85 14.20 8.38
N GLU D 488 7.10 14.94 7.54
CA GLU D 488 5.96 14.39 6.83
C GLU D 488 6.40 13.29 5.88
N GLY D 489 7.44 13.55 5.10
CA GLY D 489 8.00 12.53 4.23
C GLY D 489 8.53 11.29 4.98
N ALA D 490 9.18 11.52 6.14
CA ALA D 490 9.69 10.44 6.97
C ALA D 490 8.54 9.58 7.50
N MET D 491 7.43 10.21 7.89
CA MET D 491 6.28 9.45 8.37
C MET D 491 5.75 8.56 7.25
N GLN D 492 5.64 9.09 6.04
CA GLN D 492 5.11 8.32 4.92
C GLN D 492 6.08 7.21 4.53
N ILE D 493 7.39 7.49 4.54
CA ILE D 493 8.33 6.42 4.25
C ILE D 493 8.26 5.33 5.32
N LEU D 494 8.29 5.72 6.60
CA LEU D 494 8.15 4.76 7.68
C LEU D 494 6.91 3.90 7.51
N THR D 495 5.76 4.53 7.27
CA THR D 495 4.53 3.80 7.11
C THR D 495 4.63 2.81 5.96
N THR D 496 5.20 3.26 4.82
CA THR D 496 5.33 2.38 3.66
C THR D 496 6.23 1.18 3.98
N LEU D 497 7.36 1.41 4.67
CA LEU D 497 8.30 0.35 5.01
C LEU D 497 7.66 -0.68 5.93
N VAL D 498 7.09 -0.23 7.05
CA VAL D 498 6.55 -1.13 8.06
C VAL D 498 5.44 -1.96 7.44
N ASN D 499 4.60 -1.34 6.63
CA ASN D 499 3.43 -2.05 6.15
C ASN D 499 3.79 -2.95 4.98
N SER D 500 4.86 -2.64 4.24
CA SER D 500 5.43 -3.60 3.30
C SER D 500 5.89 -4.87 4.05
N ILE D 501 6.57 -4.65 5.18
CA ILE D 501 7.06 -5.76 5.98
C ILE D 501 5.89 -6.63 6.42
N LEU D 502 4.84 -6.01 6.97
CA LEU D 502 3.72 -6.72 7.53
C LEU D 502 2.89 -7.38 6.44
N GLU D 503 2.78 -6.69 5.29
CA GLU D 503 2.07 -7.27 4.18
C GLU D 503 2.74 -8.58 3.73
N ARG D 504 4.07 -8.56 3.63
CA ARG D 504 4.81 -9.71 3.19
C ARG D 504 4.72 -10.82 4.23
N LEU D 505 4.77 -10.46 5.52
CA LEU D 505 4.60 -11.44 6.59
C LEU D 505 3.22 -12.11 6.53
N ASP D 506 2.15 -11.34 6.30
CA ASP D 506 0.84 -11.92 6.10
C ASP D 506 0.82 -12.90 4.92
N GLU D 507 1.44 -12.52 3.80
CA GLU D 507 1.50 -13.44 2.67
C GLU D 507 2.15 -14.76 3.09
N GLU D 508 3.29 -14.70 3.78
CA GLU D 508 4.04 -15.87 4.18
C GLU D 508 3.32 -16.70 5.24
N THR D 509 2.35 -16.12 5.95
CA THR D 509 1.69 -16.85 7.03
C THR D 509 0.24 -17.11 6.69
N ARG D 510 -0.14 -16.99 5.40
CA ARG D 510 -1.54 -17.18 5.02
C ARG D 510 -1.88 -18.65 4.71
N GLY D 511 -0.91 -19.57 4.72
CA GLY D 511 -1.16 -20.97 4.38
C GLY D 511 -1.86 -21.73 5.51
N MET D 512 -3.14 -22.02 5.29
CA MET D 512 -3.98 -22.74 6.23
C MET D 512 -3.27 -24.00 6.74
N GLN D 513 -3.15 -24.09 8.07
CA GLN D 513 -2.63 -25.27 8.74
C GLN D 513 -1.14 -25.49 8.45
N ALA D 514 -0.48 -24.66 7.66
CA ALA D 514 0.95 -24.83 7.46
C ALA D 514 1.74 -23.69 8.09
N THR D 515 1.35 -22.43 7.80
CA THR D 515 2.07 -21.25 8.27
C THR D 515 1.16 -20.28 9.01
N ASP D 516 -0.15 -20.55 9.09
CA ASP D 516 -1.06 -19.54 9.61
C ASP D 516 -1.09 -19.51 11.14
N TYR D 517 -0.34 -20.39 11.79
CA TYR D 517 -0.11 -20.27 13.21
C TYR D 517 0.39 -18.87 13.54
N ASN D 518 1.16 -18.23 12.64
CA ASN D 518 1.68 -16.88 12.88
C ASN D 518 0.89 -15.83 12.10
N HIS D 519 -0.36 -16.15 11.70
CA HIS D 519 -1.20 -15.20 10.96
C HIS D 519 -1.98 -14.29 11.92
N ASP D 520 -1.26 -13.52 12.75
CA ASP D 520 -1.85 -12.84 13.89
C ASP D 520 -2.73 -11.66 13.44
N LEU D 521 -3.87 -11.49 14.12
CA LEU D 521 -4.73 -10.31 13.99
C LEU D 521 -3.98 -9.03 14.34
N VAL D 522 -3.25 -9.09 15.47
CA VAL D 522 -2.62 -7.93 16.07
C VAL D 522 -1.12 -8.01 15.79
N ARG D 523 -0.60 -6.92 15.21
CA ARG D 523 0.82 -6.73 14.98
C ARG D 523 1.20 -5.34 15.53
#